data_6Y48
#
_entry.id   6Y48
#
_cell.length_a   87.893
_cell.length_b   117.311
_cell.length_c   133.337
_cell.angle_alpha   90.000
_cell.angle_beta   103.520
_cell.angle_gamma   90.000
#
_symmetry.space_group_name_H-M   'P 1 21 1'
#
loop_
_entity.id
_entity.type
_entity.pdbx_description
1 polymer 'Baeyer-Villiger monooxygenase'
2 non-polymer 'FLAVIN-ADENINE DINUCLEOTIDE'
3 non-polymer 'NADP NICOTINAMIDE-ADENINE-DINUCLEOTIDE PHOSPHATE'
4 water water
#
_entity_poly.entity_id   1
_entity_poly.type   'polypeptide(L)'
_entity_poly.pdbx_seq_one_letter_code
;MPVRRELADNATRGPTDGNYADELDVDVLIVGAGFGGIYSLYEMRKLGLKAVIYEAGNDIGGTWRWNCYPGAGVDSEVPE
YQLSIPETWKDWTWSTNYPNYEDLRKYFDHVDKVLDIKKDCAFNSVVVGAHFHTVEGRWHIRTADGRTARAKYFIIAAGF
AAKRYIPEWPGIEKFKGIVHHSSFWPDEKIDVRGKRCAIIGTGASGVQVTQAWGPEAGELKVFQRTPNLAVPMRKRSLTV
EEQEGAKAFYPELFRYREKCFAGFLYTWCERGVFEDSEEEREQFLEKLWSDGGFRYWVANYKDYLYDAKANRVVYDFWRK
KVRERINDPKDQELLAPSEPPHPWGVKRPCLEYDYYEQFNRPNVDLVDIKDNSIVDFTEKGIKLQDGTEYEFDVVCIATG
FDITTGGMTSMGLHSIHGDSLKEEWKSGAFTYLGMTVSGYPNMFHLYGPHGPTLLSNGPTTVEIQGRWIADAIKQMERQG
IKYINPTAKAAKEWKAKINELSDKTLFPTTKSTYMGGSMPGKVFEQVNYAGGEYPYSKEIRAVLPNFNGFDIVKRHHHHH
H
;
_entity_poly.pdbx_strand_id   A,B,C,D
#
# COMPACT_ATOMS: atom_id res chain seq x y z
N GLY A 18 5.49 38.88 29.23
CA GLY A 18 5.08 38.12 28.00
C GLY A 18 5.32 36.63 28.17
N ASN A 19 6.57 36.19 28.05
CA ASN A 19 6.99 34.78 28.24
C ASN A 19 6.94 34.44 29.73
N TYR A 20 6.86 35.46 30.60
CA TYR A 20 6.86 35.32 32.07
C TYR A 20 5.42 35.35 32.62
N ALA A 21 4.42 35.46 31.74
CA ALA A 21 2.97 35.45 32.09
C ALA A 21 2.67 34.32 33.08
N ASP A 22 1.75 34.57 34.03
CA ASP A 22 1.45 33.67 35.18
C ASP A 22 0.84 32.36 34.68
N GLU A 23 0.01 32.42 33.64
CA GLU A 23 -0.52 31.23 32.91
C GLU A 23 -0.20 31.43 31.42
N LEU A 24 0.79 30.70 30.91
CA LEU A 24 1.42 30.90 29.57
C LEU A 24 0.81 29.93 28.55
N ASP A 25 0.31 30.46 27.43
CA ASP A 25 -0.24 29.66 26.29
C ASP A 25 0.79 29.65 25.16
N VAL A 26 1.38 28.48 24.92
CA VAL A 26 2.32 28.23 23.79
C VAL A 26 1.93 26.90 23.12
N ASP A 27 2.38 26.69 21.88
CA ASP A 27 2.28 25.39 21.18
C ASP A 27 3.35 24.44 21.77
N VAL A 28 4.54 24.96 22.05
CA VAL A 28 5.72 24.15 22.46
C VAL A 28 6.37 24.77 23.71
N LEU A 29 6.50 23.98 24.77
CA LEU A 29 7.29 24.35 25.96
C LEU A 29 8.58 23.52 25.94
N ILE A 30 9.73 24.19 25.85
CA ILE A 30 11.08 23.57 25.91
C ILE A 30 11.66 23.84 27.30
N VAL A 31 12.20 22.80 27.95
CA VAL A 31 12.95 22.93 29.24
C VAL A 31 14.45 22.88 28.91
N GLY A 32 15.16 23.99 29.13
CA GLY A 32 16.63 24.08 29.00
C GLY A 32 17.03 24.95 27.82
N ALA A 33 18.09 25.76 28.00
CA ALA A 33 18.64 26.70 26.99
C ALA A 33 20.11 26.36 26.71
N GLY A 34 20.49 25.09 26.89
CA GLY A 34 21.75 24.51 26.39
C GLY A 34 21.61 24.12 24.92
N PHE A 35 22.58 23.38 24.37
CA PHE A 35 22.58 22.97 22.94
C PHE A 35 21.20 22.43 22.55
N GLY A 36 20.68 21.49 23.34
CA GLY A 36 19.40 20.78 23.12
C GLY A 36 18.21 21.72 22.98
N GLY A 37 18.12 22.70 23.87
CA GLY A 37 17.04 23.70 23.90
C GLY A 37 17.19 24.74 22.80
N ILE A 38 18.42 25.15 22.50
CA ILE A 38 18.74 26.17 21.45
C ILE A 38 18.38 25.60 20.07
N TYR A 39 18.62 24.31 19.84
CA TYR A 39 18.37 23.67 18.52
C TYR A 39 16.88 23.32 18.37
N SER A 40 16.23 22.89 19.45
CA SER A 40 14.78 22.59 19.48
C SER A 40 14.01 23.86 19.12
N LEU A 41 14.34 24.97 19.79
CA LEU A 41 13.75 26.31 19.55
C LEU A 41 13.89 26.67 18.07
N TYR A 42 15.09 26.50 17.52
CA TYR A 42 15.41 26.74 16.08
C TYR A 42 14.42 25.97 15.20
N GLU A 43 14.28 24.66 15.44
CA GLU A 43 13.43 23.75 14.63
C GLU A 43 11.95 24.14 14.75
N MET A 44 11.50 24.50 15.95
CA MET A 44 10.09 24.90 16.22
C MET A 44 9.75 26.17 15.43
N ARG A 45 10.62 27.17 15.45
CA ARG A 45 10.41 28.45 14.73
C ARG A 45 10.15 28.18 13.24
N LYS A 46 10.80 27.16 12.67
CA LYS A 46 10.68 26.81 11.22
C LYS A 46 9.30 26.21 10.94
N LEU A 47 8.74 25.49 11.93
CA LEU A 47 7.39 24.87 11.85
C LEU A 47 6.31 25.94 12.02
N GLY A 48 6.71 27.15 12.43
CA GLY A 48 5.81 28.31 12.64
C GLY A 48 4.94 28.13 13.88
N LEU A 49 5.44 27.45 14.90
CA LEU A 49 4.72 27.23 16.19
C LEU A 49 5.19 28.24 17.23
N LYS A 50 4.31 28.63 18.15
CA LYS A 50 4.64 29.50 19.31
C LYS A 50 5.34 28.61 20.33
N ALA A 51 6.63 28.85 20.56
CA ALA A 51 7.50 28.06 21.46
C ALA A 51 8.20 29.00 22.44
N VAL A 52 8.46 28.51 23.66
CA VAL A 52 9.17 29.26 24.73
C VAL A 52 10.06 28.29 25.51
N ILE A 53 11.28 28.72 25.84
CA ILE A 53 12.20 27.97 26.74
C ILE A 53 11.98 28.48 28.17
N TYR A 54 11.55 27.59 29.06
CA TYR A 54 11.73 27.73 30.52
C TYR A 54 13.17 27.30 30.85
N GLU A 55 14.02 28.25 31.23
CA GLU A 55 15.41 28.00 31.66
C GLU A 55 15.51 28.33 33.15
N ALA A 56 16.10 27.42 33.95
CA ALA A 56 16.32 27.57 35.40
C ALA A 56 17.26 28.75 35.67
N GLY A 57 18.30 28.89 34.85
CA GLY A 57 19.32 29.95 34.96
C GLY A 57 18.90 31.21 34.22
N ASN A 58 19.84 32.16 34.06
CA ASN A 58 19.56 33.52 33.53
C ASN A 58 20.22 33.72 32.16
N ASP A 59 20.84 32.69 31.59
CA ASP A 59 21.55 32.80 30.28
C ASP A 59 21.54 31.44 29.55
N ILE A 60 21.83 31.45 28.25
CA ILE A 60 21.80 30.26 27.36
C ILE A 60 23.20 29.63 27.35
N GLY A 61 23.28 28.31 27.23
CA GLY A 61 24.56 27.58 27.17
C GLY A 61 24.57 26.27 27.96
N GLY A 62 23.59 26.05 28.84
CA GLY A 62 23.48 24.80 29.61
C GLY A 62 24.68 24.61 30.53
N THR A 63 25.26 23.40 30.56
CA THR A 63 26.47 23.05 31.34
C THR A 63 27.55 24.12 31.22
N TRP A 64 27.66 24.82 30.09
CA TRP A 64 28.75 25.79 29.84
C TRP A 64 28.54 27.09 30.63
N ARG A 65 27.40 27.22 31.32
CA ARG A 65 27.11 28.38 32.21
C ARG A 65 27.27 27.97 33.68
N TRP A 66 26.76 26.80 34.08
CA TRP A 66 26.60 26.41 35.50
C TRP A 66 27.74 25.48 35.94
N ASN A 67 28.08 24.47 35.14
CA ASN A 67 28.84 23.27 35.61
C ASN A 67 30.31 23.36 35.20
N CYS A 68 30.87 24.57 35.14
CA CYS A 68 32.29 24.85 34.79
C CYS A 68 33.16 24.84 36.05
N TYR A 69 34.41 24.43 35.90
CA TYR A 69 35.41 24.19 36.97
C TYR A 69 36.80 24.49 36.44
N PRO A 70 37.85 24.58 37.28
CA PRO A 70 39.20 24.89 36.82
C PRO A 70 39.67 24.01 35.64
N GLY A 71 40.16 24.67 34.58
CA GLY A 71 40.70 24.03 33.35
C GLY A 71 39.66 23.22 32.60
N ALA A 72 38.39 23.66 32.66
CA ALA A 72 37.25 23.02 31.95
C ALA A 72 37.22 23.48 30.49
N GLY A 73 36.90 22.57 29.59
CA GLY A 73 36.85 22.78 28.13
C GLY A 73 36.40 21.54 27.41
N VAL A 74 36.28 21.59 26.08
CA VAL A 74 35.73 20.48 25.24
C VAL A 74 36.75 19.34 25.16
N ASP A 75 36.26 18.11 24.99
CA ASP A 75 37.04 16.90 24.60
C ASP A 75 36.78 16.59 23.11
N SER A 76 35.76 17.22 22.51
CA SER A 76 35.48 17.18 21.05
C SER A 76 36.30 18.26 20.34
N GLU A 77 36.89 17.92 19.19
CA GLU A 77 37.79 18.82 18.42
C GLU A 77 36.94 19.65 17.46
N VAL A 78 37.32 20.93 17.29
CA VAL A 78 36.74 21.86 16.30
C VAL A 78 36.94 21.23 14.92
N PRO A 79 35.93 21.23 14.02
CA PRO A 79 34.62 21.82 14.26
C PRO A 79 33.50 20.87 14.75
N GLU A 80 33.84 19.81 15.48
CA GLU A 80 32.90 18.73 15.89
C GLU A 80 31.85 19.26 16.88
N TYR A 81 32.23 20.16 17.80
CA TYR A 81 31.41 20.55 18.99
C TYR A 81 30.77 21.93 18.78
N GLN A 82 29.82 22.00 17.86
CA GLN A 82 28.99 23.21 17.61
C GLN A 82 27.78 22.81 16.75
N LEU A 83 26.87 23.75 16.53
CA LEU A 83 25.64 23.54 15.71
C LEU A 83 25.99 23.68 14.23
N SER A 84 25.34 22.88 13.38
CA SER A 84 25.56 22.80 11.91
C SER A 84 24.78 23.90 11.18
N ILE A 85 24.02 24.71 11.93
CA ILE A 85 23.19 25.85 11.41
C ILE A 85 24.10 26.82 10.67
N PRO A 86 23.96 26.94 9.33
CA PRO A 86 24.89 27.75 8.53
C PRO A 86 25.13 29.15 9.12
N GLU A 87 24.06 29.84 9.49
CA GLU A 87 24.09 31.28 9.89
C GLU A 87 24.83 31.44 11.22
N THR A 88 25.03 30.38 12.01
CA THR A 88 25.68 30.46 13.33
C THR A 88 27.22 30.34 13.22
N TRP A 89 27.74 29.59 12.23
CA TRP A 89 29.21 29.38 12.05
C TRP A 89 29.76 30.21 10.89
N LYS A 90 28.90 30.83 10.09
CA LYS A 90 29.26 31.73 8.97
C LYS A 90 30.45 32.61 9.38
N ASP A 91 30.27 33.50 10.35
CA ASP A 91 31.30 34.48 10.79
C ASP A 91 31.84 34.13 12.19
N TRP A 92 31.86 32.84 12.55
CA TRP A 92 32.45 32.37 13.82
C TRP A 92 33.71 31.55 13.55
N THR A 93 34.77 31.82 14.31
CA THR A 93 36.04 31.05 14.36
C THR A 93 36.46 30.89 15.82
N TRP A 94 37.27 29.85 16.11
CA TRP A 94 37.85 29.58 17.44
C TRP A 94 39.32 29.98 17.44
N SER A 95 39.88 30.27 18.61
CA SER A 95 41.32 30.59 18.79
C SER A 95 42.14 29.30 18.76
N THR A 96 41.53 28.18 19.14
CA THR A 96 42.20 26.86 19.29
C THR A 96 41.28 25.74 18.79
N ASN A 97 41.79 24.52 18.64
CA ASN A 97 41.03 23.33 18.18
C ASN A 97 40.26 22.70 19.35
N TYR A 98 40.68 22.95 20.61
CA TYR A 98 40.00 22.49 21.85
C TYR A 98 39.70 23.70 22.73
N PRO A 99 38.62 24.46 22.44
CA PRO A 99 38.26 25.64 23.24
C PRO A 99 37.85 25.33 24.70
N ASN A 100 37.98 26.32 25.59
CA ASN A 100 37.62 26.21 27.03
C ASN A 100 36.23 26.82 27.24
N TYR A 101 35.74 26.83 28.49
CA TYR A 101 34.36 27.25 28.84
C TYR A 101 34.16 28.74 28.49
N GLU A 102 35.20 29.55 28.64
CA GLU A 102 35.14 31.00 28.32
C GLU A 102 34.91 31.16 26.81
N ASP A 103 35.57 30.35 25.98
CA ASP A 103 35.42 30.36 24.50
C ASP A 103 33.98 29.91 24.16
N LEU A 104 33.49 28.85 24.80
CA LEU A 104 32.13 28.30 24.57
C LEU A 104 31.08 29.34 24.96
N ARG A 105 31.26 30.02 26.09
CA ARG A 105 30.35 31.09 26.57
C ARG A 105 30.23 32.16 25.48
N LYS A 106 31.36 32.57 24.89
CA LYS A 106 31.43 33.63 23.84
C LYS A 106 30.78 33.10 22.56
N TYR A 107 30.84 31.79 22.29
CA TYR A 107 30.16 31.12 21.15
C TYR A 107 28.63 31.20 21.32
N PHE A 108 28.13 30.95 22.53
CA PHE A 108 26.67 30.96 22.83
C PHE A 108 26.14 32.40 22.78
N ASP A 109 26.96 33.39 23.16
CA ASP A 109 26.64 34.83 22.95
C ASP A 109 26.48 35.09 21.45
N HIS A 110 27.33 34.49 20.61
CA HIS A 110 27.30 34.67 19.14
C HIS A 110 26.03 34.03 18.56
N VAL A 111 25.66 32.84 19.05
CA VAL A 111 24.43 32.12 18.61
C VAL A 111 23.21 32.98 18.98
N ASP A 112 23.22 33.60 20.15
CA ASP A 112 22.11 34.47 20.63
C ASP A 112 22.06 35.75 19.78
N LYS A 113 23.22 36.32 19.43
CA LYS A 113 23.32 37.55 18.60
C LYS A 113 22.77 37.28 17.20
N VAL A 114 22.85 36.03 16.72
CA VAL A 114 22.50 35.66 15.31
C VAL A 114 21.05 35.16 15.24
N LEU A 115 20.57 34.45 16.28
CA LEU A 115 19.22 33.82 16.28
C LEU A 115 18.26 34.56 17.20
N ASP A 116 18.76 35.43 18.09
CA ASP A 116 18.01 36.02 19.24
C ASP A 116 17.18 34.92 19.91
N ILE A 117 17.85 34.10 20.72
CA ILE A 117 17.26 32.97 21.50
C ILE A 117 16.54 33.55 22.72
N LYS A 118 17.17 34.52 23.39
CA LYS A 118 16.74 35.09 24.69
C LYS A 118 15.32 35.67 24.58
N LYS A 119 14.95 36.18 23.40
CA LYS A 119 13.61 36.76 23.10
C LYS A 119 12.51 35.73 23.39
N ASP A 120 12.79 34.43 23.22
CA ASP A 120 11.80 33.33 23.43
C ASP A 120 12.12 32.53 24.69
N CYS A 121 13.01 33.03 25.56
CA CYS A 121 13.31 32.40 26.88
C CYS A 121 12.54 33.13 27.99
N ALA A 122 12.10 32.37 29.00
CA ALA A 122 11.73 32.88 30.34
C ALA A 122 12.74 32.31 31.34
N PHE A 123 13.67 33.14 31.80
CA PHE A 123 14.80 32.75 32.67
C PHE A 123 14.31 32.65 34.12
N ASN A 124 15.13 32.06 35.00
CA ASN A 124 14.81 31.76 36.41
C ASN A 124 13.46 31.05 36.46
N SER A 125 13.22 30.17 35.49
CA SER A 125 12.03 29.29 35.39
C SER A 125 12.46 27.86 35.71
N VAL A 126 12.32 27.44 36.98
CA VAL A 126 12.67 26.07 37.45
C VAL A 126 11.39 25.23 37.41
N VAL A 127 11.25 24.34 36.43
CA VAL A 127 10.06 23.42 36.32
C VAL A 127 10.13 22.46 37.51
N VAL A 128 9.07 22.41 38.32
CA VAL A 128 8.96 21.55 39.54
C VAL A 128 7.84 20.52 39.36
N GLY A 129 7.07 20.60 38.27
CA GLY A 129 5.93 19.69 38.04
C GLY A 129 5.38 19.80 36.63
N ALA A 130 4.94 18.66 36.08
CA ALA A 130 4.28 18.54 34.76
C ALA A 130 3.28 17.38 34.78
N HIS A 131 2.07 17.64 34.29
CA HIS A 131 0.99 16.65 34.09
C HIS A 131 0.29 16.98 32.77
N PHE A 132 -0.02 15.95 31.97
CA PHE A 132 -0.72 16.05 30.66
C PHE A 132 -2.22 15.81 30.88
N HIS A 133 -3.04 16.78 30.48
CA HIS A 133 -4.53 16.70 30.54
C HIS A 133 -5.04 16.12 29.23
N THR A 134 -5.36 14.82 29.22
CA THR A 134 -5.69 14.02 28.02
C THR A 134 -6.92 14.61 27.31
N VAL A 135 -7.89 15.14 28.06
CA VAL A 135 -9.13 15.76 27.50
C VAL A 135 -8.76 17.07 26.82
N GLU A 136 -7.97 17.90 27.50
CA GLU A 136 -7.47 19.21 26.98
C GLU A 136 -6.53 18.96 25.80
N GLY A 137 -5.76 17.86 25.85
CA GLY A 137 -4.70 17.57 24.88
C GLY A 137 -3.52 18.51 25.04
N ARG A 138 -3.12 18.79 26.28
CA ARG A 138 -2.08 19.80 26.61
C ARG A 138 -1.39 19.47 27.94
N TRP A 139 -0.11 19.83 28.02
CA TRP A 139 0.70 19.81 29.27
C TRP A 139 0.42 21.09 30.07
N HIS A 140 0.25 20.95 31.38
CA HIS A 140 0.37 22.04 32.37
C HIS A 140 1.76 21.89 33.00
N ILE A 141 2.60 22.93 32.88
CA ILE A 141 4.03 22.88 33.29
C ILE A 141 4.28 23.98 34.34
N ARG A 142 4.51 23.56 35.58
CA ARG A 142 4.56 24.45 36.77
C ARG A 142 6.01 24.77 37.12
N THR A 143 6.30 26.05 37.35
CA THR A 143 7.61 26.54 37.82
C THR A 143 7.61 26.60 39.35
N ALA A 144 8.79 26.62 39.96
CA ALA A 144 9.03 26.74 41.42
C ALA A 144 8.35 28.01 41.95
N ASP A 145 8.37 29.09 41.17
CA ASP A 145 7.90 30.44 41.59
C ASP A 145 6.40 30.61 41.27
N GLY A 146 5.70 29.55 40.84
CA GLY A 146 4.23 29.49 40.83
C GLY A 146 3.60 29.72 39.45
N ARG A 147 4.39 30.06 38.42
CA ARG A 147 3.90 30.22 37.03
C ARG A 147 3.62 28.83 36.44
N THR A 148 2.73 28.79 35.44
CA THR A 148 2.29 27.56 34.73
C THR A 148 2.18 27.85 33.23
N ALA A 149 2.78 27.01 32.40
CA ALA A 149 2.61 27.03 30.94
C ALA A 149 1.73 25.86 30.53
N ARG A 150 0.75 26.09 29.66
CA ARG A 150 -0.03 24.99 29.02
C ARG A 150 0.37 24.94 27.53
N ALA A 151 0.83 23.77 27.10
CA ALA A 151 1.47 23.52 25.78
C ALA A 151 1.00 22.18 25.22
N LYS A 152 0.78 22.12 23.90
CA LYS A 152 0.42 20.85 23.20
C LYS A 152 1.64 19.90 23.23
N TYR A 153 2.83 20.44 23.00
CA TYR A 153 4.11 19.68 22.89
C TYR A 153 5.06 20.11 24.02
N PHE A 154 5.78 19.15 24.58
CA PHE A 154 6.66 19.32 25.76
C PHE A 154 8.01 18.69 25.44
N ILE A 155 9.05 19.51 25.29
CA ILE A 155 10.43 19.07 24.93
C ILE A 155 11.33 19.30 26.14
N ILE A 156 12.06 18.27 26.55
CA ILE A 156 12.96 18.28 27.73
C ILE A 156 14.41 18.18 27.24
N ALA A 157 15.09 19.32 27.15
CA ALA A 157 16.53 19.45 26.87
C ALA A 157 17.25 19.79 28.18
N ALA A 158 17.11 18.93 29.18
CA ALA A 158 17.47 19.18 30.59
C ALA A 158 18.86 18.61 30.92
N GLY A 159 19.48 17.88 30.01
CA GLY A 159 20.87 17.41 30.14
C GLY A 159 20.99 16.19 31.03
N PHE A 160 22.18 15.61 31.09
CA PHE A 160 22.50 14.32 31.75
C PHE A 160 23.33 14.56 33.02
N ALA A 161 24.15 15.60 33.04
CA ALA A 161 24.90 16.10 34.23
C ALA A 161 23.92 16.73 35.23
N ALA A 162 22.81 16.03 35.48
CA ALA A 162 21.83 16.32 36.56
C ALA A 162 22.10 15.36 37.73
N LYS A 163 21.80 15.79 38.95
CA LYS A 163 22.06 15.05 40.21
C LYS A 163 23.57 14.84 40.37
N ARG A 164 24.29 15.91 40.75
CA ARG A 164 25.70 15.83 41.22
C ARG A 164 25.74 14.85 42.39
N TYR A 165 26.66 13.89 42.37
CA TYR A 165 26.79 12.84 43.42
C TYR A 165 27.95 13.17 44.36
N ILE A 166 27.64 13.48 45.62
CA ILE A 166 28.60 13.51 46.76
C ILE A 166 28.32 12.28 47.63
N PRO A 167 29.34 11.48 48.01
CA PRO A 167 29.12 10.33 48.89
C PRO A 167 28.70 10.79 50.30
N GLU A 168 28.31 9.84 51.16
CA GLU A 168 27.74 10.17 52.50
C GLU A 168 28.88 10.55 53.45
N TRP A 169 29.28 11.84 53.44
CA TRP A 169 30.33 12.42 54.29
C TRP A 169 29.71 13.50 55.17
N PRO A 170 29.24 13.15 56.39
CA PRO A 170 28.62 14.14 57.28
C PRO A 170 29.53 15.34 57.59
N GLY A 171 30.84 15.12 57.58
CA GLY A 171 31.88 16.07 58.04
C GLY A 171 31.95 17.36 57.23
N ILE A 172 31.54 17.34 55.96
CA ILE A 172 31.70 18.48 54.99
C ILE A 172 31.32 19.80 55.68
N GLU A 173 30.25 19.79 56.49
CA GLU A 173 29.74 20.98 57.25
C GLU A 173 30.87 21.54 58.12
N LYS A 174 31.64 20.66 58.77
CA LYS A 174 32.69 21.01 59.75
C LYS A 174 33.92 21.61 59.04
N PHE A 175 34.31 21.07 57.88
CA PHE A 175 35.55 21.43 57.14
C PHE A 175 35.69 22.96 57.03
N LYS A 176 36.77 23.50 57.61
CA LYS A 176 37.05 24.96 57.72
C LYS A 176 37.38 25.56 56.35
N GLY A 177 38.00 24.78 55.46
CA GLY A 177 38.50 25.28 54.15
C GLY A 177 37.40 25.49 53.13
N ILE A 178 37.79 25.75 51.88
CA ILE A 178 36.87 25.91 50.72
C ILE A 178 36.63 24.53 50.11
N VAL A 179 35.37 24.10 50.02
CA VAL A 179 34.96 22.79 49.44
C VAL A 179 33.75 23.02 48.52
N HIS A 180 33.76 22.39 47.34
CA HIS A 180 32.64 22.35 46.36
C HIS A 180 32.75 21.08 45.52
N HIS A 181 31.62 20.55 45.06
CA HIS A 181 31.55 19.54 43.96
C HIS A 181 31.96 20.24 42.67
N SER A 182 32.59 19.52 41.75
CA SER A 182 33.15 20.06 40.48
C SER A 182 32.10 20.89 39.74
N SER A 183 30.87 20.37 39.61
CA SER A 183 29.75 20.99 38.85
C SER A 183 29.16 22.20 39.59
N PHE A 184 29.60 22.50 40.81
CA PHE A 184 29.13 23.64 41.63
C PHE A 184 30.28 24.60 41.92
N TRP A 185 31.40 24.47 41.21
CA TRP A 185 32.57 25.35 41.43
C TRP A 185 32.18 26.78 41.08
N PRO A 186 32.50 27.79 41.92
CA PRO A 186 32.08 29.16 41.66
C PRO A 186 32.74 29.86 40.46
N ASP A 187 31.97 30.76 39.84
CA ASP A 187 32.32 31.56 38.62
C ASP A 187 33.62 32.33 38.91
N GLU A 188 33.60 33.17 39.93
CA GLU A 188 34.77 33.86 40.54
C GLU A 188 35.82 32.80 40.92
N LYS A 189 36.98 32.82 40.24
CA LYS A 189 38.04 31.79 40.39
C LYS A 189 38.67 31.88 41.78
N ILE A 190 38.90 30.72 42.40
CA ILE A 190 39.62 30.56 43.69
C ILE A 190 41.12 30.56 43.39
N ASP A 191 41.86 31.56 43.88
CA ASP A 191 43.34 31.59 43.81
C ASP A 191 43.84 30.40 44.65
N VAL A 192 44.45 29.40 44.02
CA VAL A 192 44.95 28.17 44.70
C VAL A 192 46.48 28.25 44.84
N ARG A 193 47.11 29.33 44.34
CA ARG A 193 48.60 29.46 44.30
C ARG A 193 49.18 29.33 45.71
N GLY A 194 49.99 28.28 45.93
CA GLY A 194 50.74 28.06 47.18
C GLY A 194 49.90 27.41 48.25
N LYS A 195 48.62 27.17 47.98
CA LYS A 195 47.67 26.58 48.96
C LYS A 195 47.77 25.05 48.91
N ARG A 196 47.38 24.38 49.99
CA ARG A 196 47.18 22.92 50.04
C ARG A 196 45.79 22.62 49.46
N CYS A 197 45.73 21.94 48.32
CA CYS A 197 44.47 21.57 47.63
C CYS A 197 44.33 20.04 47.59
N ALA A 198 43.09 19.56 47.43
CA ALA A 198 42.74 18.15 47.25
C ALA A 198 41.77 18.03 46.06
N ILE A 199 41.89 16.93 45.30
CA ILE A 199 40.93 16.51 44.24
C ILE A 199 40.49 15.09 44.58
N ILE A 200 39.20 14.88 44.79
CA ILE A 200 38.61 13.54 45.07
C ILE A 200 37.89 13.09 43.79
N GLY A 201 38.41 12.06 43.12
CA GLY A 201 37.92 11.55 41.84
C GLY A 201 38.96 11.69 40.73
N THR A 202 39.01 10.70 39.84
CA THR A 202 39.89 10.69 38.63
C THR A 202 39.00 10.37 37.42
N GLY A 203 37.88 11.07 37.29
CA GLY A 203 37.14 11.20 36.02
C GLY A 203 37.69 12.36 35.22
N ALA A 204 37.02 12.75 34.13
CA ALA A 204 37.44 13.86 33.25
C ALA A 204 37.56 15.15 34.08
N SER A 205 36.64 15.35 35.04
CA SER A 205 36.58 16.53 35.94
C SER A 205 37.84 16.60 36.81
N GLY A 206 38.11 15.55 37.59
CA GLY A 206 39.34 15.43 38.39
C GLY A 206 40.58 15.72 37.55
N VAL A 207 40.76 14.95 36.48
CA VAL A 207 41.92 15.03 35.54
C VAL A 207 42.04 16.46 35.01
N GLN A 208 40.94 17.07 34.57
CA GLN A 208 40.94 18.46 34.06
C GLN A 208 41.41 19.39 35.19
N VAL A 209 40.87 19.25 36.41
CA VAL A 209 41.22 20.14 37.55
C VAL A 209 42.70 19.91 37.93
N THR A 210 43.15 18.65 37.91
CA THR A 210 44.54 18.23 38.26
C THR A 210 45.53 19.01 37.38
N GLN A 211 45.30 19.01 36.07
CA GLN A 211 46.13 19.74 35.07
C GLN A 211 46.19 21.24 35.42
N ALA A 212 45.09 21.79 35.96
CA ALA A 212 44.93 23.24 36.26
C ALA A 212 45.60 23.60 37.60
N TRP A 213 45.54 22.70 38.60
CA TRP A 213 46.00 22.96 39.98
C TRP A 213 47.47 22.57 40.13
N GLY A 214 47.86 21.42 39.58
CA GLY A 214 49.23 20.90 39.61
C GLY A 214 50.28 22.01 39.51
N PRO A 215 50.24 22.86 38.46
CA PRO A 215 51.26 23.89 38.27
C PRO A 215 51.38 24.98 39.35
N GLU A 216 50.35 25.23 40.15
CA GLU A 216 50.22 26.46 40.98
C GLU A 216 50.08 26.13 42.47
N ALA A 217 49.21 25.20 42.83
CA ALA A 217 48.96 24.77 44.24
C ALA A 217 50.30 24.57 44.96
N GLY A 218 50.37 24.95 46.25
CA GLY A 218 51.57 24.76 47.08
C GLY A 218 51.87 23.29 47.27
N GLU A 219 50.85 22.54 47.66
CA GLU A 219 50.78 21.05 47.63
C GLU A 219 49.43 20.68 47.02
N LEU A 220 49.35 19.53 46.35
CA LEU A 220 48.07 19.00 45.78
C LEU A 220 48.02 17.48 46.00
N LYS A 221 46.86 16.97 46.44
CA LYS A 221 46.62 15.52 46.60
C LYS A 221 45.46 15.08 45.71
N VAL A 222 45.69 14.06 44.89
CA VAL A 222 44.66 13.40 44.03
C VAL A 222 44.28 12.07 44.67
N PHE A 223 43.02 11.92 45.07
CA PHE A 223 42.47 10.71 45.72
C PHE A 223 41.81 9.83 44.65
N GLN A 224 42.50 8.75 44.28
CA GLN A 224 42.12 7.87 43.14
C GLN A 224 41.65 6.51 43.66
N ARG A 225 40.37 6.19 43.43
CA ARG A 225 39.81 4.83 43.58
C ARG A 225 40.20 4.01 42.34
N THR A 226 39.87 4.52 41.16
CA THR A 226 40.11 3.86 39.84
C THR A 226 40.80 4.84 38.91
N PRO A 227 41.91 4.46 38.24
CA PRO A 227 42.63 5.40 37.38
C PRO A 227 41.86 5.69 36.09
N ASN A 228 41.94 6.93 35.60
CA ASN A 228 41.42 7.33 34.27
C ASN A 228 42.29 6.67 33.20
N LEU A 229 41.68 6.07 32.18
CA LEU A 229 42.39 5.59 30.97
C LEU A 229 42.46 6.75 29.98
N ALA A 230 43.23 7.79 30.33
CA ALA A 230 43.28 9.10 29.63
C ALA A 230 44.12 9.00 28.35
N VAL A 231 43.68 9.67 27.29
CA VAL A 231 44.34 9.68 25.95
C VAL A 231 44.79 11.10 25.63
N PRO A 232 45.77 11.30 24.72
CA PRO A 232 46.39 12.60 24.50
C PRO A 232 45.52 13.57 23.69
N MET A 233 45.41 14.80 24.17
CA MET A 233 44.83 15.96 23.46
C MET A 233 45.94 16.63 22.66
N ARG A 234 45.79 16.73 21.33
CA ARG A 234 46.76 17.39 20.41
C ARG A 234 46.33 18.85 20.19
N LYS A 235 46.38 19.66 21.25
CA LYS A 235 45.91 21.07 21.23
C LYS A 235 46.89 21.90 20.38
N ARG A 236 46.34 22.81 19.56
CA ARG A 236 47.14 23.83 18.83
C ARG A 236 46.26 25.06 18.62
N SER A 237 46.91 26.22 18.42
CA SER A 237 46.27 27.48 17.97
C SER A 237 45.71 27.27 16.55
N LEU A 238 44.50 27.79 16.31
CA LEU A 238 43.93 27.95 14.95
C LEU A 238 44.10 29.40 14.53
N THR A 239 44.27 29.63 13.22
CA THR A 239 44.14 30.96 12.58
C THR A 239 42.70 31.11 12.07
N VAL A 240 42.26 32.34 11.89
CA VAL A 240 40.94 32.68 11.27
C VAL A 240 40.97 32.22 9.80
N GLU A 241 42.14 32.29 9.17
CA GLU A 241 42.34 31.97 7.72
C GLU A 241 42.09 30.49 7.47
N GLU A 242 42.76 29.59 8.20
CA GLU A 242 42.65 28.13 7.96
C GLU A 242 41.20 27.68 8.18
N GLN A 243 40.48 28.30 9.12
CA GLN A 243 39.04 27.99 9.38
C GLN A 243 38.20 28.47 8.20
N GLU A 244 38.29 29.74 7.83
CA GLU A 244 37.50 30.32 6.71
C GLU A 244 37.73 29.50 5.43
N GLY A 245 38.92 28.92 5.26
CA GLY A 245 39.29 28.08 4.11
C GLY A 245 38.55 26.75 4.10
N ALA A 246 38.41 26.11 5.26
CA ALA A 246 37.75 24.80 5.45
C ALA A 246 36.23 24.91 5.24
N LYS A 247 35.64 26.06 5.56
CA LYS A 247 34.16 26.27 5.64
C LYS A 247 33.49 25.99 4.30
N ALA A 248 34.27 25.91 3.21
CA ALA A 248 33.79 25.43 1.89
C ALA A 248 33.02 24.11 2.07
N PHE A 249 33.47 23.25 2.99
CA PHE A 249 32.97 21.85 3.17
C PHE A 249 32.54 21.58 4.61
N TYR A 250 32.27 22.62 5.40
CA TYR A 250 31.68 22.49 6.76
C TYR A 250 30.34 21.76 6.65
N PRO A 251 29.48 22.06 5.66
CA PRO A 251 28.20 21.35 5.52
C PRO A 251 28.35 19.83 5.38
N GLU A 252 29.26 19.39 4.51
CA GLU A 252 29.58 17.96 4.29
C GLU A 252 30.09 17.37 5.61
N LEU A 253 30.99 18.08 6.28
CA LEU A 253 31.61 17.66 7.57
C LEU A 253 30.52 17.41 8.61
N PHE A 254 29.60 18.35 8.80
CA PHE A 254 28.51 18.25 9.80
C PHE A 254 27.64 17.03 9.46
N ARG A 255 27.50 16.70 8.16
CA ARG A 255 26.72 15.52 7.70
C ARG A 255 27.51 14.23 7.95
N TYR A 256 28.83 14.28 7.82
CA TYR A 256 29.74 13.11 7.99
C TYR A 256 29.68 12.62 9.44
N ARG A 257 29.60 13.51 10.43
CA ARG A 257 29.60 13.09 11.85
C ARG A 257 28.34 12.26 12.12
N GLU A 258 27.23 12.50 11.42
CA GLU A 258 25.98 11.72 11.60
C GLU A 258 26.13 10.30 11.01
N LYS A 259 27.20 10.04 10.26
CA LYS A 259 27.53 8.71 9.68
C LYS A 259 28.50 7.95 10.59
N CYS A 260 29.07 8.61 11.60
CA CYS A 260 30.18 8.10 12.44
C CYS A 260 29.66 7.64 13.81
N PHE A 261 30.13 6.49 14.28
CA PHE A 261 29.62 5.73 15.46
C PHE A 261 29.32 6.68 16.62
N ALA A 262 30.27 7.53 16.97
CA ALA A 262 30.22 8.44 18.14
C ALA A 262 29.96 9.88 17.70
N GLY A 263 29.69 10.12 16.41
CA GLY A 263 29.34 11.46 15.90
C GLY A 263 30.50 12.44 15.90
N PHE A 264 31.74 11.94 15.88
CA PHE A 264 32.96 12.75 15.56
C PHE A 264 33.25 12.60 14.06
N LEU A 265 34.27 13.29 13.56
CA LEU A 265 34.69 13.24 12.13
C LEU A 265 35.56 11.99 11.90
N TYR A 266 35.25 10.88 12.57
CA TYR A 266 35.97 9.58 12.43
C TYR A 266 35.10 8.49 13.04
N THR A 267 35.26 7.25 12.55
CA THR A 267 34.58 6.04 13.09
C THR A 267 35.51 4.83 12.96
N TRP A 268 35.01 3.65 13.34
CA TRP A 268 35.76 2.38 13.45
C TRP A 268 36.58 2.12 12.19
N CYS A 269 37.85 1.76 12.37
CA CYS A 269 38.66 1.05 11.36
C CYS A 269 37.85 -0.14 10.83
N GLU A 270 37.92 -0.41 9.52
CA GLU A 270 37.19 -1.52 8.84
C GLU A 270 37.80 -2.87 9.27
N ARG A 271 38.97 -2.85 9.90
CA ARG A 271 39.70 -4.08 10.34
C ARG A 271 39.53 -4.29 11.85
N GLY A 272 39.52 -5.57 12.25
CA GLY A 272 39.71 -6.02 13.64
C GLY A 272 41.18 -6.20 13.98
N VAL A 273 41.50 -6.11 15.27
CA VAL A 273 42.86 -6.19 15.89
C VAL A 273 43.70 -7.27 15.20
N PHE A 274 43.16 -8.48 15.06
CA PHE A 274 43.90 -9.70 14.69
C PHE A 274 43.83 -9.94 13.18
N GLU A 275 43.47 -8.93 12.40
CA GLU A 275 43.72 -8.88 10.92
C GLU A 275 45.11 -8.28 10.68
N ASP A 276 45.59 -7.46 11.60
CA ASP A 276 46.92 -6.79 11.51
C ASP A 276 47.95 -7.62 12.29
N SER A 277 49.21 -7.58 11.87
CA SER A 277 50.37 -8.19 12.57
C SER A 277 50.78 -7.34 13.79
N GLU A 278 51.77 -7.82 14.54
CA GLU A 278 52.34 -7.14 15.74
C GLU A 278 52.93 -5.78 15.31
N GLU A 279 53.60 -5.74 14.16
CA GLU A 279 54.21 -4.50 13.60
C GLU A 279 53.10 -3.56 13.11
N GLU A 280 52.13 -4.10 12.38
CA GLU A 280 50.98 -3.35 11.79
C GLU A 280 50.16 -2.73 12.91
N ARG A 281 49.94 -3.47 14.00
CA ARG A 281 49.20 -2.96 15.18
C ARG A 281 49.97 -1.77 15.76
N GLU A 282 51.24 -1.98 16.15
CA GLU A 282 52.11 -0.92 16.71
C GLU A 282 51.97 0.35 15.87
N GLN A 283 52.06 0.22 14.54
CA GLN A 283 52.06 1.39 13.62
C GLN A 283 50.66 2.02 13.62
N PHE A 284 49.60 1.21 13.53
CA PHE A 284 48.20 1.69 13.47
C PHE A 284 47.84 2.42 14.77
N LEU A 285 48.20 1.84 15.92
CA LEU A 285 47.92 2.42 17.26
C LEU A 285 48.78 3.68 17.47
N GLU A 286 50.02 3.71 16.97
CA GLU A 286 50.88 4.92 17.02
C GLU A 286 50.19 6.05 16.26
N LYS A 287 49.55 5.73 15.13
CA LYS A 287 48.92 6.70 14.21
C LYS A 287 47.72 7.35 14.90
N LEU A 288 46.86 6.55 15.56
CA LEU A 288 45.69 7.04 16.34
C LEU A 288 46.18 7.92 17.49
N TRP A 289 47.23 7.49 18.19
CA TRP A 289 47.82 8.23 19.34
C TRP A 289 48.29 9.61 18.88
N SER A 290 49.08 9.63 17.80
CA SER A 290 49.62 10.86 17.15
C SER A 290 48.47 11.78 16.74
N ASP A 291 47.50 11.28 15.96
CA ASP A 291 46.38 12.09 15.39
C ASP A 291 45.56 12.72 16.53
N GLY A 292 45.32 11.97 17.61
CA GLY A 292 44.80 12.51 18.88
C GLY A 292 43.29 12.35 19.00
N GLY A 293 42.64 13.18 19.81
CA GLY A 293 41.19 13.16 20.06
C GLY A 293 40.75 11.80 20.57
N PHE A 294 39.53 11.37 20.20
CA PHE A 294 38.94 10.07 20.62
C PHE A 294 39.14 9.01 19.54
N ARG A 295 40.13 9.20 18.68
CA ARG A 295 40.47 8.22 17.62
C ARG A 295 40.80 6.88 18.30
N TYR A 296 41.64 6.92 19.34
CA TYR A 296 42.00 5.70 20.12
C TYR A 296 40.74 5.02 20.65
N TRP A 297 39.72 5.80 21.01
CA TRP A 297 38.47 5.32 21.64
C TRP A 297 37.52 4.77 20.58
N VAL A 298 37.25 5.53 19.51
CA VAL A 298 36.13 5.19 18.57
C VAL A 298 36.56 5.28 17.10
N ALA A 299 37.86 5.34 16.81
CA ALA A 299 38.43 5.18 15.45
C ALA A 299 39.41 3.99 15.45
N ASN A 300 39.34 3.14 16.47
CA ASN A 300 40.30 2.02 16.67
C ASN A 300 39.78 0.78 15.94
N TYR A 301 40.49 -0.34 16.09
CA TYR A 301 40.05 -1.67 15.62
C TYR A 301 38.59 -1.88 15.99
N LYS A 302 37.77 -2.40 15.07
CA LYS A 302 36.28 -2.39 15.20
C LYS A 302 35.81 -3.31 16.33
N ASP A 303 36.65 -4.20 16.83
CA ASP A 303 36.21 -5.34 17.70
C ASP A 303 36.80 -5.23 19.11
N TYR A 304 37.56 -4.19 19.43
CA TYR A 304 38.30 -4.06 20.71
C TYR A 304 37.29 -3.90 21.87
N LEU A 305 36.13 -3.29 21.62
CA LEU A 305 35.07 -3.12 22.66
C LEU A 305 34.20 -4.38 22.72
N TYR A 306 34.47 -5.40 21.89
CA TYR A 306 33.58 -6.58 21.73
C TYR A 306 34.30 -7.90 22.08
N ASP A 307 35.64 -7.92 22.12
CA ASP A 307 36.44 -9.16 22.36
C ASP A 307 37.55 -8.85 23.36
N ALA A 308 37.73 -9.73 24.36
CA ALA A 308 38.61 -9.56 25.53
C ALA A 308 40.07 -9.46 25.09
N LYS A 309 40.53 -10.35 24.21
CA LYS A 309 41.93 -10.37 23.73
C LYS A 309 42.20 -9.09 22.94
N ALA A 310 41.25 -8.69 22.09
CA ALA A 310 41.30 -7.46 21.27
C ALA A 310 41.43 -6.26 22.21
N ASN A 311 40.61 -6.21 23.25
CA ASN A 311 40.63 -5.12 24.26
C ASN A 311 42.02 -5.02 24.90
N ARG A 312 42.58 -6.17 25.31
CA ARG A 312 43.85 -6.24 26.06
C ARG A 312 44.98 -5.62 25.23
N VAL A 313 44.98 -5.80 23.90
CA VAL A 313 46.02 -5.27 23.00
C VAL A 313 45.96 -3.73 22.98
N VAL A 314 44.75 -3.16 22.92
CA VAL A 314 44.53 -1.68 22.98
C VAL A 314 44.99 -1.21 24.37
N TYR A 315 44.59 -1.89 25.45
CA TYR A 315 44.99 -1.53 26.84
C TYR A 315 46.52 -1.43 26.94
N ASP A 316 47.22 -2.53 26.60
CA ASP A 316 48.68 -2.67 26.81
C ASP A 316 49.39 -1.49 26.12
N PHE A 317 49.05 -1.20 24.87
CA PHE A 317 49.66 -0.08 24.10
C PHE A 317 49.41 1.23 24.86
N TRP A 318 48.17 1.43 25.31
CA TRP A 318 47.81 2.59 26.17
C TRP A 318 48.72 2.62 27.39
N ARG A 319 48.92 1.48 28.05
CA ARG A 319 49.71 1.35 29.30
C ARG A 319 51.16 1.76 29.02
N LYS A 320 51.74 1.24 27.93
CA LYS A 320 53.12 1.56 27.45
C LYS A 320 53.28 3.08 27.27
N LYS A 321 52.34 3.72 26.58
CA LYS A 321 52.44 5.15 26.19
C LYS A 321 52.37 6.03 27.44
N VAL A 322 51.48 5.71 28.37
CA VAL A 322 51.28 6.49 29.61
C VAL A 322 52.47 6.27 30.55
N ARG A 323 53.01 5.05 30.64
CA ARG A 323 54.15 4.71 31.54
C ARG A 323 55.41 5.50 31.15
N GLU A 324 55.61 5.72 29.85
CA GLU A 324 56.77 6.48 29.30
C GLU A 324 56.83 7.87 29.92
N ARG A 325 55.69 8.39 30.41
CA ARG A 325 55.52 9.80 30.84
C ARG A 325 55.65 9.95 32.36
N ILE A 326 55.61 8.84 33.11
CA ILE A 326 55.61 8.87 34.61
C ILE A 326 56.94 8.28 35.12
N ASN A 327 57.68 9.06 35.91
CA ASN A 327 59.05 8.73 36.38
C ASN A 327 58.98 7.63 37.45
N ASP A 328 58.19 7.84 38.50
CA ASP A 328 58.17 6.99 39.73
C ASP A 328 57.48 5.66 39.40
N PRO A 329 58.14 4.50 39.66
CA PRO A 329 57.52 3.20 39.42
C PRO A 329 56.23 2.93 40.19
N LYS A 330 56.08 3.57 41.36
CA LYS A 330 54.88 3.43 42.23
C LYS A 330 53.68 4.10 41.54
N ASP A 331 53.86 5.35 41.09
CA ASP A 331 52.84 6.12 40.32
C ASP A 331 52.54 5.41 39.00
N GLN A 332 53.57 4.93 38.29
CA GLN A 332 53.41 4.14 37.05
C GLN A 332 52.34 3.07 37.27
N GLU A 333 52.57 2.18 38.25
CA GLU A 333 51.63 1.07 38.58
C GLU A 333 50.24 1.65 38.91
N LEU A 334 50.17 2.73 39.68
CA LEU A 334 48.85 3.27 40.13
C LEU A 334 48.07 3.84 38.95
N LEU A 335 48.74 4.67 38.12
CA LEU A 335 48.08 5.49 37.08
C LEU A 335 47.84 4.66 35.82
N ALA A 336 48.64 3.60 35.63
CA ALA A 336 48.57 2.66 34.48
C ALA A 336 48.92 1.26 34.94
N PRO A 337 47.99 0.52 35.60
CA PRO A 337 48.30 -0.79 36.15
C PRO A 337 48.45 -1.87 35.08
N SER A 338 49.25 -2.90 35.38
CA SER A 338 49.45 -4.11 34.55
C SER A 338 48.08 -4.74 34.27
N GLU A 339 47.27 -4.92 35.30
CA GLU A 339 45.92 -5.53 35.19
C GLU A 339 44.92 -4.38 35.05
N PRO A 340 44.16 -4.34 33.92
CA PRO A 340 43.19 -3.27 33.68
C PRO A 340 42.17 -3.21 34.82
N PRO A 341 41.81 -1.99 35.29
CA PRO A 341 40.77 -1.84 36.30
C PRO A 341 39.38 -2.18 35.72
N HIS A 342 39.34 -2.33 34.39
CA HIS A 342 38.14 -2.63 33.57
C HIS A 342 38.57 -2.60 32.11
N PRO A 343 37.76 -3.15 31.18
CA PRO A 343 38.12 -3.16 29.76
C PRO A 343 38.37 -1.72 29.27
N TRP A 344 39.31 -1.54 28.33
CA TRP A 344 39.63 -0.20 27.74
C TRP A 344 38.39 0.33 27.00
N GLY A 345 38.10 1.63 27.15
CA GLY A 345 37.10 2.36 26.36
C GLY A 345 35.68 1.99 26.76
N VAL A 346 35.53 1.45 27.96
CA VAL A 346 34.22 0.99 28.52
C VAL A 346 33.52 2.20 29.14
N LYS A 347 34.27 3.27 29.46
CA LYS A 347 33.70 4.60 29.76
C LYS A 347 34.44 5.67 28.93
N ARG A 348 33.72 6.74 28.56
CA ARG A 348 34.28 7.88 27.82
C ARG A 348 35.56 8.32 28.52
N PRO A 349 36.76 8.05 27.94
CA PRO A 349 38.01 8.39 28.60
C PRO A 349 38.20 9.91 28.58
N CYS A 350 39.13 10.40 29.40
CA CYS A 350 39.45 11.84 29.49
C CYS A 350 40.47 12.18 28.40
N LEU A 351 40.27 13.29 27.71
CA LEU A 351 41.28 13.87 26.78
C LEU A 351 42.16 14.81 27.59
N GLU A 352 43.39 14.38 27.88
CA GLU A 352 44.35 15.09 28.77
C GLU A 352 45.47 15.71 27.93
N TYR A 353 46.12 16.75 28.45
CA TYR A 353 47.27 17.42 27.82
C TYR A 353 48.55 17.06 28.60
N ASP A 354 48.59 17.36 29.91
CA ASP A 354 49.79 17.16 30.78
C ASP A 354 49.40 16.57 32.15
N TYR A 355 48.37 15.73 32.20
CA TYR A 355 47.91 15.03 33.43
C TYR A 355 49.08 14.27 34.06
N TYR A 356 49.70 13.37 33.31
CA TYR A 356 50.71 12.41 33.83
C TYR A 356 51.99 13.15 34.24
N GLU A 357 52.30 14.27 33.58
CA GLU A 357 53.48 15.11 33.92
C GLU A 357 53.31 15.70 35.34
N GLN A 358 52.08 15.96 35.77
CA GLN A 358 51.78 16.65 37.07
C GLN A 358 52.29 15.79 38.23
N PHE A 359 52.20 14.45 38.10
CA PHE A 359 52.59 13.46 39.15
C PHE A 359 54.11 13.30 39.22
N ASN A 360 54.86 13.95 38.31
CA ASN A 360 56.34 14.03 38.35
C ASN A 360 56.74 15.21 39.24
N ARG A 361 55.83 16.14 39.52
CA ARG A 361 56.11 17.33 40.37
C ARG A 361 56.25 16.88 41.82
N PRO A 362 57.16 17.50 42.62
CA PRO A 362 57.32 17.16 44.03
C PRO A 362 56.25 17.75 44.98
N ASN A 363 55.36 18.58 44.45
CA ASN A 363 54.23 19.20 45.20
C ASN A 363 52.94 18.43 44.94
N VAL A 364 52.93 17.48 44.01
CA VAL A 364 51.73 16.67 43.67
C VAL A 364 51.91 15.25 44.22
N ASP A 365 50.82 14.65 44.69
CA ASP A 365 50.82 13.38 45.44
C ASP A 365 49.55 12.61 45.09
N LEU A 366 49.70 11.47 44.43
CA LEU A 366 48.58 10.52 44.16
C LEU A 366 48.37 9.66 45.41
N VAL A 367 47.12 9.53 45.87
CA VAL A 367 46.75 8.71 47.07
C VAL A 367 45.82 7.58 46.62
N ASP A 368 46.24 6.34 46.83
CA ASP A 368 45.47 5.10 46.52
C ASP A 368 44.43 4.92 47.63
N ILE A 369 43.14 5.06 47.29
CA ILE A 369 42.00 4.90 48.25
C ILE A 369 41.19 3.66 47.88
N LYS A 370 41.66 2.85 46.92
CA LYS A 370 40.96 1.65 46.42
C LYS A 370 40.59 0.74 47.61
N ASP A 371 41.54 0.53 48.53
CA ASP A 371 41.41 -0.38 49.70
C ASP A 371 41.27 0.42 51.00
N ASN A 372 41.53 1.74 50.94
CA ASN A 372 41.57 2.66 52.11
C ASN A 372 40.63 3.83 51.83
N SER A 373 39.32 3.59 51.89
CA SER A 373 38.26 4.57 51.49
C SER A 373 38.39 5.86 52.28
N ILE A 374 37.88 6.97 51.75
CA ILE A 374 37.66 8.22 52.54
C ILE A 374 36.46 7.92 53.45
N VAL A 375 36.69 7.92 54.77
CA VAL A 375 35.64 7.66 55.80
C VAL A 375 34.77 8.90 55.91
N ASP A 376 35.38 10.09 56.02
CA ASP A 376 34.65 11.36 56.23
C ASP A 376 35.60 12.55 56.13
N PHE A 377 35.03 13.74 55.94
CA PHE A 377 35.71 15.06 56.11
C PHE A 377 35.86 15.35 57.62
N THR A 378 36.85 16.17 57.97
CA THR A 378 37.06 16.74 59.33
C THR A 378 37.11 18.27 59.22
N GLU A 379 37.38 18.93 60.35
CA GLU A 379 37.61 20.40 60.46
C GLU A 379 38.79 20.79 59.57
N LYS A 380 39.84 19.96 59.58
CA LYS A 380 41.17 20.26 58.98
C LYS A 380 41.17 19.92 57.49
N GLY A 381 40.78 18.69 57.15
CA GLY A 381 40.68 18.20 55.76
C GLY A 381 39.80 16.97 55.66
N ILE A 382 40.39 15.80 55.41
CA ILE A 382 39.65 14.51 55.24
C ILE A 382 40.43 13.38 55.95
N LYS A 383 39.72 12.31 56.30
CA LYS A 383 40.25 11.16 57.09
C LYS A 383 39.87 9.85 56.40
N LEU A 384 40.75 8.86 56.42
CA LEU A 384 40.60 7.56 55.69
C LEU A 384 40.34 6.41 56.68
N GLN A 385 40.11 5.21 56.12
CA GLN A 385 39.77 3.93 56.81
C GLN A 385 40.79 3.65 57.92
N ASP A 386 42.08 3.62 57.57
CA ASP A 386 43.18 3.25 58.51
C ASP A 386 43.53 4.45 59.41
N GLY A 387 42.70 5.49 59.43
CA GLY A 387 42.78 6.61 60.39
C GLY A 387 43.73 7.70 59.93
N THR A 388 44.29 7.59 58.72
CA THR A 388 45.10 8.64 58.08
C THR A 388 44.23 9.90 57.88
N GLU A 389 44.69 11.06 58.34
CA GLU A 389 44.03 12.38 58.13
C GLU A 389 44.94 13.22 57.22
N TYR A 390 44.35 14.10 56.42
CA TYR A 390 45.06 15.09 55.56
C TYR A 390 44.43 16.47 55.78
N GLU A 391 45.26 17.48 55.98
CA GLU A 391 44.84 18.89 56.21
C GLU A 391 44.86 19.63 54.86
N PHE A 392 43.80 20.36 54.53
CA PHE A 392 43.65 21.11 53.25
C PHE A 392 43.04 22.48 53.48
N ASP A 393 43.14 23.34 52.47
CA ASP A 393 42.58 24.72 52.42
C ASP A 393 41.48 24.78 51.36
N VAL A 394 41.65 24.02 50.27
CA VAL A 394 40.74 23.98 49.08
C VAL A 394 40.55 22.52 48.66
N VAL A 395 39.31 22.02 48.62
CA VAL A 395 38.99 20.68 48.08
C VAL A 395 37.95 20.84 46.97
N CYS A 396 38.23 20.23 45.81
CA CYS A 396 37.26 19.98 44.72
C CYS A 396 36.81 18.52 44.81
N ILE A 397 35.50 18.31 44.99
CA ILE A 397 34.89 16.94 45.05
C ILE A 397 34.44 16.60 43.62
N ALA A 398 35.31 15.92 42.89
CA ALA A 398 35.10 15.49 41.49
C ALA A 398 34.56 14.05 41.49
N THR A 399 33.66 13.75 42.43
CA THR A 399 32.92 12.46 42.50
C THR A 399 31.89 12.46 41.36
N GLY A 400 31.08 11.40 41.26
CA GLY A 400 30.23 11.16 40.08
C GLY A 400 29.10 12.16 39.91
N PHE A 401 28.22 11.85 38.95
CA PHE A 401 26.80 12.27 38.89
C PHE A 401 25.96 11.01 39.12
N ASP A 402 24.64 11.19 39.28
CA ASP A 402 23.66 10.07 39.20
C ASP A 402 23.06 10.10 37.79
N ILE A 403 23.46 9.15 36.95
CA ILE A 403 22.97 9.05 35.54
C ILE A 403 22.15 7.76 35.38
N THR A 404 21.65 7.20 36.50
CA THR A 404 20.53 6.22 36.54
C THR A 404 19.46 6.73 35.57
N THR A 405 19.32 8.06 35.52
CA THR A 405 18.56 8.84 34.52
C THR A 405 19.11 10.27 34.54
N GLY A 406 18.66 11.13 33.62
CA GLY A 406 19.07 12.55 33.57
C GLY A 406 18.32 13.39 34.60
N GLY A 407 18.21 14.70 34.34
CA GLY A 407 17.33 15.61 35.11
C GLY A 407 15.89 15.46 34.66
N MET A 408 15.49 14.25 34.21
CA MET A 408 14.14 13.94 33.69
C MET A 408 13.23 13.56 34.86
N THR A 409 13.75 12.74 35.77
CA THR A 409 13.07 12.31 37.03
C THR A 409 13.02 13.46 38.04
N SER A 410 13.79 14.53 37.81
CA SER A 410 14.15 15.56 38.82
C SER A 410 13.22 16.77 38.76
N MET A 411 12.21 16.79 37.88
CA MET A 411 11.35 17.99 37.68
C MET A 411 9.87 17.61 37.81
N GLY A 412 9.57 16.54 38.57
CA GLY A 412 8.21 16.16 38.97
C GLY A 412 7.31 15.90 37.78
N LEU A 413 7.86 15.31 36.71
CA LEU A 413 7.06 14.80 35.56
C LEU A 413 6.15 13.69 36.08
N HIS A 414 4.87 13.74 35.72
CA HIS A 414 3.86 12.74 36.12
C HIS A 414 3.22 12.15 34.87
N SER A 415 3.15 10.82 34.80
CA SER A 415 2.46 10.07 33.70
C SER A 415 0.95 10.37 33.74
N ILE A 416 0.21 9.88 32.75
CA ILE A 416 -1.27 10.01 32.68
C ILE A 416 -1.91 8.95 33.59
N HIS A 417 -1.10 8.07 34.20
CA HIS A 417 -1.53 7.13 35.27
C HIS A 417 -1.34 7.80 36.64
N GLY A 418 -0.93 9.08 36.67
CA GLY A 418 -0.79 9.89 37.89
C GLY A 418 0.57 9.71 38.58
N ASP A 419 1.31 8.63 38.29
CA ASP A 419 2.61 8.33 38.92
C ASP A 419 3.68 9.27 38.39
N SER A 420 4.70 9.53 39.22
CA SER A 420 5.92 10.31 38.87
C SER A 420 6.84 9.44 38.00
N LEU A 421 7.60 10.06 37.09
CA LEU A 421 8.62 9.36 36.27
C LEU A 421 9.67 8.77 37.21
N LYS A 422 10.11 9.54 38.20
CA LYS A 422 11.02 9.05 39.27
C LYS A 422 10.51 7.71 39.79
N GLU A 423 9.20 7.58 40.02
CA GLU A 423 8.57 6.35 40.60
C GLU A 423 8.61 5.23 39.56
N GLU A 424 8.08 5.47 38.37
CA GLU A 424 7.94 4.47 37.27
C GLU A 424 9.33 3.94 36.83
N TRP A 425 10.41 4.66 37.13
CA TRP A 425 11.79 4.32 36.72
C TRP A 425 12.62 3.81 37.91
N LYS A 426 11.98 3.44 39.02
CA LYS A 426 12.70 3.00 40.26
C LYS A 426 13.46 1.70 39.98
N SER A 427 12.88 0.80 39.18
CA SER A 427 13.45 -0.54 38.84
C SER A 427 14.26 -0.48 37.53
N GLY A 428 14.28 0.67 36.83
CA GLY A 428 15.11 0.89 35.63
C GLY A 428 14.37 1.70 34.58
N ALA A 429 15.11 2.47 33.76
CA ALA A 429 14.53 3.48 32.84
C ALA A 429 13.93 2.78 31.61
N PHE A 430 12.77 3.27 31.15
CA PHE A 430 11.99 2.73 29.99
C PHE A 430 11.53 3.87 29.09
N THR A 431 12.29 4.15 28.03
CA THR A 431 11.94 5.10 26.94
C THR A 431 11.60 4.30 25.67
N TYR A 432 10.98 4.98 24.70
CA TYR A 432 10.86 4.54 23.29
C TYR A 432 11.68 5.47 22.40
N LEU A 433 12.72 4.93 21.75
CA LEU A 433 13.59 5.61 20.75
C LEU A 433 14.55 6.58 21.43
N GLY A 434 14.61 6.58 22.77
CA GLY A 434 15.45 7.48 23.57
C GLY A 434 15.05 8.94 23.43
N MET A 435 13.82 9.20 23.00
CA MET A 435 13.27 10.57 22.84
C MET A 435 11.87 10.69 23.46
N THR A 436 11.20 9.57 23.77
CA THR A 436 9.81 9.57 24.31
C THR A 436 9.67 8.54 25.44
N VAL A 437 8.61 8.68 26.26
CA VAL A 437 8.32 7.81 27.43
C VAL A 437 6.83 7.46 27.43
N SER A 438 6.50 6.18 27.61
CA SER A 438 5.12 5.66 27.64
C SER A 438 4.38 6.24 28.87
N GLY A 439 3.24 6.90 28.63
CA GLY A 439 2.43 7.57 29.67
C GLY A 439 2.72 9.07 29.73
N TYR A 440 3.60 9.57 28.85
CA TYR A 440 3.92 11.02 28.71
C TYR A 440 3.69 11.41 27.25
N PRO A 441 2.41 11.58 26.84
CA PRO A 441 2.09 11.93 25.45
C PRO A 441 2.68 13.28 25.05
N ASN A 442 3.04 13.44 23.78
CA ASN A 442 3.61 14.69 23.21
C ASN A 442 4.77 15.20 24.06
N MET A 443 5.50 14.31 24.76
CA MET A 443 6.70 14.68 25.55
C MET A 443 7.94 14.11 24.86
N PHE A 444 8.89 14.97 24.52
CA PHE A 444 10.13 14.60 23.78
C PHE A 444 11.33 14.98 24.64
N HIS A 445 12.37 14.14 24.66
CA HIS A 445 13.67 14.46 25.29
C HIS A 445 14.80 14.28 24.28
N LEU A 446 15.76 15.21 24.30
CA LEU A 446 17.05 15.16 23.55
C LEU A 446 18.17 14.86 24.56
N TYR A 447 19.21 14.16 24.11
CA TYR A 447 20.46 13.95 24.87
C TYR A 447 20.10 13.45 26.27
N GLY A 448 19.38 12.33 26.32
CA GLY A 448 18.90 11.70 27.56
C GLY A 448 19.02 10.19 27.50
N PRO A 449 18.25 9.44 28.33
CA PRO A 449 18.38 7.99 28.40
C PRO A 449 18.04 7.34 27.06
N HIS A 450 18.76 6.28 26.69
CA HIS A 450 18.45 5.37 25.56
C HIS A 450 18.73 6.07 24.22
N GLY A 451 19.47 7.18 24.25
CA GLY A 451 20.10 7.80 23.07
C GLY A 451 21.60 7.57 23.06
N PRO A 452 22.28 7.78 21.92
CA PRO A 452 23.75 7.69 21.84
C PRO A 452 24.44 8.46 22.96
N THR A 453 23.96 9.68 23.21
CA THR A 453 24.21 10.53 24.41
C THR A 453 25.68 10.46 24.84
N LEU A 454 26.02 9.68 25.86
CA LEU A 454 27.36 9.70 26.52
C LEU A 454 28.42 9.03 25.64
N LEU A 455 28.00 8.15 24.71
CA LEU A 455 28.90 7.47 23.74
C LEU A 455 28.95 8.28 22.44
N SER A 456 28.80 9.61 22.51
CA SER A 456 28.58 10.48 21.32
C SER A 456 29.11 11.89 21.53
N ASN A 457 29.36 12.57 20.43
CA ASN A 457 29.54 14.06 20.35
C ASN A 457 28.17 14.69 20.64
N GLY A 458 28.05 15.43 21.75
CA GLY A 458 26.79 16.07 22.18
C GLY A 458 26.00 16.67 21.03
N PRO A 459 26.51 17.74 20.37
CA PRO A 459 25.79 18.43 19.29
C PRO A 459 25.30 17.56 18.12
N THR A 460 26.00 16.46 17.81
CA THR A 460 25.62 15.50 16.74
C THR A 460 24.30 14.83 17.12
N THR A 461 24.27 14.18 18.28
CA THR A 461 23.11 13.44 18.82
C THR A 461 21.91 14.39 18.93
N VAL A 462 22.17 15.61 19.41
CA VAL A 462 21.12 16.65 19.63
C VAL A 462 20.42 16.94 18.31
N GLU A 463 21.18 17.11 17.23
CA GLU A 463 20.64 17.53 15.90
C GLU A 463 19.85 16.36 15.29
N ILE A 464 20.38 15.14 15.36
CA ILE A 464 19.68 13.90 14.89
C ILE A 464 18.31 13.83 15.59
N GLN A 465 18.31 13.96 16.92
CA GLN A 465 17.10 13.85 17.78
C GLN A 465 16.20 15.07 17.56
N GLY A 466 16.79 16.27 17.56
CA GLY A 466 16.09 17.53 17.24
C GLY A 466 15.27 17.42 15.96
N ARG A 467 15.91 17.02 14.86
CA ARG A 467 15.26 16.89 13.53
C ARG A 467 14.13 15.85 13.60
N TRP A 468 14.27 14.78 14.39
CA TRP A 468 13.22 13.74 14.53
C TRP A 468 12.02 14.32 15.28
N ILE A 469 12.26 15.11 16.31
CA ILE A 469 11.18 15.68 17.17
C ILE A 469 10.41 16.69 16.34
N ALA A 470 11.11 17.50 15.54
CA ALA A 470 10.52 18.57 14.70
C ALA A 470 9.68 17.95 13.57
N ASP A 471 10.12 16.79 13.06
CA ASP A 471 9.37 16.02 12.02
C ASP A 471 8.14 15.39 12.69
N ALA A 472 8.34 14.69 13.81
CA ALA A 472 7.27 14.06 14.60
C ALA A 472 6.16 15.08 14.85
N ILE A 473 6.53 16.26 15.34
CA ILE A 473 5.59 17.39 15.65
C ILE A 473 4.97 17.91 14.36
N LYS A 474 5.77 18.08 13.30
CA LYS A 474 5.27 18.51 11.97
C LYS A 474 4.16 17.56 11.54
N GLN A 475 4.40 16.25 11.62
CA GLN A 475 3.46 15.19 11.14
C GLN A 475 2.15 15.23 11.94
N MET A 476 2.23 15.40 13.26
CA MET A 476 1.04 15.46 14.14
C MET A 476 0.14 16.61 13.70
N GLU A 477 0.73 17.77 13.35
CA GLU A 477 0.00 18.98 12.89
C GLU A 477 -0.66 18.70 11.53
N ARG A 478 0.06 18.09 10.60
CA ARG A 478 -0.46 17.78 9.23
C ARG A 478 -1.58 16.75 9.33
N GLN A 479 -1.36 15.65 10.07
CA GLN A 479 -2.29 14.49 10.10
C GLN A 479 -3.47 14.77 11.04
N GLY A 480 -3.41 15.88 11.79
CA GLY A 480 -4.48 16.32 12.72
C GLY A 480 -4.57 15.41 13.93
N ILE A 481 -3.42 15.10 14.54
CA ILE A 481 -3.30 14.18 15.71
C ILE A 481 -3.28 15.03 16.99
N LYS A 482 -4.14 14.69 17.94
CA LYS A 482 -4.24 15.34 19.27
C LYS A 482 -2.97 15.03 20.06
N TYR A 483 -2.68 13.75 20.27
CA TYR A 483 -1.44 13.31 20.95
C TYR A 483 -1.04 11.90 20.50
N ILE A 484 0.26 11.60 20.67
CA ILE A 484 0.87 10.25 20.51
C ILE A 484 1.40 9.81 21.87
N ASN A 485 1.34 8.51 22.16
CA ASN A 485 1.79 7.93 23.45
C ASN A 485 2.43 6.58 23.17
N PRO A 486 3.75 6.42 23.45
CA PRO A 486 4.42 5.13 23.25
C PRO A 486 3.69 4.03 24.04
N THR A 487 3.58 2.84 23.46
CA THR A 487 3.05 1.64 24.15
C THR A 487 4.15 1.06 25.03
N ALA A 488 3.78 0.35 26.09
CA ALA A 488 4.71 -0.44 26.95
C ALA A 488 5.41 -1.48 26.07
N LYS A 489 4.72 -2.05 25.09
CA LYS A 489 5.28 -3.03 24.11
C LYS A 489 6.45 -2.39 23.36
N ALA A 490 6.27 -1.16 22.86
CA ALA A 490 7.28 -0.40 22.08
C ALA A 490 8.48 -0.08 22.99
N ALA A 491 8.23 0.35 24.22
CA ALA A 491 9.26 0.78 25.20
C ALA A 491 10.08 -0.43 25.68
N LYS A 492 9.41 -1.57 25.86
CA LYS A 492 10.03 -2.85 26.32
C LYS A 492 10.93 -3.37 25.19
N GLU A 493 10.44 -3.32 23.95
CA GLU A 493 11.18 -3.75 22.74
C GLU A 493 12.44 -2.88 22.57
N TRP A 494 12.32 -1.55 22.75
CA TRP A 494 13.48 -0.61 22.71
C TRP A 494 14.48 -0.98 23.82
N LYS A 495 14.00 -1.17 25.04
CA LYS A 495 14.84 -1.59 26.20
C LYS A 495 15.58 -2.89 25.84
N ALA A 496 14.88 -3.87 25.28
CA ALA A 496 15.48 -5.14 24.80
C ALA A 496 16.61 -4.82 23.80
N LYS A 497 16.36 -3.92 22.84
CA LYS A 497 17.37 -3.48 21.84
C LYS A 497 18.56 -2.83 22.56
N ILE A 498 18.31 -1.87 23.44
CA ILE A 498 19.37 -1.16 24.22
C ILE A 498 20.29 -2.21 24.85
N ASN A 499 19.70 -3.26 25.43
CA ASN A 499 20.43 -4.29 26.20
C ASN A 499 21.13 -5.26 25.25
N GLU A 500 20.53 -5.56 24.09
CA GLU A 500 21.12 -6.49 23.09
C GLU A 500 22.42 -5.89 22.53
N LEU A 501 22.45 -4.57 22.30
CA LEU A 501 23.62 -3.84 21.73
C LEU A 501 24.75 -3.80 22.76
N SER A 502 24.41 -3.46 24.01
CA SER A 502 25.34 -3.30 25.17
C SER A 502 25.90 -4.65 25.61
N ASP A 503 25.11 -5.73 25.52
CA ASP A 503 25.47 -7.08 26.05
C ASP A 503 26.48 -7.76 25.11
N LYS A 504 26.49 -7.41 23.83
CA LYS A 504 27.53 -7.86 22.85
C LYS A 504 28.90 -7.29 23.26
N THR A 505 28.91 -6.15 23.95
CA THR A 505 30.13 -5.36 24.26
C THR A 505 30.72 -5.82 25.59
N LEU A 506 31.87 -5.24 25.94
CA LEU A 506 32.59 -5.45 27.23
C LEU A 506 32.12 -4.45 28.27
N PHE A 507 31.06 -3.69 27.99
CA PHE A 507 30.49 -2.69 28.93
C PHE A 507 30.14 -3.41 30.23
N PRO A 508 30.30 -2.75 31.40
CA PRO A 508 29.98 -3.36 32.69
C PRO A 508 28.54 -3.87 32.73
N THR A 509 28.33 -4.99 33.41
CA THR A 509 27.00 -5.57 33.73
C THR A 509 26.91 -5.71 35.26
N THR A 510 25.74 -6.10 35.76
CA THR A 510 25.48 -6.25 37.23
C THR A 510 26.42 -7.33 37.80
N LYS A 511 26.91 -8.27 36.98
CA LYS A 511 27.87 -9.34 37.40
C LYS A 511 29.32 -8.84 37.39
N SER A 512 29.60 -7.64 36.86
CA SER A 512 30.97 -7.11 36.71
C SER A 512 31.53 -6.71 38.08
N THR A 513 32.84 -6.89 38.28
CA THR A 513 33.55 -6.53 39.54
C THR A 513 33.64 -5.00 39.63
N TYR A 514 33.99 -4.33 38.54
CA TYR A 514 33.96 -2.84 38.43
C TYR A 514 32.72 -2.40 37.63
N MET A 515 31.81 -1.68 38.29
CA MET A 515 30.57 -1.13 37.70
C MET A 515 30.58 0.39 37.90
N GLY A 516 31.20 1.12 36.97
CA GLY A 516 31.38 2.58 37.08
C GLY A 516 30.05 3.29 37.24
N GLY A 517 29.88 4.03 38.34
CA GLY A 517 28.69 4.86 38.61
C GLY A 517 27.54 4.07 39.20
N SER A 518 27.80 2.87 39.75
CA SER A 518 26.81 2.06 40.50
C SER A 518 26.41 2.81 41.77
N MET A 519 25.12 2.77 42.14
CA MET A 519 24.55 3.54 43.27
C MET A 519 23.79 2.61 44.21
N PRO A 520 23.72 2.93 45.53
CA PRO A 520 22.89 2.17 46.47
C PRO A 520 21.42 2.05 46.06
N GLY A 521 20.80 3.18 45.70
CA GLY A 521 19.35 3.27 45.42
C GLY A 521 18.90 2.30 44.34
N LYS A 522 19.41 2.48 43.10
CA LYS A 522 18.89 1.80 41.88
C LYS A 522 19.81 0.66 41.45
N VAL A 523 19.26 -0.25 40.64
CA VAL A 523 20.02 -1.33 39.95
C VAL A 523 20.84 -0.69 38.81
N PHE A 524 21.98 -1.30 38.50
CA PHE A 524 22.92 -0.88 37.44
C PHE A 524 22.44 -1.42 36.09
N GLU A 525 22.35 -0.54 35.09
CA GLU A 525 21.97 -0.91 33.69
C GLU A 525 22.61 0.08 32.72
N GLN A 526 22.93 -0.39 31.52
CA GLN A 526 23.34 0.48 30.39
C GLN A 526 22.24 1.52 30.18
N VAL A 527 22.62 2.79 30.05
CA VAL A 527 21.67 3.92 29.86
C VAL A 527 21.69 4.43 28.42
N ASN A 528 22.78 4.25 27.66
CA ASN A 528 22.92 4.80 26.29
C ASN A 528 22.60 3.74 25.24
N TYR A 529 22.11 4.18 24.07
CA TYR A 529 22.10 3.38 22.81
C TYR A 529 23.56 3.22 22.37
N ALA A 530 23.98 1.96 22.15
CA ALA A 530 25.39 1.57 21.90
C ALA A 530 25.60 1.19 20.43
N GLY A 531 24.58 1.34 19.58
CA GLY A 531 24.58 0.90 18.18
C GLY A 531 25.33 1.84 17.24
N GLY A 532 25.56 3.09 17.63
CA GLY A 532 26.20 4.13 16.80
C GLY A 532 25.18 5.10 16.22
N GLU A 533 25.62 6.30 15.84
CA GLU A 533 24.76 7.39 15.29
C GLU A 533 23.98 6.91 14.05
N TYR A 534 24.59 6.13 13.16
CA TYR A 534 23.98 5.76 11.87
C TYR A 534 22.85 4.76 12.10
N PRO A 535 23.07 3.61 12.77
CA PRO A 535 21.98 2.67 13.05
C PRO A 535 20.86 3.31 13.90
N TYR A 536 21.21 4.22 14.81
CA TYR A 536 20.24 4.97 15.66
C TYR A 536 19.33 5.79 14.73
N SER A 537 19.92 6.58 13.83
CA SER A 537 19.20 7.43 12.86
C SER A 537 18.19 6.57 12.08
N LYS A 538 18.58 5.37 11.67
CA LYS A 538 17.74 4.44 10.86
C LYS A 538 16.56 3.94 11.71
N GLU A 539 16.83 3.53 12.96
CA GLU A 539 15.81 3.04 13.93
C GLU A 539 14.71 4.09 14.06
N ILE A 540 15.08 5.32 14.45
CA ILE A 540 14.10 6.41 14.72
C ILE A 540 13.40 6.80 13.43
N ARG A 541 14.09 6.75 12.29
CA ARG A 541 13.53 7.21 10.99
C ARG A 541 12.43 6.25 10.50
N ALA A 542 12.61 4.95 10.71
CA ALA A 542 11.63 3.90 10.39
C ALA A 542 10.23 4.27 10.90
N VAL A 543 10.08 4.91 12.06
CA VAL A 543 8.76 5.03 12.75
C VAL A 543 7.96 6.22 12.21
N LEU A 544 8.56 7.15 11.45
CA LEU A 544 7.83 8.24 10.78
C LEU A 544 7.51 7.82 9.35
N PRO A 545 6.41 8.28 8.71
CA PRO A 545 5.41 9.14 9.35
C PRO A 545 4.20 8.44 10.02
N ASN A 546 4.27 7.11 10.17
CA ASN A 546 3.12 6.28 10.62
C ASN A 546 3.04 6.20 12.15
N PHE A 547 4.09 6.65 12.85
CA PHE A 547 4.20 6.63 14.33
C PHE A 547 4.04 5.20 14.86
N ASN A 548 4.76 4.26 14.23
CA ASN A 548 4.83 2.84 14.65
C ASN A 548 5.30 2.78 16.10
N GLY A 549 4.54 2.13 16.98
CA GLY A 549 4.85 1.97 18.41
C GLY A 549 4.18 3.03 19.27
N PHE A 550 3.36 3.91 18.70
CA PHE A 550 2.60 4.95 19.43
C PHE A 550 1.09 4.69 19.33
N ASP A 551 0.39 4.90 20.44
CA ASP A 551 -1.08 5.14 20.46
C ASP A 551 -1.30 6.51 19.80
N ILE A 552 -2.12 6.58 18.76
CA ILE A 552 -2.44 7.84 18.04
C ILE A 552 -3.89 8.23 18.35
N VAL A 553 -4.12 9.48 18.77
CA VAL A 553 -5.46 10.03 19.11
C VAL A 553 -5.70 11.29 18.28
N LYS A 554 -6.76 11.28 17.45
CA LYS A 554 -7.29 12.48 16.76
C LYS A 554 -8.45 13.03 17.60
N GLY B 18 62.28 -6.62 -18.33
CA GLY B 18 61.48 -7.55 -17.48
C GLY B 18 60.01 -7.60 -17.90
N ASN B 19 59.32 -6.46 -17.90
CA ASN B 19 57.83 -6.39 -17.86
C ASN B 19 57.21 -6.79 -19.20
N TYR B 20 57.87 -6.50 -20.33
CA TYR B 20 57.35 -6.78 -21.69
C TYR B 20 57.94 -8.11 -22.21
N ALA B 21 58.63 -8.86 -21.35
CA ALA B 21 59.19 -10.20 -21.64
C ALA B 21 58.06 -11.18 -22.00
N ASP B 22 58.41 -12.31 -22.62
CA ASP B 22 57.45 -13.32 -23.15
C ASP B 22 57.12 -14.38 -22.08
N GLU B 23 57.94 -14.49 -21.03
CA GLU B 23 57.75 -15.47 -19.93
C GLU B 23 57.81 -14.74 -18.59
N LEU B 24 56.90 -13.79 -18.37
CA LEU B 24 56.91 -12.86 -17.20
C LEU B 24 56.49 -13.62 -15.93
N ASP B 25 57.26 -13.48 -14.85
CA ASP B 25 57.02 -14.13 -13.54
C ASP B 25 56.79 -13.06 -12.46
N VAL B 26 55.55 -12.90 -12.00
CA VAL B 26 55.15 -11.88 -10.99
C VAL B 26 54.22 -12.52 -9.96
N ASP B 27 54.13 -11.92 -8.78
CA ASP B 27 53.19 -12.32 -7.69
C ASP B 27 51.77 -11.93 -8.10
N VAL B 28 51.61 -10.74 -8.69
CA VAL B 28 50.29 -10.12 -9.00
C VAL B 28 50.31 -9.60 -10.44
N LEU B 29 49.34 -10.01 -11.26
CA LEU B 29 49.13 -9.49 -12.64
C LEU B 29 47.83 -8.69 -12.65
N ILE B 30 47.92 -7.37 -12.87
CA ILE B 30 46.77 -6.44 -12.87
C ILE B 30 46.43 -6.07 -14.32
N VAL B 31 45.17 -6.26 -14.70
CA VAL B 31 44.63 -5.86 -16.04
C VAL B 31 43.97 -4.50 -15.88
N GLY B 32 44.44 -3.50 -16.63
CA GLY B 32 43.86 -2.14 -16.67
C GLY B 32 44.71 -1.15 -15.89
N ALA B 33 44.86 0.06 -16.44
CA ALA B 33 45.68 1.16 -15.86
C ALA B 33 44.82 2.42 -15.72
N GLY B 34 43.52 2.25 -15.48
CA GLY B 34 42.62 3.29 -14.95
C GLY B 34 42.74 3.35 -13.44
N PHE B 35 41.79 4.03 -12.77
CA PHE B 35 41.71 4.10 -11.28
C PHE B 35 41.85 2.70 -10.67
N GLY B 36 41.07 1.74 -11.17
CA GLY B 36 41.03 0.35 -10.68
C GLY B 36 42.44 -0.21 -10.58
N GLY B 37 43.12 -0.33 -11.72
CA GLY B 37 44.49 -0.87 -11.81
C GLY B 37 45.49 0.00 -11.05
N ILE B 38 45.36 1.32 -11.13
CA ILE B 38 46.34 2.27 -10.52
C ILE B 38 46.34 2.04 -9.01
N TYR B 39 45.15 2.02 -8.40
CA TYR B 39 44.96 1.90 -6.93
C TYR B 39 45.38 0.50 -6.47
N SER B 40 44.99 -0.53 -7.24
CA SER B 40 45.36 -1.95 -6.96
C SER B 40 46.88 -2.03 -6.84
N LEU B 41 47.61 -1.46 -7.82
CA LEU B 41 49.10 -1.45 -7.88
C LEU B 41 49.66 -0.69 -6.68
N TYR B 42 49.08 0.47 -6.36
CA TYR B 42 49.46 1.27 -5.17
C TYR B 42 49.44 0.36 -3.95
N GLU B 43 48.37 -0.41 -3.79
CA GLU B 43 48.15 -1.30 -2.61
C GLU B 43 49.12 -2.48 -2.66
N MET B 44 49.25 -3.13 -3.82
CA MET B 44 50.13 -4.30 -4.02
C MET B 44 51.55 -3.94 -3.58
N ARG B 45 52.02 -2.73 -3.93
CA ARG B 45 53.39 -2.25 -3.59
C ARG B 45 53.57 -2.25 -2.07
N LYS B 46 52.59 -1.76 -1.33
CA LYS B 46 52.63 -1.68 0.16
C LYS B 46 52.84 -3.10 0.74
N LEU B 47 52.32 -4.14 0.09
CA LEU B 47 52.50 -5.57 0.49
C LEU B 47 53.89 -6.07 0.09
N GLY B 48 54.66 -5.26 -0.65
CA GLY B 48 55.99 -5.64 -1.16
C GLY B 48 55.93 -6.77 -2.16
N LEU B 49 54.82 -6.91 -2.91
CA LEU B 49 54.66 -7.97 -3.94
C LEU B 49 55.12 -7.45 -5.30
N LYS B 50 55.66 -8.35 -6.14
CA LYS B 50 56.03 -8.06 -7.54
C LYS B 50 54.74 -8.00 -8.38
N ALA B 51 54.33 -6.79 -8.79
CA ALA B 51 53.08 -6.54 -9.54
C ALA B 51 53.40 -5.74 -10.81
N VAL B 52 52.73 -6.08 -11.92
CA VAL B 52 52.75 -5.29 -13.18
C VAL B 52 51.32 -5.20 -13.74
N ILE B 53 51.02 -4.09 -14.42
CA ILE B 53 49.74 -3.87 -15.13
C ILE B 53 49.93 -4.27 -16.59
N TYR B 54 49.06 -5.15 -17.10
CA TYR B 54 48.82 -5.37 -18.55
C TYR B 54 47.68 -4.43 -18.98
N GLU B 55 48.04 -3.36 -19.70
CA GLU B 55 47.09 -2.34 -20.22
C GLU B 55 47.03 -2.47 -21.75
N ALA B 56 45.83 -2.44 -22.32
CA ALA B 56 45.58 -2.58 -23.78
C ALA B 56 46.22 -1.40 -24.52
N GLY B 57 45.92 -0.17 -24.09
CA GLY B 57 46.45 1.08 -24.67
C GLY B 57 47.85 1.39 -24.21
N ASN B 58 48.35 2.60 -24.51
CA ASN B 58 49.78 2.99 -24.38
C ASN B 58 49.96 4.17 -23.43
N ASP B 59 48.99 4.42 -22.55
CA ASP B 59 49.13 5.38 -21.42
C ASP B 59 48.18 4.96 -20.29
N ILE B 60 48.36 5.51 -19.10
CA ILE B 60 47.50 5.26 -17.89
C ILE B 60 46.31 6.22 -17.94
N GLY B 61 45.16 5.81 -17.38
CA GLY B 61 43.96 6.66 -17.24
C GLY B 61 42.67 5.98 -17.67
N GLY B 62 42.74 4.80 -18.32
CA GLY B 62 41.56 3.99 -18.67
C GLY B 62 40.62 4.70 -19.64
N THR B 63 39.32 4.75 -19.31
CA THR B 63 38.25 5.34 -20.16
C THR B 63 38.67 6.72 -20.68
N TRP B 64 39.39 7.50 -19.85
CA TRP B 64 39.78 8.90 -20.15
C TRP B 64 40.94 8.95 -21.16
N ARG B 65 41.49 7.81 -21.55
CA ARG B 65 42.47 7.73 -22.66
C ARG B 65 41.76 7.33 -23.96
N TRP B 66 40.86 6.35 -23.90
CA TRP B 66 40.32 5.66 -25.11
C TRP B 66 38.90 6.16 -25.42
N ASN B 67 38.00 6.17 -24.43
CA ASN B 67 36.57 6.53 -24.63
C ASN B 67 36.42 8.05 -24.43
N CYS B 68 36.92 8.83 -25.39
CA CYS B 68 36.95 10.32 -25.34
C CYS B 68 36.48 10.94 -26.66
N TYR B 69 35.16 11.09 -26.75
CA TYR B 69 34.37 11.73 -27.83
C TYR B 69 34.25 13.23 -27.54
N PRO B 70 33.61 14.03 -28.43
CA PRO B 70 33.47 15.47 -28.22
C PRO B 70 32.57 15.83 -27.04
N GLY B 71 33.07 16.67 -26.12
CA GLY B 71 32.35 17.12 -24.92
C GLY B 71 32.33 16.08 -23.82
N ALA B 72 33.22 15.08 -23.90
CA ALA B 72 33.37 14.03 -22.85
C ALA B 72 33.88 14.68 -21.57
N GLY B 73 33.30 14.33 -20.43
CA GLY B 73 33.67 14.89 -19.11
C GLY B 73 33.07 14.13 -17.95
N VAL B 74 33.50 14.46 -16.73
CA VAL B 74 33.01 13.86 -15.46
C VAL B 74 31.63 14.45 -15.16
N ASP B 75 30.80 13.68 -14.45
CA ASP B 75 29.51 14.13 -13.86
C ASP B 75 29.62 14.03 -12.33
N SER B 76 30.76 13.58 -11.81
CA SER B 76 31.20 13.69 -10.39
C SER B 76 31.88 15.04 -10.18
N GLU B 77 31.53 15.75 -9.09
CA GLU B 77 32.05 17.10 -8.79
C GLU B 77 33.31 17.01 -7.93
N VAL B 78 34.32 17.82 -8.22
CA VAL B 78 35.57 17.95 -7.41
C VAL B 78 35.19 18.15 -5.95
N PRO B 79 35.87 17.49 -4.97
CA PRO B 79 36.95 16.53 -5.23
C PRO B 79 36.55 15.05 -5.12
N GLU B 80 35.32 14.70 -5.52
CA GLU B 80 34.76 13.33 -5.40
C GLU B 80 35.51 12.40 -6.34
N TYR B 81 35.78 12.86 -7.57
CA TYR B 81 36.29 12.03 -8.69
C TYR B 81 37.82 12.09 -8.74
N GLN B 82 38.47 11.49 -7.74
CA GLN B 82 39.95 11.35 -7.68
C GLN B 82 40.31 10.39 -6.55
N LEU B 83 41.56 9.91 -6.55
CA LEU B 83 42.09 8.98 -5.53
C LEU B 83 42.31 9.75 -4.23
N SER B 84 42.05 9.09 -3.10
CA SER B 84 42.21 9.65 -1.73
C SER B 84 43.67 9.54 -1.28
N ILE B 85 44.56 9.02 -2.12
CA ILE B 85 46.01 8.86 -1.79
C ILE B 85 46.60 10.26 -1.60
N PRO B 86 47.00 10.65 -0.37
CA PRO B 86 47.31 12.05 -0.08
C PRO B 86 48.42 12.65 -0.95
N GLU B 87 49.49 11.89 -1.21
CA GLU B 87 50.63 12.37 -2.05
C GLU B 87 50.13 12.76 -3.44
N THR B 88 49.00 12.22 -3.93
CA THR B 88 48.45 12.49 -5.29
C THR B 88 47.66 13.81 -5.33
N TRP B 89 47.00 14.21 -4.25
CA TRP B 89 46.19 15.46 -4.23
C TRP B 89 46.91 16.57 -3.46
N LYS B 90 48.05 16.26 -2.83
CA LYS B 90 48.83 17.24 -2.03
C LYS B 90 49.02 18.52 -2.84
N ASP B 91 49.59 18.40 -4.05
CA ASP B 91 49.99 19.55 -4.92
C ASP B 91 49.19 19.55 -6.23
N TRP B 92 47.99 18.95 -6.25
CA TRP B 92 47.07 18.97 -7.42
C TRP B 92 45.86 19.86 -7.13
N THR B 93 45.51 20.72 -8.08
CA THR B 93 44.25 21.51 -8.10
C THR B 93 43.62 21.38 -9.49
N TRP B 94 42.32 21.64 -9.59
CA TRP B 94 41.55 21.68 -10.86
C TRP B 94 41.23 23.15 -11.20
N SER B 95 40.91 23.43 -12.46
CA SER B 95 40.48 24.76 -12.95
C SER B 95 38.97 24.91 -12.84
N THR B 96 38.25 23.79 -12.91
CA THR B 96 36.76 23.70 -12.83
C THR B 96 36.37 22.62 -11.81
N ASN B 97 35.09 22.57 -11.44
CA ASN B 97 34.51 21.56 -10.50
C ASN B 97 34.00 20.34 -11.27
N TYR B 98 33.88 20.42 -12.60
CA TYR B 98 33.46 19.31 -13.50
C TYR B 98 34.47 19.21 -14.64
N PRO B 99 35.69 18.70 -14.38
CA PRO B 99 36.73 18.63 -15.40
C PRO B 99 36.36 17.77 -16.62
N ASN B 100 36.97 18.10 -17.76
CA ASN B 100 36.83 17.36 -19.05
C ASN B 100 37.95 16.30 -19.14
N TYR B 101 37.91 15.48 -20.19
CA TYR B 101 38.81 14.32 -20.37
C TYR B 101 40.27 14.79 -20.44
N GLU B 102 40.51 16.04 -20.85
CA GLU B 102 41.87 16.62 -20.97
C GLU B 102 42.40 16.95 -19.57
N ASP B 103 41.56 17.54 -18.72
CA ASP B 103 41.90 17.88 -17.32
C ASP B 103 42.23 16.59 -16.57
N LEU B 104 41.54 15.50 -16.89
CA LEU B 104 41.72 14.18 -16.22
C LEU B 104 43.05 13.55 -16.66
N ARG B 105 43.37 13.64 -17.96
CA ARG B 105 44.63 13.13 -18.53
C ARG B 105 45.81 13.82 -17.82
N LYS B 106 45.70 15.12 -17.54
CA LYS B 106 46.74 15.90 -16.80
C LYS B 106 46.81 15.42 -15.35
N TYR B 107 45.68 15.05 -14.74
CA TYR B 107 45.62 14.46 -13.37
C TYR B 107 46.37 13.13 -13.34
N PHE B 108 46.09 12.24 -14.30
CA PHE B 108 46.71 10.90 -14.40
C PHE B 108 48.21 11.04 -14.67
N ASP B 109 48.60 12.00 -15.50
CA ASP B 109 50.02 12.37 -15.69
C ASP B 109 50.60 12.72 -14.33
N HIS B 110 49.90 13.55 -13.56
CA HIS B 110 50.33 14.02 -12.22
C HIS B 110 50.48 12.84 -11.26
N VAL B 111 49.49 11.93 -11.24
CA VAL B 111 49.53 10.70 -10.40
C VAL B 111 50.82 9.94 -10.74
N ASP B 112 51.03 9.66 -12.03
CA ASP B 112 52.20 8.89 -12.53
C ASP B 112 53.50 9.55 -12.03
N LYS B 113 53.59 10.89 -12.13
CA LYS B 113 54.76 11.66 -11.64
C LYS B 113 55.04 11.28 -10.19
N VAL B 114 54.02 11.33 -9.34
CA VAL B 114 54.13 11.20 -7.86
C VAL B 114 54.38 9.74 -7.45
N LEU B 115 53.76 8.78 -8.14
CA LEU B 115 53.81 7.32 -7.79
C LEU B 115 54.72 6.55 -8.75
N ASP B 116 55.02 7.09 -9.93
CA ASP B 116 55.74 6.41 -11.04
C ASP B 116 55.02 5.09 -11.33
N ILE B 117 53.85 5.19 -11.98
CA ILE B 117 52.98 4.03 -12.34
C ILE B 117 53.55 3.32 -13.58
N LYS B 118 53.97 4.09 -14.59
CA LYS B 118 54.33 3.55 -15.95
C LYS B 118 55.44 2.51 -15.81
N LYS B 119 56.44 2.83 -14.99
CA LYS B 119 57.48 1.91 -14.45
C LYS B 119 56.96 0.45 -14.43
N ASP B 120 55.90 0.18 -13.68
CA ASP B 120 55.37 -1.19 -13.42
C ASP B 120 54.26 -1.54 -14.42
N CYS B 121 54.09 -0.76 -15.48
CA CYS B 121 53.11 -1.05 -16.57
C CYS B 121 53.79 -1.82 -17.70
N ALA B 122 52.99 -2.52 -18.50
CA ALA B 122 53.37 -3.15 -19.78
C ALA B 122 52.28 -2.83 -20.78
N PHE B 123 52.38 -1.67 -21.42
CA PHE B 123 51.38 -1.11 -22.37
C PHE B 123 51.26 -2.02 -23.59
N ASN B 124 50.20 -1.82 -24.38
CA ASN B 124 49.88 -2.65 -25.57
C ASN B 124 50.01 -4.13 -25.17
N SER B 125 49.32 -4.50 -24.08
CA SER B 125 49.17 -5.89 -23.59
C SER B 125 47.67 -6.22 -23.48
N VAL B 126 47.05 -6.62 -24.60
CA VAL B 126 45.61 -7.03 -24.63
C VAL B 126 45.53 -8.48 -24.19
N VAL B 127 44.93 -8.73 -23.01
CA VAL B 127 44.71 -10.09 -22.45
C VAL B 127 43.58 -10.76 -23.26
N VAL B 128 43.86 -11.94 -23.82
CA VAL B 128 42.93 -12.70 -24.70
C VAL B 128 42.74 -14.13 -24.17
N GLY B 129 43.61 -14.58 -23.24
CA GLY B 129 43.51 -15.90 -22.61
C GLY B 129 43.92 -15.85 -21.14
N ALA B 130 43.33 -16.73 -20.32
CA ALA B 130 43.69 -16.90 -18.90
C ALA B 130 43.22 -18.26 -18.38
N HIS B 131 44.16 -19.03 -17.82
CA HIS B 131 43.92 -20.37 -17.21
C HIS B 131 44.67 -20.43 -15.88
N PHE B 132 44.01 -20.91 -14.82
CA PHE B 132 44.66 -21.15 -13.50
C PHE B 132 45.22 -22.58 -13.47
N HIS B 133 46.50 -22.71 -13.14
CA HIS B 133 47.22 -24.00 -12.97
C HIS B 133 47.28 -24.34 -11.47
N THR B 134 46.54 -25.36 -11.04
CA THR B 134 46.28 -25.69 -9.61
C THR B 134 47.52 -26.29 -8.94
N VAL B 135 48.43 -26.95 -9.67
CA VAL B 135 49.64 -27.57 -9.06
C VAL B 135 50.68 -26.47 -8.81
N GLU B 136 50.85 -25.55 -9.75
CA GLU B 136 51.68 -24.32 -9.57
C GLU B 136 51.00 -23.42 -8.55
N GLY B 137 49.69 -23.29 -8.63
CA GLY B 137 48.90 -22.25 -7.94
C GLY B 137 49.11 -20.88 -8.58
N ARG B 138 49.10 -20.82 -9.91
CA ARG B 138 49.33 -19.57 -10.68
C ARG B 138 48.40 -19.50 -11.90
N TRP B 139 48.02 -18.28 -12.27
CA TRP B 139 47.41 -17.96 -13.58
C TRP B 139 48.50 -17.96 -14.66
N HIS B 140 48.21 -18.57 -15.80
CA HIS B 140 48.92 -18.38 -17.09
C HIS B 140 48.06 -17.41 -17.90
N ILE B 141 48.55 -16.18 -18.07
CA ILE B 141 47.80 -15.06 -18.71
C ILE B 141 48.47 -14.78 -20.06
N ARG B 142 47.66 -14.69 -21.12
CA ARG B 142 48.12 -14.71 -22.54
C ARG B 142 47.65 -13.42 -23.23
N THR B 143 48.58 -12.69 -23.85
CA THR B 143 48.29 -11.45 -24.61
C THR B 143 48.07 -11.80 -26.09
N ALA B 144 47.44 -10.89 -26.82
CA ALA B 144 47.11 -11.01 -28.25
C ALA B 144 48.38 -11.09 -29.10
N ASP B 145 49.51 -10.59 -28.61
CA ASP B 145 50.82 -10.61 -29.33
C ASP B 145 51.61 -11.87 -28.96
N GLY B 146 51.03 -12.77 -28.16
CA GLY B 146 51.56 -14.12 -27.89
C GLY B 146 52.43 -14.20 -26.64
N ARG B 147 52.60 -13.12 -25.90
CA ARG B 147 53.33 -13.11 -24.60
C ARG B 147 52.52 -13.91 -23.57
N THR B 148 53.20 -14.48 -22.57
CA THR B 148 52.60 -15.28 -21.48
C THR B 148 53.15 -14.80 -20.14
N ALA B 149 52.26 -14.42 -19.23
CA ALA B 149 52.56 -14.01 -17.85
C ALA B 149 52.10 -15.10 -16.89
N ARG B 150 52.87 -15.34 -15.82
CA ARG B 150 52.54 -16.27 -14.71
C ARG B 150 52.38 -15.44 -13.44
N ALA B 151 51.24 -15.60 -12.74
CA ALA B 151 50.90 -14.81 -11.54
C ALA B 151 50.12 -15.67 -10.54
N LYS B 152 50.51 -15.60 -9.26
CA LYS B 152 49.77 -16.23 -8.14
C LYS B 152 48.42 -15.52 -7.98
N TYR B 153 48.40 -14.20 -8.13
CA TYR B 153 47.21 -13.32 -7.96
C TYR B 153 46.90 -12.59 -9.27
N PHE B 154 45.62 -12.54 -9.61
CA PHE B 154 45.12 -12.03 -10.92
C PHE B 154 44.00 -11.02 -10.64
N ILE B 155 44.29 -9.72 -10.76
CA ILE B 155 43.34 -8.61 -10.47
C ILE B 155 42.87 -8.01 -11.79
N ILE B 156 41.56 -7.98 -12.03
CA ILE B 156 40.93 -7.51 -13.30
C ILE B 156 40.20 -6.19 -13.06
N ALA B 157 40.87 -5.07 -13.36
CA ALA B 157 40.30 -3.71 -13.33
C ALA B 157 40.03 -3.28 -14.78
N ALA B 158 39.15 -4.00 -15.46
CA ALA B 158 38.86 -3.85 -16.91
C ALA B 158 37.67 -2.92 -17.13
N GLY B 159 36.99 -2.50 -16.06
CA GLY B 159 35.85 -1.56 -16.12
C GLY B 159 34.65 -2.16 -16.80
N PHE B 160 33.49 -1.47 -16.72
CA PHE B 160 32.20 -1.89 -17.31
C PHE B 160 32.20 -1.62 -18.82
N ALA B 161 33.01 -0.66 -19.29
CA ALA B 161 32.92 -0.03 -20.62
C ALA B 161 33.91 -0.67 -21.62
N ALA B 162 34.19 -1.97 -21.48
CA ALA B 162 35.20 -2.69 -22.28
C ALA B 162 34.60 -3.12 -23.63
N LYS B 163 33.61 -4.02 -23.61
CA LYS B 163 32.94 -4.52 -24.84
C LYS B 163 31.84 -3.55 -25.24
N ARG B 164 32.08 -2.78 -26.32
CA ARG B 164 31.12 -1.81 -26.90
C ARG B 164 30.00 -2.59 -27.59
N TYR B 165 28.82 -1.97 -27.74
CA TYR B 165 27.66 -2.54 -28.47
C TYR B 165 27.31 -1.63 -29.65
N ILE B 166 27.23 -2.22 -30.84
CA ILE B 166 26.67 -1.62 -32.07
C ILE B 166 25.60 -2.58 -32.58
N PRO B 167 24.35 -2.13 -32.82
CA PRO B 167 23.29 -3.02 -33.28
C PRO B 167 23.69 -3.78 -34.55
N GLU B 168 23.00 -4.87 -34.86
CA GLU B 168 23.26 -5.67 -36.09
C GLU B 168 22.84 -4.82 -37.30
N TRP B 169 23.70 -3.87 -37.69
CA TRP B 169 23.58 -3.02 -38.90
C TRP B 169 24.69 -3.40 -39.88
N PRO B 170 24.41 -4.21 -40.92
CA PRO B 170 25.45 -4.66 -41.82
C PRO B 170 26.09 -3.53 -42.65
N GLY B 171 25.30 -2.52 -43.02
CA GLY B 171 25.66 -1.53 -44.05
C GLY B 171 26.56 -0.41 -43.54
N ILE B 172 27.25 -0.60 -42.42
CA ILE B 172 28.19 0.41 -41.83
C ILE B 172 29.40 0.54 -42.77
N GLU B 173 29.78 -0.56 -43.42
CA GLU B 173 30.89 -0.62 -44.42
C GLU B 173 30.54 0.27 -45.62
N LYS B 174 29.28 0.20 -46.09
CA LYS B 174 28.78 0.94 -47.28
C LYS B 174 28.86 2.45 -47.03
N PHE B 175 28.67 2.91 -45.79
CA PHE B 175 28.60 4.35 -45.46
C PHE B 175 29.86 5.05 -45.98
N LYS B 176 29.69 6.17 -46.68
CA LYS B 176 30.78 6.93 -47.37
C LYS B 176 31.50 7.85 -46.36
N GLY B 177 30.75 8.48 -45.45
CA GLY B 177 31.26 9.51 -44.53
C GLY B 177 32.03 8.93 -43.35
N ILE B 178 32.14 9.71 -42.26
CA ILE B 178 32.87 9.32 -41.02
C ILE B 178 31.86 8.74 -40.02
N VAL B 179 32.10 7.50 -39.55
CA VAL B 179 31.23 6.80 -38.56
C VAL B 179 32.12 6.11 -37.51
N HIS B 180 31.78 6.28 -36.23
CA HIS B 180 32.44 5.62 -35.07
C HIS B 180 31.46 5.47 -33.90
N HIS B 181 31.69 4.47 -33.05
CA HIS B 181 31.10 4.37 -31.70
C HIS B 181 31.68 5.53 -30.86
N SER B 182 30.87 6.10 -29.97
CA SER B 182 31.29 7.14 -29.00
C SER B 182 32.56 6.70 -28.26
N SER B 183 32.70 5.40 -28.01
CA SER B 183 33.81 4.80 -27.21
C SER B 183 35.09 4.73 -28.04
N PHE B 184 34.99 4.77 -29.37
CA PHE B 184 36.13 4.52 -30.30
C PHE B 184 36.28 5.70 -31.27
N TRP B 185 36.29 6.93 -30.74
CA TRP B 185 36.37 8.20 -31.50
C TRP B 185 37.83 8.65 -31.58
N PRO B 186 38.34 9.15 -32.73
CA PRO B 186 39.75 9.54 -32.87
C PRO B 186 40.24 10.57 -31.85
N ASP B 187 41.55 10.55 -31.57
CA ASP B 187 42.24 11.44 -30.60
C ASP B 187 42.48 12.81 -31.26
N GLU B 188 42.22 12.92 -32.57
CA GLU B 188 42.31 14.17 -33.36
C GLU B 188 40.89 14.69 -33.61
N LYS B 189 40.64 15.95 -33.26
CA LYS B 189 39.33 16.65 -33.42
C LYS B 189 38.81 16.42 -34.84
N ILE B 190 37.54 16.01 -34.95
CA ILE B 190 36.79 15.90 -36.24
C ILE B 190 35.91 17.15 -36.36
N ASP B 191 36.37 18.18 -37.10
CA ASP B 191 35.60 19.43 -37.34
C ASP B 191 34.29 19.05 -38.04
N VAL B 192 33.19 19.73 -37.70
CA VAL B 192 31.82 19.39 -38.22
C VAL B 192 31.11 20.66 -38.72
N ARG B 193 31.79 21.81 -38.76
CA ARG B 193 31.24 23.06 -39.35
C ARG B 193 30.74 22.74 -40.77
N GLY B 194 29.51 23.14 -41.08
CA GLY B 194 28.86 22.97 -42.39
C GLY B 194 28.70 21.51 -42.80
N LYS B 195 28.81 20.56 -41.86
CA LYS B 195 28.56 19.11 -42.12
C LYS B 195 27.18 18.71 -41.60
N ARG B 196 26.54 17.76 -42.26
CA ARG B 196 25.33 17.05 -41.76
C ARG B 196 25.82 15.99 -40.78
N CYS B 197 25.43 16.09 -39.51
CA CYS B 197 25.87 15.19 -38.41
C CYS B 197 24.68 14.41 -37.85
N ALA B 198 24.92 13.17 -37.45
CA ALA B 198 23.94 12.28 -36.76
C ALA B 198 24.54 11.81 -35.43
N ILE B 199 23.73 11.86 -34.37
CA ILE B 199 24.02 11.16 -33.08
C ILE B 199 22.93 10.09 -32.91
N ILE B 200 23.33 8.82 -32.88
CA ILE B 200 22.41 7.67 -32.59
C ILE B 200 22.55 7.33 -31.09
N GLY B 201 21.47 7.56 -30.33
CA GLY B 201 21.41 7.28 -28.88
C GLY B 201 21.34 8.56 -28.05
N THR B 202 20.67 8.49 -26.91
CA THR B 202 20.42 9.62 -25.97
C THR B 202 20.88 9.24 -24.56
N GLY B 203 21.86 8.34 -24.43
CA GLY B 203 22.56 8.08 -23.16
C GLY B 203 23.44 9.26 -22.79
N ALA B 204 24.31 9.10 -21.78
CA ALA B 204 25.26 10.14 -21.35
C ALA B 204 26.18 10.51 -22.51
N SER B 205 26.65 9.53 -23.27
CA SER B 205 27.57 9.74 -24.42
C SER B 205 26.88 10.68 -25.42
N GLY B 206 25.71 10.27 -25.91
CA GLY B 206 24.90 11.02 -26.89
C GLY B 206 24.58 12.43 -26.43
N VAL B 207 24.23 12.59 -25.15
CA VAL B 207 23.83 13.91 -24.56
C VAL B 207 25.05 14.84 -24.59
N GLN B 208 26.25 14.32 -24.35
CA GLN B 208 27.50 15.13 -24.26
C GLN B 208 27.94 15.59 -25.66
N VAL B 209 27.79 14.73 -26.68
CA VAL B 209 28.18 15.04 -28.09
C VAL B 209 27.19 16.06 -28.68
N THR B 210 25.89 15.93 -28.36
CA THR B 210 24.83 16.91 -28.73
C THR B 210 25.23 18.32 -28.29
N GLN B 211 25.83 18.47 -27.11
CA GLN B 211 26.24 19.80 -26.59
C GLN B 211 27.50 20.26 -27.32
N ALA B 212 28.36 19.32 -27.70
CA ALA B 212 29.60 19.60 -28.48
C ALA B 212 29.22 20.05 -29.89
N TRP B 213 28.29 19.35 -30.55
CA TRP B 213 28.01 19.47 -32.01
C TRP B 213 26.88 20.46 -32.29
N GLY B 214 25.90 20.57 -31.40
CA GLY B 214 24.78 21.53 -31.55
C GLY B 214 25.28 22.89 -32.04
N PRO B 215 26.23 23.54 -31.32
CA PRO B 215 26.73 24.86 -31.70
C PRO B 215 27.66 24.95 -32.92
N GLU B 216 27.98 23.83 -33.57
CA GLU B 216 29.09 23.70 -34.56
C GLU B 216 28.59 23.13 -35.89
N ALA B 217 27.90 21.98 -35.87
CA ALA B 217 27.49 21.21 -37.06
C ALA B 217 26.60 22.06 -37.97
N GLY B 218 26.79 21.94 -39.30
CA GLY B 218 25.89 22.51 -40.31
C GLY B 218 24.46 22.06 -40.10
N GLU B 219 24.27 20.75 -39.95
CA GLU B 219 22.98 20.12 -39.57
C GLU B 219 23.25 19.00 -38.56
N LEU B 220 22.36 18.82 -37.60
CA LEU B 220 22.44 17.77 -36.54
C LEU B 220 21.09 17.09 -36.39
N LYS B 221 21.05 15.76 -36.54
CA LYS B 221 19.86 14.93 -36.21
C LYS B 221 20.24 13.92 -35.10
N VAL B 222 19.65 14.09 -33.92
CA VAL B 222 19.79 13.17 -32.75
C VAL B 222 18.67 12.14 -32.83
N PHE B 223 19.03 10.87 -33.06
CA PHE B 223 18.09 9.72 -33.12
C PHE B 223 17.86 9.20 -31.70
N GLN B 224 16.66 9.45 -31.15
CA GLN B 224 16.27 9.14 -29.75
C GLN B 224 15.24 8.00 -29.73
N ARG B 225 15.59 6.87 -29.10
CA ARG B 225 14.65 5.77 -28.82
C ARG B 225 13.98 6.04 -27.46
N THR B 226 14.79 6.28 -26.41
CA THR B 226 14.30 6.68 -25.07
C THR B 226 14.98 7.97 -24.64
N PRO B 227 14.22 9.00 -24.19
CA PRO B 227 14.82 10.24 -23.73
C PRO B 227 15.70 10.01 -22.49
N ASN B 228 16.81 10.74 -22.41
CA ASN B 228 17.61 10.87 -21.16
C ASN B 228 16.81 11.78 -20.22
N LEU B 229 16.72 11.39 -18.95
CA LEU B 229 16.13 12.23 -17.88
C LEU B 229 17.28 13.03 -17.25
N ALA B 230 17.87 13.93 -18.03
CA ALA B 230 19.12 14.65 -17.69
C ALA B 230 18.83 15.76 -16.68
N VAL B 231 19.82 16.10 -15.84
CA VAL B 231 19.70 17.06 -14.71
C VAL B 231 20.78 18.14 -14.85
N PRO B 232 20.54 19.37 -14.36
CA PRO B 232 21.48 20.47 -14.55
C PRO B 232 22.80 20.28 -13.78
N MET B 233 23.92 20.31 -14.51
CA MET B 233 25.30 20.44 -13.98
C MET B 233 25.58 21.91 -13.70
N ARG B 234 25.97 22.25 -12.47
CA ARG B 234 26.40 23.62 -12.05
C ARG B 234 27.92 23.72 -12.14
N LYS B 235 28.43 23.85 -13.36
CA LYS B 235 29.87 24.01 -13.67
C LYS B 235 30.28 25.44 -13.33
N ARG B 236 31.45 25.60 -12.70
CA ARG B 236 32.07 26.92 -12.40
C ARG B 236 33.59 26.74 -12.38
N SER B 237 34.34 27.85 -12.28
CA SER B 237 35.82 27.84 -12.12
C SER B 237 36.15 27.59 -10.65
N LEU B 238 37.31 26.98 -10.37
CA LEU B 238 37.87 26.82 -9.00
C LEU B 238 39.23 27.54 -8.96
N THR B 239 39.40 28.46 -8.01
CA THR B 239 40.72 29.09 -7.69
C THR B 239 41.61 28.01 -7.06
N VAL B 240 42.93 28.17 -7.12
CA VAL B 240 43.90 27.32 -6.38
C VAL B 240 43.65 27.51 -4.89
N GLU B 241 43.39 28.76 -4.48
CA GLU B 241 43.28 29.21 -3.07
C GLU B 241 42.17 28.47 -2.34
N GLU B 242 40.99 28.31 -2.98
CA GLU B 242 39.78 27.73 -2.33
C GLU B 242 39.95 26.21 -2.17
N GLN B 243 40.73 25.59 -3.06
CA GLN B 243 41.07 24.13 -3.00
C GLN B 243 42.15 23.89 -1.93
N GLU B 244 43.11 24.79 -1.78
CA GLU B 244 44.20 24.68 -0.76
C GLU B 244 43.61 24.79 0.65
N GLY B 245 42.65 25.70 0.84
CA GLY B 245 42.01 25.96 2.15
C GLY B 245 41.16 24.79 2.61
N ALA B 246 40.55 24.05 1.67
CA ALA B 246 39.67 22.90 1.95
C ALA B 246 40.49 21.65 2.29
N LYS B 247 41.75 21.58 1.86
CA LYS B 247 42.58 20.34 1.87
C LYS B 247 42.90 19.89 3.30
N ALA B 248 42.80 20.78 4.27
CA ALA B 248 42.87 20.45 5.72
C ALA B 248 41.90 19.30 6.05
N PHE B 249 40.74 19.24 5.39
CA PHE B 249 39.67 18.24 5.64
C PHE B 249 39.38 17.35 4.41
N TYR B 250 40.29 17.28 3.44
CA TYR B 250 40.13 16.34 2.29
C TYR B 250 40.04 14.91 2.82
N PRO B 251 40.94 14.47 3.74
CA PRO B 251 40.86 13.12 4.30
C PRO B 251 39.48 12.73 4.87
N GLU B 252 38.80 13.67 5.54
CA GLU B 252 37.41 13.46 6.03
C GLU B 252 36.48 13.29 4.82
N LEU B 253 36.58 14.18 3.82
CA LEU B 253 35.70 14.15 2.63
C LEU B 253 35.86 12.79 1.92
N PHE B 254 37.08 12.27 1.79
CA PHE B 254 37.35 10.99 1.10
C PHE B 254 36.74 9.84 1.91
N ARG B 255 36.77 9.94 3.24
CA ARG B 255 36.10 8.96 4.13
C ARG B 255 34.57 9.11 4.02
N TYR B 256 34.07 10.34 4.05
CA TYR B 256 32.61 10.63 4.01
C TYR B 256 31.97 9.91 2.81
N ARG B 257 32.60 9.98 1.64
CA ARG B 257 31.94 9.46 0.40
C ARG B 257 31.71 7.95 0.51
N GLU B 258 32.44 7.22 1.37
CA GLU B 258 32.29 5.75 1.51
C GLU B 258 31.08 5.41 2.39
N LYS B 259 30.49 6.41 3.06
CA LYS B 259 29.30 6.21 3.94
C LYS B 259 28.03 6.57 3.17
N CYS B 260 28.15 7.20 1.99
CA CYS B 260 27.03 7.71 1.16
C CYS B 260 26.63 6.67 0.11
N PHE B 261 25.32 6.52 -0.15
CA PHE B 261 24.74 5.43 -0.96
C PHE B 261 25.55 5.23 -2.24
N ALA B 262 25.81 6.32 -2.98
CA ALA B 262 26.41 6.29 -4.34
C ALA B 262 27.86 6.77 -4.33
N GLY B 263 28.46 7.00 -3.16
CA GLY B 263 29.89 7.32 -3.04
C GLY B 263 30.20 8.77 -3.42
N PHE B 264 29.17 9.62 -3.49
CA PHE B 264 29.31 11.09 -3.64
C PHE B 264 29.39 11.74 -2.25
N LEU B 265 29.54 13.06 -2.20
CA LEU B 265 29.60 13.83 -0.93
C LEU B 265 28.18 14.18 -0.49
N TYR B 266 27.24 13.24 -0.63
CA TYR B 266 25.82 13.38 -0.19
C TYR B 266 25.13 12.03 -0.37
N THR B 267 23.98 11.86 0.31
CA THR B 267 23.18 10.61 0.31
C THR B 267 21.71 10.96 0.49
N TRP B 268 20.87 9.93 0.55
CA TRP B 268 19.39 10.04 0.62
C TRP B 268 18.97 11.08 1.67
N CYS B 269 17.88 11.78 1.39
CA CYS B 269 17.09 12.53 2.40
C CYS B 269 16.64 11.53 3.47
N GLU B 270 16.66 11.92 4.75
CA GLU B 270 16.17 11.07 5.86
C GLU B 270 14.65 10.95 5.76
N ARG B 271 13.99 11.84 5.01
CA ARG B 271 12.52 11.83 4.76
C ARG B 271 12.22 11.17 3.41
N GLY B 272 11.11 10.42 3.37
CA GLY B 272 10.43 9.99 2.12
C GLY B 272 9.49 11.07 1.62
N VAL B 273 9.01 10.93 0.38
CA VAL B 273 8.23 11.97 -0.36
C VAL B 273 7.03 12.43 0.47
N PHE B 274 6.20 11.51 0.97
CA PHE B 274 4.88 11.82 1.58
C PHE B 274 4.99 12.09 3.09
N GLU B 275 6.18 12.47 3.56
CA GLU B 275 6.36 13.11 4.90
C GLU B 275 6.24 14.63 4.74
N ASP B 276 6.34 15.14 3.51
CA ASP B 276 6.36 16.59 3.20
C ASP B 276 5.07 16.98 2.47
N SER B 277 4.56 18.17 2.78
CA SER B 277 3.43 18.85 2.08
C SER B 277 3.84 19.15 0.64
N GLU B 278 2.86 19.26 -0.25
CA GLU B 278 3.07 19.67 -1.68
C GLU B 278 4.08 20.83 -1.71
N GLU B 279 3.86 21.86 -0.88
CA GLU B 279 4.70 23.08 -0.84
C GLU B 279 6.10 22.74 -0.34
N GLU B 280 6.20 21.88 0.68
CA GLU B 280 7.51 21.47 1.27
C GLU B 280 8.31 20.71 0.21
N ARG B 281 7.64 19.88 -0.59
CA ARG B 281 8.26 19.07 -1.67
C ARG B 281 8.82 19.97 -2.76
N GLU B 282 8.04 20.96 -3.21
CA GLU B 282 8.44 21.94 -4.26
C GLU B 282 9.74 22.62 -3.83
N GLN B 283 9.80 23.06 -2.58
CA GLN B 283 10.95 23.85 -2.04
C GLN B 283 12.16 22.95 -1.87
N PHE B 284 11.94 21.66 -1.56
CA PHE B 284 12.99 20.64 -1.34
C PHE B 284 13.60 20.20 -2.67
N LEU B 285 12.75 19.94 -3.68
CA LEU B 285 13.18 19.52 -5.04
C LEU B 285 13.91 20.67 -5.74
N GLU B 286 13.52 21.91 -5.49
CA GLU B 286 14.17 23.13 -6.05
C GLU B 286 15.57 23.30 -5.46
N LYS B 287 15.68 23.11 -4.14
CA LYS B 287 16.96 23.11 -3.39
C LYS B 287 17.94 22.15 -4.06
N LEU B 288 17.53 20.89 -4.28
CA LEU B 288 18.36 19.85 -4.96
C LEU B 288 18.73 20.33 -6.36
N TRP B 289 17.75 20.83 -7.11
CA TRP B 289 17.89 21.27 -8.52
C TRP B 289 18.91 22.42 -8.61
N SER B 290 18.91 23.33 -7.62
CA SER B 290 19.81 24.51 -7.58
C SER B 290 21.24 24.06 -7.23
N ASP B 291 21.40 23.18 -6.23
CA ASP B 291 22.71 22.64 -5.79
C ASP B 291 23.35 21.90 -6.97
N GLY B 292 22.54 21.12 -7.72
CA GLY B 292 22.93 20.46 -8.98
C GLY B 292 23.64 19.15 -8.76
N GLY B 293 24.30 18.63 -9.79
CA GLY B 293 25.00 17.33 -9.76
C GLY B 293 24.01 16.18 -9.66
N PHE B 294 24.41 15.07 -9.03
CA PHE B 294 23.58 13.86 -8.85
C PHE B 294 22.70 13.96 -7.59
N ARG B 295 22.63 15.14 -6.96
CA ARG B 295 21.81 15.35 -5.74
C ARG B 295 20.35 14.97 -6.03
N TYR B 296 19.85 15.24 -7.24
CA TYR B 296 18.44 14.98 -7.60
C TYR B 296 18.22 13.47 -7.78
N TRP B 297 19.29 12.77 -8.16
CA TRP B 297 19.28 11.31 -8.40
C TRP B 297 19.42 10.55 -7.07
N VAL B 298 20.39 10.92 -6.22
CA VAL B 298 20.80 10.08 -5.05
C VAL B 298 20.94 10.88 -3.75
N ALA B 299 20.54 12.15 -3.70
CA ALA B 299 20.33 12.93 -2.44
C ALA B 299 18.87 13.36 -2.35
N ASN B 300 17.99 12.68 -3.10
CA ASN B 300 16.54 12.98 -3.18
C ASN B 300 15.84 12.29 -2.01
N TYR B 301 14.50 12.29 -1.99
CA TYR B 301 13.66 11.54 -1.03
C TYR B 301 14.02 10.05 -1.09
N LYS B 302 14.10 9.39 0.06
CA LYS B 302 14.75 8.06 0.21
C LYS B 302 13.90 6.96 -0.44
N ASP B 303 12.61 7.20 -0.70
CA ASP B 303 11.66 6.16 -1.16
C ASP B 303 11.35 6.29 -2.65
N TYR B 304 11.83 7.33 -3.34
CA TYR B 304 11.39 7.64 -4.73
C TYR B 304 11.76 6.48 -5.67
N LEU B 305 12.85 5.75 -5.41
CA LEU B 305 13.28 4.59 -6.25
C LEU B 305 12.53 3.32 -5.82
N TYR B 306 11.78 3.37 -4.71
CA TYR B 306 11.16 2.18 -4.06
C TYR B 306 9.63 2.23 -4.17
N ASP B 307 9.02 3.41 -4.32
CA ASP B 307 7.53 3.60 -4.38
C ASP B 307 7.17 4.33 -5.68
N ALA B 308 6.24 3.77 -6.46
CA ALA B 308 5.81 4.25 -7.78
C ALA B 308 5.16 5.63 -7.67
N LYS B 309 4.29 5.83 -6.68
CA LYS B 309 3.65 7.15 -6.40
C LYS B 309 4.73 8.15 -6.01
N ALA B 310 5.73 7.73 -5.24
CA ALA B 310 6.84 8.59 -4.77
C ALA B 310 7.73 8.98 -5.97
N ASN B 311 7.96 8.03 -6.88
CA ASN B 311 8.72 8.26 -8.14
C ASN B 311 8.01 9.31 -9.00
N ARG B 312 6.68 9.21 -9.13
CA ARG B 312 5.88 10.08 -10.05
C ARG B 312 6.02 11.56 -9.63
N VAL B 313 6.15 11.84 -8.33
CA VAL B 313 6.37 13.22 -7.81
C VAL B 313 7.72 13.73 -8.32
N VAL B 314 8.76 12.88 -8.27
CA VAL B 314 10.16 13.27 -8.62
C VAL B 314 10.24 13.47 -10.14
N TYR B 315 9.60 12.60 -10.92
CA TYR B 315 9.53 12.73 -12.40
C TYR B 315 8.78 14.02 -12.80
N ASP B 316 7.61 14.24 -12.21
CA ASP B 316 6.70 15.36 -12.57
C ASP B 316 7.43 16.69 -12.43
N PHE B 317 8.22 16.85 -11.36
CA PHE B 317 9.06 18.04 -11.11
C PHE B 317 10.11 18.17 -12.21
N TRP B 318 10.84 17.08 -12.50
CA TRP B 318 11.88 17.05 -13.56
C TRP B 318 11.29 17.50 -14.90
N ARG B 319 10.14 16.94 -15.28
CA ARG B 319 9.46 17.20 -16.58
C ARG B 319 9.15 18.69 -16.69
N LYS B 320 8.62 19.30 -15.62
CA LYS B 320 8.23 20.73 -15.59
C LYS B 320 9.47 21.61 -15.84
N LYS B 321 10.58 21.31 -15.17
CA LYS B 321 11.84 22.12 -15.19
C LYS B 321 12.50 22.07 -16.57
N VAL B 322 12.51 20.90 -17.19
CA VAL B 322 13.08 20.67 -18.55
C VAL B 322 12.27 21.47 -19.56
N ARG B 323 10.94 21.39 -19.52
CA ARG B 323 10.03 21.98 -20.54
C ARG B 323 10.10 23.51 -20.52
N GLU B 324 10.48 24.12 -19.40
CA GLU B 324 10.72 25.59 -19.30
C GLU B 324 11.77 26.01 -20.33
N ARG B 325 12.62 25.07 -20.77
CA ARG B 325 13.85 25.34 -21.56
C ARG B 325 13.65 24.96 -23.03
N ILE B 326 12.72 24.05 -23.33
CA ILE B 326 12.37 23.62 -24.72
C ILE B 326 11.23 24.52 -25.22
N ASN B 327 11.23 24.86 -26.51
CA ASN B 327 10.31 25.88 -27.10
C ASN B 327 9.19 25.17 -27.87
N ASP B 328 9.53 24.30 -28.82
CA ASP B 328 8.54 23.59 -29.66
C ASP B 328 7.86 22.50 -28.83
N PRO B 329 6.51 22.50 -28.71
CA PRO B 329 5.81 21.49 -27.91
C PRO B 329 5.93 20.06 -28.46
N LYS B 330 6.17 19.89 -29.76
CA LYS B 330 6.50 18.57 -30.35
C LYS B 330 7.74 18.02 -29.64
N ASP B 331 8.77 18.87 -29.46
CA ASP B 331 10.06 18.54 -28.80
C ASP B 331 9.83 18.30 -27.30
N GLN B 332 8.99 19.10 -26.66
CA GLN B 332 8.67 19.02 -25.20
C GLN B 332 8.12 17.62 -24.86
N GLU B 333 7.26 17.06 -25.71
CA GLU B 333 6.65 15.73 -25.47
C GLU B 333 7.73 14.64 -25.61
N LEU B 334 8.50 14.66 -26.69
CA LEU B 334 9.54 13.64 -27.00
C LEU B 334 10.59 13.61 -25.88
N LEU B 335 11.08 14.78 -25.47
CA LEU B 335 12.24 14.93 -24.55
C LEU B 335 11.79 14.74 -23.11
N ALA B 336 10.60 15.27 -22.76
CA ALA B 336 10.00 15.24 -21.41
C ALA B 336 8.56 14.75 -21.49
N PRO B 337 8.31 13.45 -21.81
CA PRO B 337 6.95 12.94 -21.97
C PRO B 337 6.08 12.97 -20.70
N SER B 338 4.83 13.42 -20.84
CA SER B 338 3.76 13.39 -19.81
C SER B 338 3.82 12.07 -19.03
N GLU B 339 3.67 10.96 -19.77
CA GLU B 339 3.75 9.58 -19.23
C GLU B 339 5.21 9.14 -19.26
N PRO B 340 5.83 8.87 -18.09
CA PRO B 340 7.25 8.48 -18.04
C PRO B 340 7.55 7.21 -18.82
N PRO B 341 8.67 7.16 -19.58
CA PRO B 341 9.05 5.96 -20.33
C PRO B 341 9.53 4.85 -19.38
N HIS B 342 10.13 5.25 -18.27
CA HIS B 342 10.53 4.37 -17.14
C HIS B 342 10.48 5.21 -15.87
N PRO B 343 10.46 4.58 -14.67
CA PRO B 343 10.53 5.33 -13.42
C PRO B 343 11.77 6.23 -13.43
N TRP B 344 11.65 7.47 -12.94
CA TRP B 344 12.81 8.42 -12.89
C TRP B 344 13.96 7.76 -12.15
N GLY B 345 15.19 7.89 -12.68
CA GLY B 345 16.44 7.50 -11.98
C GLY B 345 16.75 6.03 -12.14
N VAL B 346 15.87 5.25 -12.76
CA VAL B 346 16.07 3.79 -12.97
C VAL B 346 17.02 3.57 -14.16
N LYS B 347 17.28 4.63 -14.94
CA LYS B 347 18.41 4.72 -15.92
C LYS B 347 19.33 5.87 -15.48
N ARG B 348 20.64 5.77 -15.70
CA ARG B 348 21.60 6.79 -15.22
C ARG B 348 21.20 8.14 -15.81
N PRO B 349 20.88 9.16 -14.98
CA PRO B 349 20.65 10.51 -15.50
C PRO B 349 22.01 11.13 -15.87
N CYS B 350 22.06 11.78 -17.03
CA CYS B 350 23.25 12.53 -17.52
C CYS B 350 23.29 13.91 -16.86
N LEU B 351 24.48 14.45 -16.60
CA LEU B 351 24.67 15.88 -16.26
C LEU B 351 24.80 16.67 -17.56
N GLU B 352 23.97 17.69 -17.72
CA GLU B 352 23.89 18.52 -18.94
C GLU B 352 23.97 19.98 -18.53
N TYR B 353 24.51 20.83 -19.41
CA TYR B 353 24.64 22.29 -19.20
C TYR B 353 23.66 23.01 -20.14
N ASP B 354 23.64 22.68 -21.43
CA ASP B 354 22.72 23.32 -22.41
C ASP B 354 22.21 22.29 -23.43
N TYR B 355 22.07 21.03 -23.03
CA TYR B 355 21.61 19.91 -23.89
C TYR B 355 20.24 20.28 -24.49
N TYR B 356 19.32 20.77 -23.65
CA TYR B 356 17.91 21.03 -24.06
C TYR B 356 17.85 22.26 -24.99
N GLU B 357 18.67 23.29 -24.74
CA GLU B 357 18.76 24.49 -25.61
C GLU B 357 19.13 24.10 -27.04
N GLN B 358 19.93 23.06 -27.24
CA GLN B 358 20.41 22.62 -28.58
C GLN B 358 19.24 22.37 -29.52
N PHE B 359 18.12 21.86 -29.01
CA PHE B 359 16.93 21.47 -29.83
C PHE B 359 16.11 22.72 -30.18
N ASN B 360 16.38 23.84 -29.50
CA ASN B 360 15.80 25.18 -29.80
C ASN B 360 16.53 25.82 -31.00
N ARG B 361 17.73 25.33 -31.36
CA ARG B 361 18.50 25.81 -32.53
C ARG B 361 17.73 25.48 -33.81
N PRO B 362 17.73 26.37 -34.83
CA PRO B 362 17.11 26.09 -36.13
C PRO B 362 17.61 24.83 -36.87
N ASN B 363 18.89 24.49 -36.69
CA ASN B 363 19.61 23.46 -37.49
C ASN B 363 19.67 22.11 -36.74
N VAL B 364 19.02 22.01 -35.58
CA VAL B 364 19.03 20.77 -34.75
C VAL B 364 17.61 20.21 -34.68
N ASP B 365 17.43 18.95 -35.10
CA ASP B 365 16.11 18.26 -35.08
C ASP B 365 16.25 16.92 -34.35
N LEU B 366 15.19 16.54 -33.63
CA LEU B 366 15.07 15.27 -32.86
C LEU B 366 14.25 14.28 -33.69
N VAL B 367 14.75 13.05 -33.87
CA VAL B 367 14.07 11.96 -34.64
C VAL B 367 13.61 10.86 -33.66
N ASP B 368 12.30 10.74 -33.44
CA ASP B 368 11.70 9.63 -32.65
C ASP B 368 11.82 8.34 -33.46
N ILE B 369 12.59 7.37 -32.98
CA ILE B 369 12.73 6.02 -33.60
C ILE B 369 12.17 4.94 -32.65
N LYS B 370 11.52 5.36 -31.55
CA LYS B 370 10.88 4.48 -30.56
C LYS B 370 10.03 3.43 -31.29
N ASP B 371 9.19 3.88 -32.24
CA ASP B 371 8.30 3.03 -33.06
C ASP B 371 8.89 2.86 -34.46
N ASN B 372 9.74 3.80 -34.91
CA ASN B 372 10.30 3.85 -36.29
C ASN B 372 11.82 3.61 -36.23
N SER B 373 12.24 2.37 -35.99
CA SER B 373 13.65 1.98 -35.68
C SER B 373 14.55 2.11 -36.91
N ILE B 374 15.85 2.33 -36.67
CA ILE B 374 16.94 2.31 -37.68
C ILE B 374 17.06 0.89 -38.23
N VAL B 375 16.80 0.69 -39.52
CA VAL B 375 16.87 -0.64 -40.19
C VAL B 375 18.34 -0.97 -40.43
N ASP B 376 19.10 -0.03 -41.01
CA ASP B 376 20.51 -0.24 -41.44
C ASP B 376 21.14 1.11 -41.84
N PHE B 377 22.44 1.11 -42.12
CA PHE B 377 23.17 2.20 -42.82
C PHE B 377 23.08 1.99 -44.34
N THR B 378 22.88 3.07 -45.09
CA THR B 378 23.05 3.15 -46.57
C THR B 378 24.37 3.87 -46.87
N GLU B 379 24.79 3.92 -48.13
CA GLU B 379 26.05 4.56 -48.59
C GLU B 379 26.08 6.03 -48.14
N LYS B 380 24.93 6.71 -48.20
CA LYS B 380 24.81 8.19 -48.04
C LYS B 380 24.54 8.55 -46.56
N GLY B 381 23.97 7.62 -45.80
CA GLY B 381 23.60 7.83 -44.38
C GLY B 381 22.94 6.62 -43.76
N ILE B 382 21.73 6.77 -43.21
CA ILE B 382 20.96 5.67 -42.54
C ILE B 382 19.50 5.66 -43.01
N LYS B 383 18.84 4.53 -42.79
CA LYS B 383 17.47 4.19 -43.27
C LYS B 383 16.62 3.72 -42.09
N LEU B 384 15.41 4.29 -41.93
CA LEU B 384 14.43 3.92 -40.87
C LEU B 384 13.42 2.91 -41.42
N GLN B 385 12.64 2.28 -40.53
CA GLN B 385 11.69 1.17 -40.83
C GLN B 385 10.73 1.57 -41.95
N ASP B 386 10.19 2.80 -41.90
CA ASP B 386 9.19 3.31 -42.88
C ASP B 386 9.89 3.72 -44.19
N GLY B 387 11.19 3.44 -44.33
CA GLY B 387 11.96 3.62 -45.58
C GLY B 387 12.57 5.02 -45.69
N THR B 388 12.26 5.93 -44.77
CA THR B 388 12.87 7.29 -44.69
C THR B 388 14.39 7.14 -44.62
N GLU B 389 15.10 7.84 -45.50
CA GLU B 389 16.60 7.87 -45.53
C GLU B 389 17.08 9.26 -45.12
N TYR B 390 18.17 9.31 -44.36
CA TYR B 390 18.84 10.57 -43.90
C TYR B 390 20.27 10.58 -44.42
N GLU B 391 20.69 11.70 -45.02
CA GLU B 391 22.05 11.92 -45.57
C GLU B 391 22.93 12.54 -44.48
N PHE B 392 24.10 11.96 -44.23
CA PHE B 392 25.07 12.47 -43.22
C PHE B 392 26.50 12.40 -43.74
N ASP B 393 27.33 13.31 -43.23
CA ASP B 393 28.79 13.37 -43.47
C ASP B 393 29.51 12.76 -42.25
N VAL B 394 29.02 13.04 -41.03
CA VAL B 394 29.62 12.57 -39.76
C VAL B 394 28.52 11.94 -38.87
N VAL B 395 28.74 10.70 -38.44
CA VAL B 395 27.83 9.97 -37.51
C VAL B 395 28.61 9.60 -36.24
N CYS B 396 27.99 9.80 -35.06
CA CYS B 396 28.41 9.22 -33.75
C CYS B 396 27.39 8.16 -33.35
N ILE B 397 27.82 6.90 -33.26
CA ILE B 397 27.01 5.77 -32.73
C ILE B 397 27.20 5.70 -31.21
N ALA B 398 26.24 6.24 -30.46
CA ALA B 398 26.26 6.34 -28.98
C ALA B 398 25.28 5.32 -28.40
N THR B 399 25.46 4.05 -28.75
CA THR B 399 24.51 2.94 -28.46
C THR B 399 25.01 2.09 -27.27
N GLY B 400 26.01 2.57 -26.52
CA GLY B 400 26.44 1.99 -25.22
C GLY B 400 27.23 0.71 -25.37
N PHE B 401 27.22 -0.15 -24.34
CA PHE B 401 28.09 -1.36 -24.21
C PHE B 401 27.30 -2.59 -23.75
N ASP B 402 27.98 -3.75 -23.76
CA ASP B 402 27.58 -4.98 -23.02
C ASP B 402 27.97 -4.79 -21.54
N ILE B 403 27.25 -3.91 -20.85
CA ILE B 403 27.78 -3.12 -19.69
C ILE B 403 28.06 -4.05 -18.49
N THR B 404 29.21 -3.80 -17.83
CA THR B 404 29.75 -4.43 -16.59
C THR B 404 30.29 -5.83 -16.90
N THR B 405 29.43 -6.73 -17.39
CA THR B 405 29.78 -8.13 -17.75
C THR B 405 30.86 -8.15 -18.84
N GLY B 406 30.70 -7.33 -19.88
CA GLY B 406 31.45 -7.36 -21.16
C GLY B 406 32.94 -7.56 -21.01
N GLY B 407 33.59 -6.81 -20.11
CA GLY B 407 35.05 -6.81 -19.92
C GLY B 407 35.59 -8.18 -19.56
N MET B 408 35.05 -8.77 -18.48
CA MET B 408 35.54 -10.05 -17.88
C MET B 408 35.24 -11.23 -18.80
N THR B 409 34.19 -11.14 -19.61
CA THR B 409 33.74 -12.21 -20.54
C THR B 409 34.36 -12.03 -21.93
N SER B 410 35.36 -11.17 -22.09
CA SER B 410 35.98 -10.87 -23.40
C SER B 410 37.52 -10.89 -23.33
N MET B 411 38.10 -11.55 -22.32
CA MET B 411 39.57 -11.78 -22.24
C MET B 411 39.85 -13.27 -22.06
N GLY B 412 38.93 -14.13 -22.56
CA GLY B 412 39.11 -15.59 -22.61
C GLY B 412 39.52 -16.18 -21.28
N LEU B 413 38.78 -15.89 -20.21
CA LEU B 413 39.00 -16.48 -18.86
C LEU B 413 38.39 -17.88 -18.85
N HIS B 414 39.10 -18.85 -18.29
CA HIS B 414 38.61 -20.25 -18.13
C HIS B 414 38.70 -20.66 -16.66
N SER B 415 37.60 -21.18 -16.11
CA SER B 415 37.53 -21.81 -14.77
C SER B 415 38.39 -23.07 -14.76
N ILE B 416 38.80 -23.53 -13.58
CA ILE B 416 39.58 -24.78 -13.40
C ILE B 416 38.78 -25.97 -13.96
N HIS B 417 37.48 -25.81 -14.20
CA HIS B 417 36.58 -26.82 -14.82
C HIS B 417 36.81 -26.91 -16.33
N GLY B 418 37.49 -25.93 -16.92
CA GLY B 418 37.73 -25.86 -18.38
C GLY B 418 36.68 -25.01 -19.08
N ASP B 419 35.50 -24.83 -18.45
CA ASP B 419 34.42 -23.95 -18.95
C ASP B 419 34.95 -22.51 -19.03
N SER B 420 34.50 -21.73 -20.00
CA SER B 420 34.84 -20.29 -20.19
C SER B 420 33.83 -19.43 -19.45
N LEU B 421 34.26 -18.27 -18.93
CA LEU B 421 33.39 -17.30 -18.22
C LEU B 421 32.33 -16.76 -19.18
N LYS B 422 32.68 -16.54 -20.45
CA LYS B 422 31.73 -16.05 -21.50
C LYS B 422 30.55 -17.02 -21.61
N GLU B 423 30.82 -18.33 -21.67
CA GLU B 423 29.78 -19.39 -21.86
C GLU B 423 28.92 -19.48 -20.60
N GLU B 424 29.55 -19.68 -19.44
CA GLU B 424 28.89 -19.78 -18.10
C GLU B 424 27.86 -18.65 -17.92
N TRP B 425 28.29 -17.40 -18.15
CA TRP B 425 27.53 -16.16 -17.78
C TRP B 425 26.49 -15.80 -18.85
N LYS B 426 26.36 -16.57 -19.94
CA LYS B 426 25.30 -16.33 -20.95
C LYS B 426 23.93 -16.33 -20.24
N SER B 427 23.69 -17.32 -19.38
CA SER B 427 22.41 -17.55 -18.66
C SER B 427 22.35 -16.68 -17.39
N GLY B 428 23.42 -15.97 -17.06
CA GLY B 428 23.44 -14.97 -15.98
C GLY B 428 24.77 -14.94 -15.24
N ALA B 429 25.22 -13.73 -14.87
CA ALA B 429 26.48 -13.48 -14.13
C ALA B 429 26.33 -13.97 -12.68
N PHE B 430 27.31 -14.74 -12.21
CA PHE B 430 27.43 -15.24 -10.81
C PHE B 430 28.81 -14.84 -10.28
N THR B 431 28.85 -14.01 -9.24
CA THR B 431 30.08 -13.61 -8.52
C THR B 431 29.88 -13.88 -7.04
N TYR B 432 30.94 -13.78 -6.25
CA TYR B 432 30.88 -13.72 -4.77
C TYR B 432 31.51 -12.38 -4.35
N LEU B 433 30.71 -11.53 -3.69
CA LEU B 433 31.09 -10.20 -3.17
C LEU B 433 31.27 -9.19 -4.32
N GLY B 434 30.93 -9.57 -5.55
CA GLY B 434 31.21 -8.76 -6.75
C GLY B 434 32.69 -8.44 -6.84
N MET B 435 33.54 -9.41 -6.47
CA MET B 435 35.02 -9.28 -6.48
C MET B 435 35.70 -10.61 -6.77
N THR B 436 34.96 -11.71 -6.84
CA THR B 436 35.49 -13.07 -7.10
C THR B 436 34.42 -13.87 -7.83
N VAL B 437 34.84 -14.93 -8.53
CA VAL B 437 33.96 -15.86 -9.30
C VAL B 437 34.32 -17.29 -8.89
N SER B 438 33.33 -18.12 -8.53
CA SER B 438 33.53 -19.54 -8.19
C SER B 438 34.06 -20.26 -9.43
N GLY B 439 35.17 -20.98 -9.30
CA GLY B 439 35.86 -21.69 -10.39
C GLY B 439 37.13 -20.97 -10.82
N TYR B 440 37.35 -19.76 -10.30
CA TYR B 440 38.44 -18.84 -10.73
C TYR B 440 39.28 -18.47 -9.51
N PRO B 441 40.10 -19.43 -9.01
CA PRO B 441 40.88 -19.19 -7.80
C PRO B 441 41.76 -17.94 -7.93
N ASN B 442 41.95 -17.21 -6.85
CA ASN B 442 42.90 -16.06 -6.76
C ASN B 442 42.63 -15.03 -7.86
N MET B 443 41.40 -14.98 -8.38
CA MET B 443 41.00 -13.96 -9.37
C MET B 443 40.05 -12.96 -8.71
N PHE B 444 40.48 -11.70 -8.67
CA PHE B 444 39.76 -10.54 -8.07
C PHE B 444 39.36 -9.58 -9.19
N HIS B 445 38.21 -8.90 -9.06
CA HIS B 445 37.81 -7.85 -10.02
C HIS B 445 37.25 -6.63 -9.30
N LEU B 446 37.67 -5.44 -9.74
CA LEU B 446 37.19 -4.12 -9.25
C LEU B 446 36.16 -3.56 -10.22
N TYR B 447 35.16 -2.87 -9.70
CA TYR B 447 34.22 -2.03 -10.49
C TYR B 447 33.67 -2.86 -11.64
N GLY B 448 33.16 -4.05 -11.31
CA GLY B 448 32.62 -5.02 -12.28
C GLY B 448 31.29 -5.58 -11.79
N PRO B 449 30.86 -6.75 -12.31
CA PRO B 449 29.56 -7.32 -11.93
C PRO B 449 29.42 -7.44 -10.41
N HIS B 450 28.25 -7.07 -9.90
CA HIS B 450 27.74 -7.42 -8.54
C HIS B 450 28.43 -6.56 -7.46
N GLY B 451 29.18 -5.53 -7.85
CA GLY B 451 29.64 -4.45 -6.96
C GLY B 451 28.74 -3.24 -7.11
N PRO B 452 28.91 -2.17 -6.31
CA PRO B 452 28.08 -0.97 -6.45
C PRO B 452 28.20 -0.38 -7.87
N THR B 453 29.38 -0.49 -8.47
CA THR B 453 29.72 -0.20 -9.89
C THR B 453 28.84 0.93 -10.46
N LEU B 454 27.82 0.61 -11.26
CA LEU B 454 27.10 1.63 -12.08
C LEU B 454 26.22 2.55 -11.22
N LEU B 455 25.84 2.12 -10.01
CA LEU B 455 25.09 2.95 -9.03
C LEU B 455 26.05 3.56 -8.01
N SER B 456 27.25 3.96 -8.45
CA SER B 456 28.31 4.47 -7.54
C SER B 456 29.29 5.39 -8.28
N ASN B 457 29.90 6.32 -7.52
CA ASN B 457 31.10 7.09 -7.90
C ASN B 457 32.27 6.10 -8.07
N GLY B 458 32.84 6.05 -9.27
CA GLY B 458 33.94 5.14 -9.64
C GLY B 458 35.05 5.07 -8.60
N PRO B 459 35.77 6.18 -8.30
CA PRO B 459 36.91 6.13 -7.39
C PRO B 459 36.58 5.67 -5.96
N THR B 460 35.36 5.90 -5.46
CA THR B 460 34.88 5.39 -4.14
C THR B 460 34.89 3.86 -4.16
N THR B 461 34.09 3.26 -5.04
CA THR B 461 33.92 1.80 -5.19
C THR B 461 35.28 1.13 -5.37
N VAL B 462 36.15 1.77 -6.15
CA VAL B 462 37.49 1.23 -6.51
C VAL B 462 38.33 1.07 -5.24
N GLU B 463 38.34 2.08 -4.37
CA GLU B 463 39.19 2.08 -3.15
C GLU B 463 38.62 1.07 -2.15
N ILE B 464 37.30 1.06 -1.96
CA ILE B 464 36.63 0.10 -1.02
C ILE B 464 37.05 -1.30 -1.43
N GLN B 465 36.82 -1.63 -2.71
CA GLN B 465 37.09 -2.97 -3.29
C GLN B 465 38.60 -3.21 -3.33
N GLY B 466 39.37 -2.17 -3.65
CA GLY B 466 40.85 -2.21 -3.70
C GLY B 466 41.45 -2.65 -2.37
N ARG B 467 41.09 -1.94 -1.29
CA ARG B 467 41.56 -2.21 0.09
C ARG B 467 41.21 -3.65 0.50
N TRP B 468 40.01 -4.14 0.14
CA TRP B 468 39.55 -5.53 0.46
C TRP B 468 40.42 -6.56 -0.28
N ILE B 469 40.62 -6.38 -1.58
CA ILE B 469 41.49 -7.27 -2.39
C ILE B 469 42.89 -7.30 -1.75
N ALA B 470 43.45 -6.13 -1.45
CA ALA B 470 44.79 -6.00 -0.81
C ALA B 470 44.79 -6.73 0.54
N ASP B 471 43.74 -6.55 1.34
CA ASP B 471 43.62 -7.19 2.67
C ASP B 471 43.54 -8.70 2.46
N ALA B 472 42.69 -9.18 1.55
CA ALA B 472 42.50 -10.61 1.21
C ALA B 472 43.87 -11.21 0.85
N ILE B 473 44.59 -10.57 -0.07
CA ILE B 473 45.90 -11.07 -0.59
C ILE B 473 46.93 -11.05 0.54
N LYS B 474 46.91 -10.02 1.39
CA LYS B 474 47.84 -9.92 2.55
C LYS B 474 47.63 -11.13 3.47
N GLN B 475 46.36 -11.48 3.70
CA GLN B 475 45.94 -12.54 4.67
C GLN B 475 46.32 -13.92 4.13
N MET B 476 46.20 -14.14 2.82
CA MET B 476 46.61 -15.41 2.18
C MET B 476 48.12 -15.62 2.39
N GLU B 477 48.92 -14.57 2.19
CA GLU B 477 50.39 -14.58 2.43
C GLU B 477 50.66 -14.89 3.91
N ARG B 478 50.02 -14.17 4.82
CA ARG B 478 50.22 -14.30 6.29
C ARG B 478 49.89 -15.73 6.72
N GLN B 479 48.75 -16.27 6.27
CA GLN B 479 48.21 -17.58 6.71
C GLN B 479 48.76 -18.71 5.83
N GLY B 480 49.61 -18.37 4.84
CA GLY B 480 50.31 -19.34 3.97
C GLY B 480 49.33 -20.13 3.13
N ILE B 481 48.31 -19.47 2.59
CA ILE B 481 47.27 -20.07 1.70
C ILE B 481 47.79 -20.04 0.26
N LYS B 482 47.67 -21.16 -0.44
CA LYS B 482 48.10 -21.32 -1.86
C LYS B 482 47.11 -20.59 -2.74
N TYR B 483 45.82 -20.88 -2.62
CA TYR B 483 44.74 -20.12 -3.31
C TYR B 483 43.40 -20.28 -2.60
N ILE B 484 42.47 -19.37 -2.91
CA ILE B 484 41.06 -19.33 -2.41
C ILE B 484 40.12 -19.46 -3.60
N ASN B 485 38.95 -20.06 -3.40
CA ASN B 485 37.98 -20.34 -4.49
C ASN B 485 36.58 -20.22 -3.89
N PRO B 486 35.80 -19.18 -4.27
CA PRO B 486 34.41 -19.08 -3.82
C PRO B 486 33.66 -20.39 -4.08
N THR B 487 32.89 -20.84 -3.09
CA THR B 487 31.96 -22.00 -3.22
C THR B 487 30.81 -21.57 -4.13
N ALA B 488 30.13 -22.53 -4.76
CA ALA B 488 28.92 -22.30 -5.58
C ALA B 488 27.82 -21.71 -4.69
N LYS B 489 27.68 -22.26 -3.48
CA LYS B 489 26.72 -21.82 -2.43
C LYS B 489 26.89 -20.32 -2.16
N ALA B 490 28.10 -19.89 -1.79
CA ALA B 490 28.43 -18.48 -1.42
C ALA B 490 28.10 -17.54 -2.58
N ALA B 491 28.34 -17.95 -3.83
CA ALA B 491 28.02 -17.18 -5.05
C ALA B 491 26.50 -17.16 -5.26
N LYS B 492 25.84 -18.28 -4.98
CA LYS B 492 24.37 -18.47 -5.13
C LYS B 492 23.63 -17.61 -4.10
N GLU B 493 24.19 -17.43 -2.90
CA GLU B 493 23.58 -16.63 -1.81
C GLU B 493 23.85 -15.14 -2.08
N TRP B 494 24.99 -14.84 -2.69
CA TRP B 494 25.33 -13.45 -3.11
C TRP B 494 24.41 -13.02 -4.25
N LYS B 495 24.12 -13.92 -5.19
CA LYS B 495 23.20 -13.67 -6.34
C LYS B 495 21.82 -13.30 -5.80
N ALA B 496 21.35 -14.03 -4.80
CA ALA B 496 20.02 -13.84 -4.14
C ALA B 496 19.96 -12.47 -3.46
N LYS B 497 21.06 -12.00 -2.87
CA LYS B 497 21.12 -10.66 -2.20
C LYS B 497 21.04 -9.57 -3.27
N ILE B 498 21.78 -9.71 -4.36
CA ILE B 498 21.77 -8.75 -5.51
C ILE B 498 20.33 -8.65 -6.02
N ASN B 499 19.69 -9.80 -6.28
CA ASN B 499 18.29 -9.89 -6.78
C ASN B 499 17.32 -9.28 -5.78
N GLU B 500 17.48 -9.61 -4.50
CA GLU B 500 16.61 -9.15 -3.39
C GLU B 500 16.67 -7.62 -3.29
N LEU B 501 17.87 -7.03 -3.27
CA LEU B 501 18.07 -5.56 -3.15
C LEU B 501 17.43 -4.84 -4.34
N SER B 502 17.57 -5.40 -5.55
CA SER B 502 17.04 -4.85 -6.82
C SER B 502 15.51 -4.96 -6.85
N ASP B 503 14.96 -6.10 -6.44
CA ASP B 503 13.51 -6.41 -6.53
C ASP B 503 12.71 -5.51 -5.58
N LYS B 504 13.36 -4.87 -4.61
CA LYS B 504 12.73 -3.87 -3.70
C LYS B 504 12.63 -2.51 -4.39
N THR B 505 13.44 -2.25 -5.41
CA THR B 505 13.47 -0.99 -6.19
C THR B 505 12.56 -1.10 -7.42
N LEU B 506 12.43 0.00 -8.17
CA LEU B 506 11.68 0.07 -9.45
C LEU B 506 12.61 -0.24 -10.63
N PHE B 507 13.86 -0.70 -10.37
CA PHE B 507 14.87 -1.07 -11.40
C PHE B 507 14.37 -2.22 -12.28
N PRO B 508 13.76 -3.29 -11.71
CA PRO B 508 13.31 -4.43 -12.52
C PRO B 508 12.17 -4.15 -13.53
N THR B 509 11.85 -2.88 -13.79
CA THR B 509 10.66 -2.45 -14.58
C THR B 509 11.02 -2.05 -16.01
N THR B 510 12.30 -1.83 -16.34
CA THR B 510 12.76 -1.36 -17.67
C THR B 510 14.14 -1.94 -18.01
N LYS B 511 14.38 -2.29 -19.28
CA LYS B 511 15.65 -2.88 -19.76
C LYS B 511 16.73 -1.78 -19.79
N SER B 512 17.29 -1.46 -18.61
CA SER B 512 18.35 -0.44 -18.42
C SER B 512 19.74 -1.10 -18.47
N THR B 513 20.80 -0.29 -18.33
CA THR B 513 22.21 -0.73 -18.13
C THR B 513 22.28 -1.68 -16.93
N TYR B 514 21.55 -1.35 -15.86
CA TYR B 514 21.57 -2.06 -14.55
C TYR B 514 20.90 -3.43 -14.70
N MET B 515 19.91 -3.54 -15.60
CA MET B 515 19.12 -4.79 -15.83
C MET B 515 19.65 -5.54 -17.06
N GLY B 516 20.98 -5.57 -17.25
CA GLY B 516 21.65 -6.26 -18.37
C GLY B 516 22.33 -5.29 -19.31
N GLY B 517 21.54 -4.66 -20.19
CA GLY B 517 21.96 -3.65 -21.21
C GLY B 517 20.76 -3.30 -22.09
N SER B 518 20.95 -2.41 -23.08
CA SER B 518 19.93 -2.08 -24.11
C SER B 518 19.83 -3.23 -25.11
N MET B 519 20.97 -3.83 -25.49
CA MET B 519 21.09 -4.93 -26.49
C MET B 519 20.09 -6.03 -26.16
N PRO B 520 19.32 -6.51 -27.18
CA PRO B 520 18.19 -7.42 -26.94
C PRO B 520 18.59 -8.83 -26.48
N GLY B 521 19.78 -9.30 -26.88
CA GLY B 521 20.21 -10.70 -26.73
C GLY B 521 20.45 -11.11 -25.29
N LYS B 522 20.51 -10.16 -24.35
CA LYS B 522 21.04 -10.38 -22.98
C LYS B 522 19.93 -10.80 -22.02
N VAL B 523 20.26 -11.63 -21.02
CA VAL B 523 19.38 -12.00 -19.88
C VAL B 523 18.99 -10.72 -19.12
N PHE B 524 17.76 -10.68 -18.60
CA PHE B 524 17.18 -9.52 -17.87
C PHE B 524 17.35 -9.69 -16.36
N GLU B 525 18.48 -9.22 -15.81
CA GLU B 525 18.79 -9.32 -14.36
C GLU B 525 19.72 -8.18 -13.94
N GLN B 526 19.56 -7.70 -12.71
CA GLN B 526 20.40 -6.64 -12.09
C GLN B 526 21.85 -7.13 -12.08
N VAL B 527 22.79 -6.25 -12.42
CA VAL B 527 24.24 -6.58 -12.55
C VAL B 527 25.05 -5.85 -11.48
N ASN B 528 24.49 -4.84 -10.83
CA ASN B 528 25.13 -4.09 -9.72
C ASN B 528 24.52 -4.50 -8.38
N TYR B 529 25.30 -4.34 -7.30
CA TYR B 529 24.81 -4.29 -5.89
C TYR B 529 24.06 -2.97 -5.71
N ALA B 530 22.77 -3.01 -5.35
CA ALA B 530 21.88 -1.83 -5.27
C ALA B 530 21.61 -1.43 -3.82
N GLY B 531 22.46 -1.82 -2.87
CA GLY B 531 22.27 -1.57 -1.43
C GLY B 531 23.11 -0.40 -0.93
N GLY B 532 23.94 0.20 -1.79
CA GLY B 532 24.77 1.37 -1.42
C GLY B 532 26.11 0.97 -0.85
N GLU B 533 27.02 1.93 -0.70
CA GLU B 533 28.45 1.71 -0.39
C GLU B 533 28.62 1.15 1.04
N TYR B 534 27.92 1.72 2.02
CA TYR B 534 28.08 1.36 3.45
C TYR B 534 27.68 -0.10 3.65
N PRO B 535 26.44 -0.53 3.31
CA PRO B 535 26.09 -1.94 3.40
C PRO B 535 27.08 -2.84 2.64
N TYR B 536 27.47 -2.45 1.43
CA TYR B 536 28.43 -3.20 0.59
C TYR B 536 29.73 -3.42 1.37
N SER B 537 30.24 -2.35 1.99
CA SER B 537 31.50 -2.34 2.79
C SER B 537 31.40 -3.37 3.92
N LYS B 538 30.23 -3.47 4.56
CA LYS B 538 29.99 -4.37 5.72
C LYS B 538 29.88 -5.81 5.23
N GLU B 539 29.23 -6.01 4.07
CA GLU B 539 29.05 -7.35 3.45
C GLU B 539 30.44 -7.97 3.24
N ILE B 540 31.33 -7.23 2.60
CA ILE B 540 32.66 -7.72 2.14
C ILE B 540 33.61 -7.79 3.32
N ARG B 541 33.44 -6.92 4.32
CA ARG B 541 34.39 -6.83 5.46
C ARG B 541 34.16 -8.00 6.42
N ALA B 542 32.96 -8.57 6.44
CA ALA B 542 32.55 -9.65 7.36
C ALA B 542 33.30 -10.95 7.05
N VAL B 543 33.76 -11.14 5.80
CA VAL B 543 34.36 -12.43 5.34
C VAL B 543 35.87 -12.47 5.62
N LEU B 544 36.47 -11.39 6.13
CA LEU B 544 37.92 -11.37 6.48
C LEU B 544 38.07 -11.29 7.99
N PRO B 545 39.08 -11.95 8.60
CA PRO B 545 40.15 -12.62 7.85
C PRO B 545 39.99 -14.13 7.61
N ASN B 546 38.81 -14.69 7.90
CA ASN B 546 38.59 -16.17 7.93
C ASN B 546 38.32 -16.73 6.52
N PHE B 547 38.04 -15.84 5.55
CA PHE B 547 37.63 -16.18 4.15
C PHE B 547 36.33 -16.99 4.20
N ASN B 548 35.31 -16.44 4.83
CA ASN B 548 33.95 -17.03 4.89
C ASN B 548 33.35 -17.06 3.48
N GLY B 549 33.01 -18.25 2.98
CA GLY B 549 32.39 -18.47 1.65
C GLY B 549 33.36 -19.06 0.63
N PHE B 550 34.64 -19.16 0.97
CA PHE B 550 35.74 -19.64 0.08
C PHE B 550 36.24 -21.02 0.52
N ASP B 551 36.60 -21.85 -0.45
CA ASP B 551 37.43 -23.06 -0.23
C ASP B 551 38.89 -22.62 -0.20
N ILE B 552 39.65 -23.10 0.79
CA ILE B 552 41.02 -22.63 1.10
C ILE B 552 41.99 -23.81 0.94
N VAL B 553 43.00 -23.63 0.09
CA VAL B 553 44.07 -24.64 -0.18
C VAL B 553 45.39 -24.07 0.36
N LYS B 554 46.06 -24.84 1.22
CA LYS B 554 47.30 -24.42 1.93
C LYS B 554 48.50 -24.99 1.18
N ARG B 555 49.72 -24.67 1.62
CA ARG B 555 51.01 -25.09 1.01
C ARG B 555 51.54 -26.33 1.74
N GLY C 18 -59.65 16.87 14.64
CA GLY C 18 -59.67 16.09 13.36
C GLY C 18 -59.16 14.68 13.57
N ASN C 19 -57.85 14.47 13.39
CA ASN C 19 -57.14 13.19 13.65
C ASN C 19 -57.25 12.83 15.13
N TYR C 20 -57.37 13.85 16.00
CA TYR C 20 -57.38 13.72 17.47
C TYR C 20 -58.81 13.58 18.03
N ALA C 21 -59.83 13.42 17.19
CA ALA C 21 -61.23 13.27 17.61
C ALA C 21 -61.42 11.91 18.29
N ASP C 22 -62.11 11.87 19.44
CA ASP C 22 -62.66 10.61 20.02
C ASP C 22 -63.54 9.98 18.93
N GLU C 23 -63.61 8.66 18.86
CA GLU C 23 -64.30 7.94 17.75
C GLU C 23 -63.83 8.51 16.41
N LEU C 24 -62.71 8.02 15.89
CA LEU C 24 -62.15 8.38 14.56
C LEU C 24 -62.50 7.29 13.55
N ASP C 25 -62.87 7.67 12.32
CA ASP C 25 -63.21 6.74 11.22
C ASP C 25 -62.20 6.93 10.08
N VAL C 26 -61.30 5.94 9.92
CA VAL C 26 -60.34 5.84 8.78
C VAL C 26 -60.48 4.44 8.16
N ASP C 27 -59.98 4.27 6.94
CA ASP C 27 -59.83 2.96 6.26
C ASP C 27 -58.66 2.21 6.93
N VAL C 28 -57.57 2.93 7.22
CA VAL C 28 -56.28 2.35 7.72
C VAL C 28 -55.78 3.15 8.92
N LEU C 29 -55.61 2.48 10.06
CA LEU C 29 -54.92 3.04 11.25
C LEU C 29 -53.51 2.42 11.32
N ILE C 30 -52.49 3.28 11.34
CA ILE C 30 -51.06 2.86 11.40
C ILE C 30 -50.52 3.26 12.77
N VAL C 31 -49.91 2.32 13.48
CA VAL C 31 -49.25 2.58 14.80
C VAL C 31 -47.76 2.78 14.55
N GLY C 32 -47.22 3.93 14.94
CA GLY C 32 -45.78 4.25 14.85
C GLY C 32 -45.50 5.13 13.65
N ALA C 33 -44.65 6.15 13.85
CA ALA C 33 -44.27 7.18 12.85
C ALA C 33 -42.75 7.11 12.61
N GLY C 34 -42.16 5.93 12.82
CA GLY C 34 -40.80 5.60 12.39
C GLY C 34 -40.78 5.30 10.90
N PHE C 35 -39.67 4.77 10.38
CA PHE C 35 -39.51 4.40 8.95
C PHE C 35 -40.74 3.61 8.47
N GLY C 36 -41.09 2.55 9.22
CA GLY C 36 -42.11 1.56 8.83
C GLY C 36 -43.49 2.18 8.72
N GLY C 37 -43.84 3.06 9.65
CA GLY C 37 -45.11 3.79 9.65
C GLY C 37 -45.15 4.82 8.52
N ILE C 38 -44.08 5.59 8.41
CA ILE C 38 -43.89 6.61 7.33
C ILE C 38 -44.11 5.93 5.98
N TYR C 39 -43.39 4.85 5.69
CA TYR C 39 -43.45 4.16 4.37
C TYR C 39 -44.87 3.61 4.15
N SER C 40 -45.43 2.98 5.18
CA SER C 40 -46.79 2.38 5.15
C SER C 40 -47.82 3.46 4.77
N LEU C 41 -47.70 4.66 5.34
CA LEU C 41 -48.61 5.81 5.06
C LEU C 41 -48.48 6.21 3.58
N TYR C 42 -47.24 6.43 3.12
CA TYR C 42 -46.94 6.79 1.71
C TYR C 42 -47.62 5.78 0.77
N GLU C 43 -47.59 4.50 1.14
CA GLU C 43 -48.14 3.37 0.33
C GLU C 43 -49.68 3.42 0.36
N MET C 44 -50.28 3.79 1.49
CA MET C 44 -51.77 3.81 1.68
C MET C 44 -52.37 4.99 0.90
N ARG C 45 -51.66 6.12 0.84
CA ARG C 45 -52.07 7.31 0.05
C ARG C 45 -52.21 6.93 -1.42
N LYS C 46 -51.27 6.15 -1.95
CA LYS C 46 -51.24 5.72 -3.37
C LYS C 46 -52.47 4.85 -3.68
N LEU C 47 -53.04 4.19 -2.67
CA LEU C 47 -54.29 3.39 -2.79
C LEU C 47 -55.51 4.31 -2.65
N GLY C 48 -55.32 5.54 -2.15
CA GLY C 48 -56.37 6.56 -2.00
C GLY C 48 -57.23 6.34 -0.78
N LEU C 49 -56.81 5.47 0.14
CA LEU C 49 -57.52 5.17 1.41
C LEU C 49 -57.21 6.28 2.43
N LYS C 50 -58.16 6.62 3.29
CA LYS C 50 -57.91 7.55 4.42
C LYS C 50 -57.15 6.76 5.49
N ALA C 51 -55.92 7.19 5.77
CA ALA C 51 -55.01 6.55 6.74
C ALA C 51 -54.50 7.60 7.72
N VAL C 52 -54.39 7.22 9.00
CA VAL C 52 -53.89 8.09 10.10
C VAL C 52 -52.88 7.30 10.91
N ILE C 53 -51.81 7.97 11.37
CA ILE C 53 -50.79 7.40 12.29
C ILE C 53 -51.12 7.83 13.73
N TYR C 54 -51.39 6.88 14.61
CA TYR C 54 -51.31 7.05 16.07
C TYR C 54 -49.85 6.84 16.47
N GLU C 55 -49.16 7.92 16.86
CA GLU C 55 -47.75 7.90 17.34
C GLU C 55 -47.75 8.25 18.83
N ALA C 56 -47.05 7.47 19.65
CA ALA C 56 -46.92 7.65 21.11
C ALA C 56 -46.28 9.01 21.44
N GLY C 57 -45.31 9.44 20.63
CA GLY C 57 -44.53 10.68 20.85
C GLY C 57 -45.08 11.86 20.06
N ASN C 58 -44.28 12.91 19.92
CA ASN C 58 -44.69 14.24 19.38
C ASN C 58 -43.97 14.56 18.06
N ASP C 59 -43.27 13.60 17.45
CA ASP C 59 -42.53 13.82 16.16
C ASP C 59 -42.43 12.52 15.36
N ILE C 60 -42.05 12.62 14.08
CA ILE C 60 -41.83 11.46 13.18
C ILE C 60 -40.34 11.08 13.24
N GLY C 61 -40.04 9.78 13.12
CA GLY C 61 -38.66 9.25 13.13
C GLY C 61 -38.47 8.06 14.06
N GLY C 62 -39.48 7.70 14.86
CA GLY C 62 -39.46 6.49 15.71
C GLY C 62 -38.22 6.41 16.59
N THR C 63 -37.52 5.27 16.52
CA THR C 63 -36.33 4.93 17.35
C THR C 63 -35.36 6.13 17.43
N TRP C 64 -35.27 6.94 16.38
CA TRP C 64 -34.28 8.05 16.23
C TRP C 64 -34.69 9.28 17.04
N ARG C 65 -35.85 9.25 17.69
CA ARG C 65 -36.30 10.30 18.65
C ARG C 65 -36.13 9.76 20.08
N TRP C 66 -36.75 8.62 20.38
CA TRP C 66 -37.00 8.18 21.77
C TRP C 66 -35.77 7.44 22.32
N ASN C 67 -35.01 6.73 21.48
CA ASN C 67 -34.06 5.67 21.90
C ASN C 67 -32.61 6.07 21.62
N CYS C 68 -32.26 7.35 21.77
CA CYS C 68 -30.90 7.90 21.47
C CYS C 68 -30.09 8.13 22.75
N TYR C 69 -28.77 8.11 22.61
CA TYR C 69 -27.76 8.07 23.71
C TYR C 69 -26.43 8.63 23.18
N PRO C 70 -25.41 8.84 24.05
CA PRO C 70 -24.12 9.36 23.61
C PRO C 70 -23.44 8.45 22.57
N GLY C 71 -23.12 9.01 21.40
CA GLY C 71 -22.45 8.30 20.30
C GLY C 71 -23.38 7.35 19.56
N ALA C 72 -24.68 7.70 19.49
CA ALA C 72 -25.71 6.93 18.78
C ALA C 72 -25.68 7.31 17.31
N GLY C 73 -25.45 6.32 16.44
CA GLY C 73 -25.44 6.49 14.98
C GLY C 73 -25.83 5.21 14.28
N VAL C 74 -25.97 5.25 12.95
CA VAL C 74 -26.29 4.08 12.09
C VAL C 74 -25.07 3.15 12.07
N ASP C 75 -25.30 1.85 11.84
CA ASP C 75 -24.25 0.87 11.45
C ASP C 75 -24.48 0.42 9.99
N SER C 76 -25.47 1.00 9.32
CA SER C 76 -25.70 0.88 7.86
C SER C 76 -25.05 2.08 7.16
N GLU C 77 -24.41 1.87 6.01
CA GLU C 77 -23.65 2.92 5.28
C GLU C 77 -24.55 3.58 4.23
N VAL C 78 -24.47 4.91 4.11
CA VAL C 78 -25.20 5.72 3.09
C VAL C 78 -24.91 5.11 1.72
N PRO C 79 -25.91 4.92 0.83
CA PRO C 79 -27.30 5.28 1.08
C PRO C 79 -28.24 4.10 1.44
N GLU C 80 -27.74 3.10 2.16
CA GLU C 80 -28.48 1.86 2.51
C GLU C 80 -29.64 2.20 3.46
N TYR C 81 -29.38 3.09 4.43
CA TYR C 81 -30.28 3.40 5.58
C TYR C 81 -31.10 4.67 5.29
N GLN C 82 -32.08 4.55 4.40
CA GLN C 82 -33.07 5.61 4.07
C GLN C 82 -34.10 5.03 3.10
N LEU C 83 -35.17 5.78 2.85
CA LEU C 83 -36.30 5.31 2.00
C LEU C 83 -35.94 5.48 0.52
N SER C 84 -36.40 4.55 -0.31
CA SER C 84 -36.13 4.48 -1.78
C SER C 84 -37.04 5.44 -2.55
N ILE C 85 -38.05 6.01 -1.88
CA ILE C 85 -39.00 7.00 -2.46
C ILE C 85 -38.17 8.13 -3.11
N PRO C 86 -38.20 8.26 -4.45
CA PRO C 86 -37.35 9.23 -5.16
C PRO C 86 -37.41 10.68 -4.64
N GLU C 87 -38.62 11.18 -4.35
CA GLU C 87 -38.89 12.60 -4.01
C GLU C 87 -38.30 12.94 -2.64
N THR C 88 -37.99 11.94 -1.79
CA THR C 88 -37.40 12.11 -0.44
C THR C 88 -35.89 12.41 -0.54
N TRP C 89 -35.15 11.66 -1.36
CA TRP C 89 -33.67 11.72 -1.43
C TRP C 89 -33.21 12.61 -2.59
N LYS C 90 -34.13 13.15 -3.40
CA LYS C 90 -33.81 14.01 -4.58
C LYS C 90 -32.91 15.17 -4.16
N ASP C 91 -33.38 16.01 -3.22
CA ASP C 91 -32.64 17.20 -2.72
C ASP C 91 -32.08 16.95 -1.32
N TRP C 92 -31.85 15.69 -0.92
CA TRP C 92 -31.25 15.37 0.40
C TRP C 92 -29.83 14.84 0.23
N THR C 93 -28.93 15.25 1.13
CA THR C 93 -27.51 14.81 1.19
C THR C 93 -27.06 14.72 2.65
N TRP C 94 -26.24 13.72 2.94
CA TRP C 94 -25.56 13.51 4.26
C TRP C 94 -24.24 14.27 4.26
N SER C 95 -23.70 14.53 5.46
CA SER C 95 -22.34 15.12 5.65
C SER C 95 -21.32 13.98 5.79
N THR C 96 -21.77 12.77 6.08
CA THR C 96 -20.93 11.58 6.35
C THR C 96 -21.63 10.29 5.88
N ASN C 97 -20.85 9.23 5.68
CA ASN C 97 -21.32 7.90 5.16
C ASN C 97 -22.02 7.14 6.29
N TYR C 98 -21.71 7.46 7.55
CA TYR C 98 -22.33 6.90 8.78
C TYR C 98 -22.87 8.04 9.63
N PRO C 99 -24.03 8.65 9.26
CA PRO C 99 -24.61 9.75 10.03
C PRO C 99 -25.10 9.33 11.42
N ASN C 100 -25.04 10.27 12.38
CA ASN C 100 -25.45 10.07 13.79
C ASN C 100 -26.95 10.38 13.93
N TYR C 101 -27.50 10.31 15.15
CA TYR C 101 -28.95 10.47 15.41
C TYR C 101 -29.41 11.90 15.05
N GLU C 102 -28.59 12.90 15.35
CA GLU C 102 -28.84 14.32 14.99
C GLU C 102 -29.12 14.45 13.50
N ASP C 103 -28.30 13.77 12.68
CA ASP C 103 -28.39 13.77 11.19
C ASP C 103 -29.70 13.11 10.74
N LEU C 104 -30.08 12.00 11.39
CA LEU C 104 -31.31 11.22 11.07
C LEU C 104 -32.55 12.07 11.40
N ARG C 105 -32.53 12.78 12.52
CA ARG C 105 -33.62 13.70 12.92
C ARG C 105 -33.80 14.74 11.80
N LYS C 106 -32.71 15.37 11.37
CA LYS C 106 -32.71 16.36 10.26
C LYS C 106 -33.22 15.69 8.97
N TYR C 107 -32.83 14.43 8.71
CA TYR C 107 -33.32 13.65 7.54
C TYR C 107 -34.85 13.53 7.65
N PHE C 108 -35.34 13.13 8.83
CA PHE C 108 -36.79 12.91 9.09
C PHE C 108 -37.58 14.22 8.96
N ASP C 109 -37.01 15.35 9.41
CA ASP C 109 -37.59 16.70 9.17
C ASP C 109 -37.85 16.86 7.66
N HIS C 110 -36.83 16.61 6.84
CA HIS C 110 -36.85 16.78 5.37
C HIS C 110 -37.87 15.84 4.73
N VAL C 111 -38.08 14.64 5.28
CA VAL C 111 -39.08 13.67 4.76
C VAL C 111 -40.47 14.28 4.95
N ASP C 112 -40.74 14.84 6.14
CA ASP C 112 -42.04 15.48 6.48
C ASP C 112 -42.23 16.71 5.59
N LYS C 113 -41.19 17.52 5.39
CA LYS C 113 -41.22 18.70 4.48
C LYS C 113 -41.72 18.25 3.10
N VAL C 114 -41.26 17.10 2.62
CA VAL C 114 -41.47 16.64 1.21
C VAL C 114 -42.81 15.91 1.09
N LEU C 115 -43.23 15.13 2.10
CA LEU C 115 -44.44 14.27 2.03
C LEU C 115 -45.56 14.78 2.97
N ASP C 116 -45.26 15.75 3.83
CA ASP C 116 -46.15 16.22 4.92
C ASP C 116 -46.80 15.02 5.61
N ILE C 117 -46.03 14.31 6.43
CA ILE C 117 -46.47 13.12 7.20
C ILE C 117 -47.35 13.60 8.37
N LYS C 118 -46.96 14.72 9.01
CA LYS C 118 -47.57 15.24 10.25
C LYS C 118 -49.08 15.47 10.05
N LYS C 119 -49.45 16.06 8.90
CA LYS C 119 -50.87 16.23 8.48
C LYS C 119 -51.71 15.02 8.93
N ASP C 120 -51.22 13.80 8.68
CA ASP C 120 -51.97 12.53 8.87
C ASP C 120 -51.51 11.83 10.16
N CYS C 121 -50.85 12.57 11.07
CA CYS C 121 -50.44 12.05 12.41
C CYS C 121 -51.39 12.58 13.49
N ALA C 122 -51.67 11.72 14.48
CA ALA C 122 -52.15 12.10 15.82
C ALA C 122 -51.05 11.73 16.83
N PHE C 123 -50.26 12.72 17.25
CA PHE C 123 -49.16 12.56 18.23
C PHE C 123 -49.78 12.37 19.62
N ASN C 124 -49.00 11.85 20.57
CA ASN C 124 -49.41 11.56 21.97
C ASN C 124 -50.60 10.59 21.95
N SER C 125 -50.64 9.72 20.94
CA SER C 125 -51.66 8.65 20.79
C SER C 125 -51.01 7.32 21.17
N VAL C 126 -50.93 7.02 22.46
CA VAL C 126 -50.38 5.72 22.99
C VAL C 126 -51.50 4.68 22.91
N VAL C 127 -51.39 3.74 21.96
CA VAL C 127 -52.38 2.64 21.78
C VAL C 127 -52.23 1.67 22.94
N VAL C 128 -53.29 1.48 23.74
CA VAL C 128 -53.29 0.60 24.95
C VAL C 128 -54.21 -0.61 24.74
N GLY C 129 -54.96 -0.66 23.64
CA GLY C 129 -55.92 -1.76 23.39
C GLY C 129 -56.44 -1.76 21.97
N ALA C 130 -56.64 -2.95 21.40
CA ALA C 130 -57.24 -3.17 20.07
C ALA C 130 -57.81 -4.58 19.99
N HIS C 131 -58.96 -4.71 19.32
CA HIS C 131 -59.60 -6.01 18.97
C HIS C 131 -60.54 -5.79 17.79
N PHE C 132 -60.75 -6.83 16.98
CA PHE C 132 -61.44 -6.77 15.67
C PHE C 132 -62.90 -7.20 15.85
N HIS C 133 -63.83 -6.34 15.41
CA HIS C 133 -65.29 -6.64 15.35
C HIS C 133 -65.61 -7.25 13.98
N THR C 134 -65.82 -8.57 13.98
CA THR C 134 -65.92 -9.42 12.77
C THR C 134 -67.21 -9.07 12.00
N VAL C 135 -68.29 -8.77 12.72
CA VAL C 135 -69.63 -8.43 12.14
C VAL C 135 -69.48 -7.12 11.36
N GLU C 136 -69.07 -6.05 12.05
CA GLU C 136 -68.77 -4.73 11.45
C GLU C 136 -67.66 -4.90 10.41
N GLY C 137 -66.72 -5.80 10.68
CA GLY C 137 -65.51 -6.03 9.86
C GLY C 137 -64.56 -4.86 9.97
N ARG C 138 -64.24 -4.45 11.19
CA ARG C 138 -63.47 -3.22 11.48
C ARG C 138 -62.69 -3.39 12.79
N TRP C 139 -61.49 -2.82 12.84
CA TRP C 139 -60.67 -2.71 14.08
C TRP C 139 -61.20 -1.56 14.93
N HIS C 140 -61.38 -1.80 16.23
CA HIS C 140 -61.58 -0.75 17.26
C HIS C 140 -60.26 -0.59 18.01
N ILE C 141 -59.64 0.59 17.91
CA ILE C 141 -58.27 0.88 18.46
C ILE C 141 -58.37 2.06 19.43
N ARG C 142 -58.05 1.84 20.70
CA ARG C 142 -58.22 2.82 21.80
C ARG C 142 -56.86 3.32 22.29
N THR C 143 -56.76 4.62 22.59
CA THR C 143 -55.54 5.28 23.11
C THR C 143 -55.59 5.30 24.65
N ALA C 144 -54.50 5.73 25.28
CA ALA C 144 -54.35 5.82 26.75
C ALA C 144 -55.21 6.97 27.29
N ASP C 145 -55.35 8.05 26.51
CA ASP C 145 -56.15 9.24 26.89
C ASP C 145 -57.61 9.08 26.47
N GLY C 146 -58.05 7.84 26.14
CA GLY C 146 -59.47 7.48 26.01
C GLY C 146 -60.01 7.62 24.58
N ARG C 147 -59.25 8.19 23.65
CA ARG C 147 -59.68 8.31 22.23
C ARG C 147 -59.75 6.91 21.60
N THR C 148 -60.65 6.74 20.62
CA THR C 148 -60.89 5.47 19.89
C THR C 148 -60.87 5.75 18.38
N ALA C 149 -60.34 4.81 17.60
CA ALA C 149 -60.36 4.82 16.11
C ALA C 149 -60.96 3.50 15.60
N ARG C 150 -61.65 3.57 14.47
CA ARG C 150 -62.31 2.40 13.82
C ARG C 150 -61.87 2.37 12.36
N ALA C 151 -61.06 1.37 12.00
CA ALA C 151 -60.40 1.22 10.69
C ALA C 151 -60.59 -0.20 10.16
N LYS C 152 -60.76 -0.34 8.84
CA LYS C 152 -60.84 -1.65 8.15
C LYS C 152 -59.50 -2.38 8.32
N TYR C 153 -58.39 -1.63 8.20
CA TYR C 153 -57.01 -2.17 8.16
C TYR C 153 -56.21 -1.58 9.33
N PHE C 154 -55.25 -2.37 9.84
CA PHE C 154 -54.48 -2.08 11.07
C PHE C 154 -53.01 -2.45 10.85
N ILE C 155 -52.16 -1.45 10.63
CA ILE C 155 -50.70 -1.63 10.35
C ILE C 155 -49.91 -1.27 11.61
N ILE C 156 -49.18 -2.25 12.16
CA ILE C 156 -48.36 -2.10 13.40
C ILE C 156 -46.88 -1.95 13.03
N ALA C 157 -46.37 -0.72 13.12
CA ALA C 157 -44.95 -0.36 12.92
C ALA C 157 -44.40 0.16 14.26
N ALA C 158 -44.38 -0.69 15.28
CA ALA C 158 -44.12 -0.35 16.70
C ALA C 158 -42.64 -0.50 17.05
N GLY C 159 -41.85 -1.12 16.17
CA GLY C 159 -40.41 -1.35 16.40
C GLY C 159 -40.16 -2.55 17.30
N PHE C 160 -38.89 -2.92 17.45
CA PHE C 160 -38.39 -4.08 18.23
C PHE C 160 -37.69 -3.57 19.50
N ALA C 161 -37.71 -2.24 19.70
CA ALA C 161 -37.11 -1.53 20.86
C ALA C 161 -38.18 -1.30 21.93
N ALA C 162 -39.39 -1.83 21.72
CA ALA C 162 -40.49 -1.82 22.72
C ALA C 162 -40.09 -2.71 23.89
N LYS C 163 -40.30 -2.23 25.12
CA LYS C 163 -39.97 -2.90 26.39
C LYS C 163 -38.46 -3.22 26.42
N ARG C 164 -37.70 -2.24 26.89
CA ARG C 164 -36.27 -2.35 27.30
C ARG C 164 -36.15 -3.41 28.41
N TYR C 165 -34.92 -3.78 28.76
CA TYR C 165 -34.61 -4.78 29.82
C TYR C 165 -33.61 -4.19 30.82
N ILE C 166 -33.99 -4.22 32.10
CA ILE C 166 -33.12 -3.87 33.26
C ILE C 166 -33.18 -5.04 34.24
N PRO C 167 -32.05 -5.73 34.53
CA PRO C 167 -32.06 -6.86 35.46
C PRO C 167 -32.64 -6.47 36.83
N GLU C 168 -33.09 -7.46 37.60
CA GLU C 168 -33.68 -7.28 38.95
C GLU C 168 -32.60 -6.76 39.90
N TRP C 169 -32.39 -5.44 39.90
CA TRP C 169 -31.53 -4.66 40.84
C TRP C 169 -32.40 -3.63 41.54
N PRO C 170 -33.04 -3.98 42.68
CA PRO C 170 -33.93 -3.06 43.40
C PRO C 170 -33.27 -1.73 43.81
N GLY C 171 -31.95 -1.74 44.03
CA GLY C 171 -31.20 -0.63 44.66
C GLY C 171 -30.89 0.52 43.72
N ILE C 172 -31.61 0.66 42.60
CA ILE C 172 -31.46 1.82 41.68
C ILE C 172 -32.13 3.04 42.34
N GLU C 173 -33.20 2.78 43.12
CA GLU C 173 -33.90 3.79 43.97
C GLU C 173 -32.85 4.47 44.87
N LYS C 174 -31.94 3.68 45.45
CA LYS C 174 -30.89 4.13 46.40
C LYS C 174 -29.85 5.02 45.69
N PHE C 175 -29.55 4.76 44.42
CA PHE C 175 -28.38 5.34 43.70
C PHE C 175 -28.51 6.87 43.60
N LYS C 176 -27.47 7.57 44.07
CA LYS C 176 -27.44 9.04 44.30
C LYS C 176 -27.04 9.75 43.01
N GLY C 177 -26.17 9.14 42.19
CA GLY C 177 -25.73 9.66 40.89
C GLY C 177 -26.77 9.39 39.81
N ILE C 178 -26.50 9.87 38.59
CA ILE C 178 -27.39 9.76 37.39
C ILE C 178 -27.32 8.33 36.84
N VAL C 179 -28.48 7.72 36.56
CA VAL C 179 -28.61 6.33 36.05
C VAL C 179 -29.83 6.25 35.13
N HIS C 180 -29.65 5.69 33.92
CA HIS C 180 -30.71 5.46 32.91
C HIS C 180 -30.34 4.27 32.03
N HIS C 181 -31.35 3.57 31.51
CA HIS C 181 -31.21 2.58 30.41
C HIS C 181 -30.81 3.34 29.15
N SER C 182 -29.90 2.76 28.35
CA SER C 182 -29.42 3.31 27.06
C SER C 182 -30.60 3.86 26.25
N SER C 183 -31.74 3.15 26.24
CA SER C 183 -32.93 3.42 25.39
C SER C 183 -33.83 4.50 26.00
N PHE C 184 -33.56 4.96 27.22
CA PHE C 184 -34.24 6.10 27.89
C PHE C 184 -33.19 7.09 28.41
N TRP C 185 -32.32 7.60 27.53
CA TRP C 185 -31.26 8.58 27.89
C TRP C 185 -31.73 10.01 27.59
N PRO C 186 -31.52 10.98 28.51
CA PRO C 186 -32.06 12.33 28.35
C PRO C 186 -31.58 13.13 27.12
N ASP C 187 -32.53 13.86 26.51
CA ASP C 187 -32.33 14.85 25.42
C ASP C 187 -31.22 15.84 25.80
N GLU C 188 -31.23 16.31 27.05
CA GLU C 188 -30.28 17.33 27.59
C GLU C 188 -28.94 16.63 27.87
N LYS C 189 -27.97 16.75 26.95
CA LYS C 189 -26.69 16.00 26.99
C LYS C 189 -26.03 16.22 28.35
N ILE C 190 -25.56 15.13 28.96
CA ILE C 190 -24.93 15.10 30.32
C ILE C 190 -23.42 15.28 30.13
N ASP C 191 -22.89 16.47 30.46
CA ASP C 191 -21.43 16.70 30.52
C ASP C 191 -20.85 15.65 31.46
N VAL C 192 -19.99 14.78 30.94
CA VAL C 192 -19.45 13.60 31.67
C VAL C 192 -17.98 13.87 32.05
N ARG C 193 -17.47 15.07 31.71
CA ARG C 193 -16.07 15.51 31.96
C ARG C 193 -15.83 15.57 33.48
N GLY C 194 -14.80 14.87 33.96
CA GLY C 194 -14.38 14.87 35.38
C GLY C 194 -15.24 13.96 36.24
N LYS C 195 -16.31 13.37 35.68
CA LYS C 195 -17.24 12.46 36.39
C LYS C 195 -16.74 11.01 36.25
N ARG C 196 -17.05 10.16 37.23
CA ARG C 196 -16.70 8.71 37.24
C ARG C 196 -17.89 7.92 36.68
N CYS C 197 -17.70 7.26 35.53
CA CYS C 197 -18.81 6.65 34.76
C CYS C 197 -18.70 5.14 34.72
N ALA C 198 -19.83 4.47 34.44
CA ALA C 198 -19.94 3.01 34.21
C ALA C 198 -20.87 2.75 33.02
N ILE C 199 -20.52 1.75 32.20
CA ILE C 199 -21.40 1.22 31.12
C ILE C 199 -21.55 -0.29 31.37
N ILE C 200 -22.78 -0.74 31.66
CA ILE C 200 -23.11 -2.19 31.87
C ILE C 200 -23.68 -2.73 30.56
N GLY C 201 -22.97 -3.68 29.94
CA GLY C 201 -23.32 -4.28 28.65
C GLY C 201 -22.36 -3.86 27.55
N THR C 202 -21.97 -4.83 26.72
CA THR C 202 -21.04 -4.64 25.57
C THR C 202 -21.76 -5.08 24.29
N GLY C 203 -23.04 -4.70 24.15
CA GLY C 203 -23.78 -4.73 22.89
C GLY C 203 -23.51 -3.47 22.10
N ALA C 204 -24.14 -3.29 20.95
CA ALA C 204 -23.97 -2.11 20.07
C ALA C 204 -24.15 -0.82 20.90
N SER C 205 -25.12 -0.81 21.81
CA SER C 205 -25.42 0.33 22.72
C SER C 205 -24.21 0.61 23.62
N GLY C 206 -23.73 -0.40 24.33
CA GLY C 206 -22.55 -0.31 25.22
C GLY C 206 -21.34 0.23 24.48
N VAL C 207 -20.99 -0.41 23.36
CA VAL C 207 -19.79 -0.06 22.54
C VAL C 207 -19.93 1.40 22.08
N GLN C 208 -21.09 1.78 21.54
CA GLN C 208 -21.30 3.13 20.96
C GLN C 208 -21.11 4.19 22.05
N VAL C 209 -21.55 3.92 23.28
CA VAL C 209 -21.46 4.87 24.45
C VAL C 209 -20.02 4.94 24.94
N THR C 210 -19.32 3.80 25.01
CA THR C 210 -17.89 3.70 25.40
C THR C 210 -17.04 4.62 24.54
N GLN C 211 -17.38 4.75 23.25
CA GLN C 211 -16.64 5.58 22.26
C GLN C 211 -16.94 7.06 22.47
N ALA C 212 -18.11 7.40 23.01
CA ALA C 212 -18.52 8.79 23.32
C ALA C 212 -17.85 9.26 24.61
N TRP C 213 -17.82 8.39 25.63
CA TRP C 213 -17.45 8.71 27.03
C TRP C 213 -15.95 8.46 27.27
N GLY C 214 -15.33 7.57 26.49
CA GLY C 214 -13.90 7.23 26.60
C GLY C 214 -13.02 8.47 26.52
N PRO C 215 -13.18 9.33 25.50
CA PRO C 215 -12.39 10.55 25.36
C PRO C 215 -12.71 11.61 26.44
N GLU C 216 -13.94 11.58 26.97
CA GLU C 216 -14.55 12.72 27.70
C GLU C 216 -14.46 12.47 29.22
N ALA C 217 -14.87 11.29 29.68
CA ALA C 217 -15.09 10.95 31.11
C ALA C 217 -13.81 11.19 31.93
N GLY C 218 -13.98 11.59 33.19
CA GLY C 218 -12.88 11.66 34.18
C GLY C 218 -12.32 10.29 34.45
N GLU C 219 -13.21 9.30 34.56
CA GLU C 219 -12.87 7.85 34.67
C GLU C 219 -14.08 7.03 34.17
N LEU C 220 -13.83 5.93 33.46
CA LEU C 220 -14.87 5.08 32.83
C LEU C 220 -14.53 3.61 33.07
N LYS C 221 -15.51 2.84 33.58
CA LYS C 221 -15.43 1.38 33.75
C LYS C 221 -16.52 0.74 32.88
N VAL C 222 -16.11 -0.15 31.98
CA VAL C 222 -17.03 -0.93 31.09
C VAL C 222 -17.20 -2.31 31.73
N PHE C 223 -18.45 -2.70 31.99
CA PHE C 223 -18.80 -3.96 32.68
C PHE C 223 -19.19 -5.01 31.63
N GLN C 224 -18.27 -5.96 31.39
CA GLN C 224 -18.37 -6.94 30.27
C GLN C 224 -18.60 -8.35 30.84
N ARG C 225 -19.67 -9.00 30.38
CA ARG C 225 -20.02 -10.42 30.67
C ARG C 225 -19.68 -11.27 29.45
N THR C 226 -20.03 -10.78 28.25
CA THR C 226 -19.67 -11.39 26.95
C THR C 226 -19.20 -10.29 26.00
N PRO C 227 -17.95 -10.35 25.50
CA PRO C 227 -17.42 -9.28 24.64
C PRO C 227 -18.18 -9.16 23.31
N ASN C 228 -18.27 -7.94 22.79
CA ASN C 228 -18.77 -7.68 21.41
C ASN C 228 -17.71 -8.19 20.43
N LEU C 229 -18.14 -8.88 19.38
CA LEU C 229 -17.25 -9.28 18.26
C LEU C 229 -17.34 -8.21 17.17
N ALA C 230 -16.89 -6.99 17.52
CA ALA C 230 -17.09 -5.74 16.77
C ALA C 230 -16.22 -5.74 15.51
N VAL C 231 -16.68 -5.01 14.48
CA VAL C 231 -15.96 -4.87 13.18
C VAL C 231 -15.79 -3.38 12.89
N PRO C 232 -14.81 -2.99 12.05
CA PRO C 232 -14.43 -1.59 11.90
C PRO C 232 -15.42 -0.80 11.02
N MET C 233 -15.75 0.40 11.47
CA MET C 233 -16.52 1.42 10.72
C MET C 233 -15.52 2.27 9.92
N ARG C 234 -15.72 2.36 8.60
CA ARG C 234 -14.86 3.16 7.69
C ARG C 234 -15.51 4.53 7.48
N LYS C 235 -15.49 5.36 8.52
CA LYS C 235 -16.21 6.66 8.58
C LYS C 235 -15.41 7.70 7.80
N ARG C 236 -16.06 8.42 6.89
CA ARG C 236 -15.44 9.51 6.10
C ARG C 236 -16.48 10.61 5.84
N SER C 237 -16.02 11.85 5.64
CA SER C 237 -16.87 12.99 5.23
C SER C 237 -17.34 12.77 3.79
N LEU C 238 -18.52 13.29 3.45
CA LEU C 238 -19.07 13.26 2.06
C LEU C 238 -19.29 14.70 1.57
N THR C 239 -18.80 15.00 0.38
CA THR C 239 -19.17 16.20 -0.41
C THR C 239 -20.60 16.01 -0.92
N VAL C 240 -21.26 17.10 -1.32
CA VAL C 240 -22.61 17.05 -1.96
C VAL C 240 -22.42 16.51 -3.39
N GLU C 241 -21.30 16.85 -4.05
CA GLU C 241 -21.03 16.47 -5.46
C GLU C 241 -21.04 14.94 -5.58
N GLU C 242 -20.22 14.25 -4.80
CA GLU C 242 -20.06 12.77 -4.90
C GLU C 242 -21.43 12.11 -4.69
N GLN C 243 -22.23 12.64 -3.76
CA GLN C 243 -23.62 12.18 -3.52
C GLN C 243 -24.47 12.50 -4.75
N GLU C 244 -24.49 13.77 -5.18
CA GLU C 244 -25.26 14.25 -6.37
C GLU C 244 -24.85 13.45 -7.62
N GLY C 245 -23.57 13.09 -7.73
CA GLY C 245 -23.04 12.30 -8.86
C GLY C 245 -23.62 10.90 -8.88
N ALA C 246 -23.67 10.24 -7.71
CA ALA C 246 -24.07 8.83 -7.57
C ALA C 246 -25.58 8.67 -7.81
N LYS C 247 -26.36 9.72 -7.55
CA LYS C 247 -27.85 9.71 -7.54
C LYS C 247 -28.39 9.26 -8.90
N ALA C 248 -27.59 9.36 -9.96
CA ALA C 248 -27.89 8.78 -11.30
C ALA C 248 -28.40 7.35 -11.14
N PHE C 249 -27.77 6.53 -10.29
CA PHE C 249 -28.01 5.07 -10.19
C PHE C 249 -28.54 4.67 -8.80
N TYR C 250 -29.06 5.62 -8.03
CA TYR C 250 -29.67 5.37 -6.69
C TYR C 250 -30.84 4.41 -6.84
N PRO C 251 -31.79 4.62 -7.78
CA PRO C 251 -32.89 3.67 -7.98
C PRO C 251 -32.45 2.21 -8.19
N GLU C 252 -31.31 1.99 -8.84
CA GLU C 252 -30.74 0.63 -9.05
C GLU C 252 -30.18 0.09 -7.74
N LEU C 253 -29.41 0.90 -7.01
CA LEU C 253 -28.79 0.54 -5.72
C LEU C 253 -29.87 0.12 -4.72
N PHE C 254 -30.98 0.86 -4.69
CA PHE C 254 -32.14 0.55 -3.81
C PHE C 254 -32.67 -0.85 -4.19
N ARG C 255 -32.84 -1.13 -5.48
CA ARG C 255 -33.33 -2.45 -5.97
C ARG C 255 -32.33 -3.55 -5.58
N TYR C 256 -31.03 -3.22 -5.60
CA TYR C 256 -29.91 -4.17 -5.33
C TYR C 256 -29.97 -4.66 -3.88
N ARG C 257 -30.32 -3.78 -2.91
CA ARG C 257 -30.50 -4.15 -1.48
C ARG C 257 -31.38 -5.39 -1.37
N GLU C 258 -32.53 -5.38 -2.05
CA GLU C 258 -33.57 -6.43 -1.93
C GLU C 258 -33.11 -7.76 -2.54
N LYS C 259 -31.96 -7.77 -3.21
CA LYS C 259 -31.31 -9.00 -3.73
C LYS C 259 -30.33 -9.56 -2.69
N CYS C 260 -29.75 -8.70 -1.87
CA CYS C 260 -28.67 -9.04 -0.90
C CYS C 260 -29.28 -9.70 0.35
N PHE C 261 -28.52 -10.61 0.97
CA PHE C 261 -28.97 -11.47 2.12
C PHE C 261 -29.53 -10.59 3.24
N ALA C 262 -28.76 -9.59 3.66
CA ALA C 262 -29.05 -8.73 4.84
C ALA C 262 -29.53 -7.36 4.38
N GLY C 263 -29.70 -7.16 3.07
CA GLY C 263 -30.31 -5.94 2.51
C GLY C 263 -29.43 -4.72 2.58
N PHE C 264 -28.11 -4.92 2.69
CA PHE C 264 -27.06 -3.91 2.38
C PHE C 264 -26.70 -4.06 0.90
N LEU C 265 -25.72 -3.29 0.41
CA LEU C 265 -25.26 -3.33 -1.00
C LEU C 265 -24.09 -4.31 -1.11
N TYR C 266 -24.22 -5.47 -0.47
CA TYR C 266 -23.30 -6.63 -0.58
C TYR C 266 -24.02 -7.86 -0.02
N THR C 267 -23.59 -9.04 -0.44
CA THR C 267 -24.15 -10.34 0.01
C THR C 267 -23.05 -11.38 -0.02
N TRP C 268 -23.41 -12.65 0.16
CA TRP C 268 -22.48 -13.78 0.41
C TRP C 268 -21.46 -13.87 -0.72
N CYS C 269 -20.20 -14.11 -0.37
CA CYS C 269 -19.14 -14.58 -1.31
C CYS C 269 -19.64 -15.86 -1.98
N GLU C 270 -19.50 -15.97 -3.30
CA GLU C 270 -19.94 -17.17 -4.05
C GLU C 270 -19.12 -18.39 -3.61
N ARG C 271 -18.00 -18.18 -2.91
CA ARG C 271 -17.09 -19.25 -2.42
C ARG C 271 -17.35 -19.52 -0.92
N GLY C 272 -17.20 -20.77 -0.50
CA GLY C 272 -17.03 -21.19 0.91
C GLY C 272 -15.57 -21.11 1.34
N VAL C 273 -15.32 -21.06 2.66
CA VAL C 273 -13.99 -20.80 3.28
C VAL C 273 -12.91 -21.65 2.58
N PHE C 274 -13.05 -22.98 2.61
CA PHE C 274 -11.97 -23.95 2.30
C PHE C 274 -11.81 -24.14 0.78
N GLU C 275 -12.55 -23.37 -0.04
CA GLU C 275 -12.30 -23.21 -1.49
C GLU C 275 -11.03 -22.35 -1.70
N ASP C 276 -10.63 -21.58 -0.69
CA ASP C 276 -9.42 -20.72 -0.71
C ASP C 276 -8.30 -21.39 0.11
N SER C 277 -7.05 -21.10 -0.25
CA SER C 277 -5.82 -21.50 0.50
C SER C 277 -5.59 -20.49 1.64
N GLU C 278 -4.79 -20.89 2.64
CA GLU C 278 -4.49 -20.07 3.85
C GLU C 278 -4.07 -18.67 3.43
N GLU C 279 -3.27 -18.56 2.35
CA GLU C 279 -2.80 -17.25 1.81
C GLU C 279 -3.98 -16.50 1.18
N GLU C 280 -4.85 -17.21 0.45
CA GLU C 280 -6.03 -16.61 -0.23
C GLU C 280 -7.00 -16.06 0.84
N ARG C 281 -7.35 -16.87 1.84
CA ARG C 281 -8.28 -16.48 2.94
C ARG C 281 -7.81 -15.15 3.55
N GLU C 282 -6.55 -15.08 4.02
CA GLU C 282 -5.95 -13.87 4.64
C GLU C 282 -6.16 -12.65 3.74
N GLN C 283 -5.91 -12.78 2.44
CA GLN C 283 -6.03 -11.66 1.46
C GLN C 283 -7.51 -11.27 1.33
N PHE C 284 -8.40 -12.25 1.22
CA PHE C 284 -9.86 -12.07 1.08
C PHE C 284 -10.45 -11.39 2.33
N LEU C 285 -10.12 -11.91 3.52
CA LEU C 285 -10.66 -11.43 4.81
C LEU C 285 -10.07 -10.06 5.15
N GLU C 286 -8.88 -9.73 4.62
CA GLU C 286 -8.25 -8.39 4.71
C GLU C 286 -9.02 -7.40 3.83
N LYS C 287 -9.51 -7.86 2.69
CA LYS C 287 -10.28 -7.05 1.69
C LYS C 287 -11.63 -6.67 2.31
N LEU C 288 -12.32 -7.64 2.93
CA LEU C 288 -13.57 -7.43 3.70
C LEU C 288 -13.30 -6.43 4.82
N TRP C 289 -12.35 -6.75 5.71
CA TRP C 289 -11.98 -5.92 6.88
C TRP C 289 -11.73 -4.47 6.42
N SER C 290 -11.01 -4.34 5.31
CA SER C 290 -10.54 -3.05 4.73
C SER C 290 -11.72 -2.24 4.16
N ASP C 291 -12.55 -2.87 3.33
CA ASP C 291 -13.77 -2.27 2.71
C ASP C 291 -14.72 -1.76 3.80
N GLY C 292 -15.00 -2.60 4.80
CA GLY C 292 -15.68 -2.21 6.04
C GLY C 292 -17.16 -2.55 6.04
N GLY C 293 -17.92 -1.87 6.91
CA GLY C 293 -19.34 -2.14 7.20
C GLY C 293 -19.55 -3.57 7.68
N PHE C 294 -20.63 -4.20 7.24
CA PHE C 294 -21.06 -5.56 7.66
C PHE C 294 -20.59 -6.60 6.62
N ARG C 295 -19.64 -6.23 5.77
CA ARG C 295 -19.10 -7.13 4.72
C ARG C 295 -18.51 -8.38 5.40
N TYR C 296 -17.78 -8.18 6.51
CA TYR C 296 -17.21 -9.29 7.31
C TYR C 296 -18.35 -10.17 7.83
N TRP C 297 -19.52 -9.59 8.07
CA TRP C 297 -20.68 -10.26 8.70
C TRP C 297 -21.49 -11.01 7.65
N VAL C 298 -21.83 -10.35 6.54
CA VAL C 298 -22.82 -10.90 5.55
C VAL C 298 -22.35 -10.70 4.10
N ALA C 299 -21.05 -10.51 3.86
CA ALA C 299 -20.42 -10.64 2.51
C ALA C 299 -19.21 -11.56 2.60
N ASN C 300 -19.08 -12.32 3.70
CA ASN C 300 -17.96 -13.26 3.97
C ASN C 300 -18.25 -14.57 3.21
N TYR C 301 -17.42 -15.59 3.42
CA TYR C 301 -17.61 -16.96 2.88
C TYR C 301 -19.01 -17.45 3.26
N LYS C 302 -19.71 -18.05 2.30
CA LYS C 302 -21.17 -18.35 2.37
C LYS C 302 -21.48 -19.49 3.36
N ASP C 303 -20.46 -20.14 3.94
CA ASP C 303 -20.68 -21.35 4.80
C ASP C 303 -20.18 -21.12 6.23
N TYR C 304 -19.58 -19.96 6.54
CA TYR C 304 -18.95 -19.69 7.86
C TYR C 304 -20.03 -19.66 8.96
N LEU C 305 -21.25 -19.21 8.65
CA LEU C 305 -22.38 -19.21 9.62
C LEU C 305 -23.05 -20.60 9.67
N TYR C 306 -22.55 -21.59 8.91
CA TYR C 306 -23.18 -22.92 8.77
C TYR C 306 -22.21 -24.07 9.10
N ASP C 307 -20.90 -23.81 9.23
CA ASP C 307 -19.87 -24.85 9.52
C ASP C 307 -18.97 -24.37 10.66
N ALA C 308 -18.75 -25.24 11.66
CA ALA C 308 -17.94 -24.97 12.87
C ALA C 308 -16.52 -24.60 12.46
N LYS C 309 -15.91 -25.41 11.60
CA LYS C 309 -14.54 -25.20 11.08
C LYS C 309 -14.46 -23.83 10.39
N ALA C 310 -15.34 -23.60 9.41
CA ALA C 310 -15.45 -22.34 8.63
C ALA C 310 -15.52 -21.14 9.58
N ASN C 311 -16.45 -21.19 10.55
CA ASN C 311 -16.68 -20.09 11.53
C ASN C 311 -15.38 -19.76 12.28
N ARG C 312 -14.63 -20.78 12.71
CA ARG C 312 -13.44 -20.60 13.58
C ARG C 312 -12.36 -19.82 12.81
N VAL C 313 -12.21 -20.06 11.50
CA VAL C 313 -11.27 -19.33 10.61
C VAL C 313 -11.63 -17.84 10.65
N VAL C 314 -12.91 -17.53 10.38
CA VAL C 314 -13.50 -16.16 10.45
C VAL C 314 -13.21 -15.57 11.84
N TYR C 315 -13.44 -16.33 12.91
CA TYR C 315 -13.18 -15.90 14.30
C TYR C 315 -11.69 -15.61 14.49
N ASP C 316 -10.83 -16.56 14.07
CA ASP C 316 -9.36 -16.52 14.29
C ASP C 316 -8.81 -15.23 13.70
N PHE C 317 -9.23 -14.87 12.49
CA PHE C 317 -8.80 -13.65 11.77
C PHE C 317 -9.22 -12.42 12.58
N TRP C 318 -10.51 -12.37 12.97
CA TRP C 318 -11.10 -11.30 13.81
C TRP C 318 -10.24 -11.11 15.07
N ARG C 319 -9.95 -12.18 15.81
CA ARG C 319 -9.14 -12.15 17.06
C ARG C 319 -7.83 -11.41 16.78
N LYS C 320 -7.06 -11.91 15.80
CA LYS C 320 -5.74 -11.37 15.39
C LYS C 320 -5.86 -9.87 15.19
N LYS C 321 -6.86 -9.43 14.42
CA LYS C 321 -7.03 -8.02 13.97
C LYS C 321 -7.31 -7.11 15.18
N VAL C 322 -8.27 -7.51 16.03
CA VAL C 322 -8.70 -6.70 17.22
C VAL C 322 -7.54 -6.61 18.21
N ARG C 323 -6.81 -7.70 18.43
CA ARG C 323 -5.68 -7.78 19.42
C ARG C 323 -4.52 -6.87 19.01
N GLU C 324 -4.33 -6.60 17.71
CA GLU C 324 -3.31 -5.64 17.21
C GLU C 324 -3.53 -4.28 17.87
N ARG C 325 -4.79 -3.92 18.12
CA ARG C 325 -5.22 -2.55 18.55
C ARG C 325 -5.26 -2.44 20.08
N ILE C 326 -5.06 -3.54 20.81
CA ILE C 326 -5.14 -3.56 22.29
C ILE C 326 -3.73 -3.78 22.86
N ASN C 327 -3.24 -2.82 23.64
CA ASN C 327 -1.89 -2.80 24.24
C ASN C 327 -1.82 -3.85 25.37
N ASP C 328 -2.64 -3.69 26.41
CA ASP C 328 -2.62 -4.51 27.65
C ASP C 328 -2.98 -5.96 27.31
N PRO C 329 -2.13 -6.95 27.63
CA PRO C 329 -2.42 -8.34 27.28
C PRO C 329 -3.67 -8.92 27.97
N LYS C 330 -4.00 -8.44 29.17
CA LYS C 330 -5.20 -8.92 29.93
C LYS C 330 -6.48 -8.42 29.23
N ASP C 331 -6.47 -7.17 28.76
CA ASP C 331 -7.54 -6.57 27.92
C ASP C 331 -7.72 -7.43 26.66
N GLN C 332 -6.62 -7.81 26.01
CA GLN C 332 -6.64 -8.62 24.76
C GLN C 332 -7.43 -9.92 25.01
N GLU C 333 -7.15 -10.64 26.09
CA GLU C 333 -7.82 -11.93 26.41
C GLU C 333 -9.31 -11.69 26.69
N LEU C 334 -9.66 -10.59 27.36
CA LEU C 334 -11.07 -10.31 27.75
C LEU C 334 -11.86 -9.87 26.53
N LEU C 335 -11.32 -8.92 25.76
CA LEU C 335 -12.03 -8.30 24.60
C LEU C 335 -12.01 -9.26 23.40
N ALA C 336 -11.02 -10.16 23.30
CA ALA C 336 -10.82 -11.07 22.14
C ALA C 336 -10.29 -12.43 22.59
N PRO C 337 -11.10 -13.26 23.28
CA PRO C 337 -10.60 -14.53 23.84
C PRO C 337 -10.12 -15.55 22.80
N SER C 338 -9.12 -16.36 23.18
CA SER C 338 -8.59 -17.52 22.42
C SER C 338 -9.76 -18.42 21.99
N GLU C 339 -10.62 -18.76 22.94
CA GLU C 339 -11.84 -19.56 22.71
C GLU C 339 -13.00 -18.59 22.50
N PRO C 340 -13.81 -18.77 21.44
CA PRO C 340 -14.91 -17.85 21.15
C PRO C 340 -15.98 -17.95 22.23
N PRO C 341 -16.62 -16.83 22.65
CA PRO C 341 -17.75 -16.89 23.57
C PRO C 341 -18.95 -17.58 22.91
N HIS C 342 -19.05 -17.42 21.58
CA HIS C 342 -20.09 -17.99 20.68
C HIS C 342 -19.54 -17.95 19.26
N PRO C 343 -20.13 -18.67 18.29
CA PRO C 343 -19.71 -18.57 16.90
C PRO C 343 -19.72 -17.10 16.43
N TRP C 344 -18.77 -16.70 15.59
CA TRP C 344 -18.74 -15.32 15.02
C TRP C 344 -20.01 -15.10 14.19
N GLY C 345 -20.59 -13.89 14.27
CA GLY C 345 -21.72 -13.45 13.42
C GLY C 345 -23.07 -14.04 13.84
N VAL C 346 -23.14 -14.68 15.00
CA VAL C 346 -24.36 -15.37 15.51
C VAL C 346 -25.40 -14.33 15.94
N LYS C 347 -24.94 -13.16 16.41
CA LYS C 347 -25.77 -11.95 16.65
C LYS C 347 -25.11 -10.74 15.97
N ARG C 348 -25.92 -9.77 15.55
CA ARG C 348 -25.47 -8.57 14.78
C ARG C 348 -24.30 -7.91 15.52
N PRO C 349 -23.07 -7.92 14.96
CA PRO C 349 -21.92 -7.29 15.62
C PRO C 349 -22.12 -5.78 15.67
N CYS C 350 -21.44 -5.09 16.59
CA CYS C 350 -21.38 -3.62 16.61
C CYS C 350 -20.42 -3.18 15.51
N LEU C 351 -20.68 -2.01 14.91
CA LEU C 351 -19.76 -1.34 13.98
C LEU C 351 -19.05 -0.21 14.73
N GLU C 352 -17.85 -0.48 15.25
CA GLU C 352 -17.07 0.44 16.11
C GLU C 352 -16.08 1.22 15.24
N TYR C 353 -15.79 2.48 15.62
CA TYR C 353 -14.73 3.33 15.03
C TYR C 353 -13.44 3.17 15.84
N ASP C 354 -13.50 3.28 17.16
CA ASP C 354 -12.28 3.26 18.03
C ASP C 354 -12.60 2.69 19.42
N TYR C 355 -13.54 1.75 19.51
CA TYR C 355 -13.97 1.10 20.77
C TYR C 355 -12.75 0.55 21.52
N TYR C 356 -11.91 -0.21 20.81
CA TYR C 356 -10.80 -1.01 21.39
C TYR C 356 -9.67 -0.08 21.86
N GLU C 357 -9.43 1.02 21.14
CA GLU C 357 -8.41 2.05 21.49
C GLU C 357 -8.76 2.68 22.84
N GLN C 358 -10.05 2.81 23.17
CA GLN C 358 -10.53 3.45 24.43
C GLN C 358 -9.86 2.75 25.62
N PHE C 359 -9.72 1.42 25.58
CA PHE C 359 -9.15 0.60 26.68
C PHE C 359 -7.65 0.85 26.80
N ASN C 360 -7.03 1.43 25.77
CA ASN C 360 -5.59 1.83 25.79
C ASN C 360 -5.44 3.08 26.66
N ARG C 361 -6.53 3.80 26.94
CA ARG C 361 -6.53 5.00 27.83
C ARG C 361 -6.31 4.56 29.28
N PRO C 362 -5.68 5.38 30.14
CA PRO C 362 -5.33 4.97 31.50
C PRO C 362 -6.50 5.07 32.49
N ASN C 363 -7.49 5.92 32.17
CA ASN C 363 -8.69 6.18 33.01
C ASN C 363 -9.77 5.15 32.66
N VAL C 364 -9.94 4.85 31.37
CA VAL C 364 -10.88 3.80 30.88
C VAL C 364 -10.38 2.45 31.38
N ASP C 365 -11.30 1.52 31.69
CA ASP C 365 -11.01 0.28 32.44
C ASP C 365 -12.12 -0.75 32.23
N LEU C 366 -11.79 -1.90 31.65
CA LEU C 366 -12.71 -3.04 31.49
C LEU C 366 -12.86 -3.71 32.86
N VAL C 367 -14.08 -4.10 33.25
CA VAL C 367 -14.37 -4.89 34.48
C VAL C 367 -15.07 -6.18 34.08
N ASP C 368 -14.39 -7.33 34.25
CA ASP C 368 -14.90 -8.68 33.92
C ASP C 368 -15.93 -9.12 34.97
N ILE C 369 -17.18 -9.33 34.54
CA ILE C 369 -18.31 -9.75 35.43
C ILE C 369 -18.89 -11.08 34.95
N LYS C 370 -18.20 -11.78 34.05
CA LYS C 370 -18.62 -13.11 33.53
C LYS C 370 -18.77 -14.08 34.72
N ASP C 371 -17.78 -14.08 35.63
CA ASP C 371 -17.70 -14.98 36.80
C ASP C 371 -17.74 -14.16 38.10
N ASN C 372 -18.42 -12.99 38.07
CA ASN C 372 -18.52 -12.08 39.25
C ASN C 372 -19.63 -11.06 38.99
N SER C 373 -20.88 -11.54 38.89
CA SER C 373 -22.09 -10.79 38.46
C SER C 373 -22.25 -9.51 39.29
N ILE C 374 -22.83 -8.47 38.68
CA ILE C 374 -23.49 -7.36 39.44
C ILE C 374 -24.64 -8.00 40.21
N VAL C 375 -24.72 -7.77 41.53
CA VAL C 375 -25.77 -8.35 42.41
C VAL C 375 -26.85 -7.29 42.63
N ASP C 376 -26.46 -6.02 42.81
CA ASP C 376 -27.41 -4.88 42.93
C ASP C 376 -26.66 -3.55 42.83
N PHE C 377 -27.38 -2.49 42.45
CA PHE C 377 -26.96 -1.08 42.63
C PHE C 377 -26.95 -0.76 44.13
N THR C 378 -26.10 0.19 44.54
CA THR C 378 -26.02 0.74 45.91
C THR C 378 -26.23 2.25 45.82
N GLU C 379 -25.90 2.96 46.89
CA GLU C 379 -26.04 4.43 47.02
C GLU C 379 -24.87 5.08 46.28
N LYS C 380 -23.65 4.57 46.52
CA LYS C 380 -22.37 5.15 46.02
C LYS C 380 -22.15 4.72 44.57
N GLY C 381 -22.30 3.42 44.27
CA GLY C 381 -22.11 2.86 42.92
C GLY C 381 -22.88 1.56 42.71
N ILE C 382 -22.16 0.44 42.59
CA ILE C 382 -22.76 -0.91 42.31
C ILE C 382 -21.88 -1.98 42.99
N LYS C 383 -22.51 -3.06 43.47
CA LYS C 383 -21.86 -4.18 44.19
C LYS C 383 -21.83 -5.44 43.31
N LEU C 384 -20.76 -6.24 43.42
CA LEU C 384 -20.61 -7.52 42.69
C LEU C 384 -20.64 -8.68 43.68
N GLN C 385 -20.68 -9.92 43.17
CA GLN C 385 -20.83 -11.19 43.94
C GLN C 385 -19.78 -11.29 45.04
N ASP C 386 -18.51 -11.02 44.70
CA ASP C 386 -17.34 -11.19 45.61
C ASP C 386 -17.28 -10.04 46.62
N GLY C 387 -18.20 -9.08 46.54
CA GLY C 387 -18.37 -8.00 47.52
C GLY C 387 -17.83 -6.67 47.03
N THR C 388 -16.92 -6.68 46.05
CA THR C 388 -16.32 -5.48 45.41
C THR C 388 -17.42 -4.45 45.13
N GLU C 389 -17.17 -3.19 45.45
CA GLU C 389 -18.09 -2.07 45.13
C GLU C 389 -17.29 -0.97 44.41
N TYR C 390 -17.83 -0.47 43.30
CA TYR C 390 -17.32 0.73 42.58
C TYR C 390 -18.23 1.89 42.92
N GLU C 391 -17.72 3.12 42.79
CA GLU C 391 -18.47 4.39 43.06
C GLU C 391 -18.58 5.15 41.74
N PHE C 392 -19.77 5.70 41.44
CA PHE C 392 -20.10 6.34 40.14
C PHE C 392 -20.97 7.57 40.36
N ASP C 393 -20.75 8.60 39.54
CA ASP C 393 -21.58 9.82 39.44
C ASP C 393 -22.59 9.64 38.30
N VAL C 394 -22.24 8.86 37.27
CA VAL C 394 -23.11 8.60 36.08
C VAL C 394 -23.00 7.11 35.69
N VAL C 395 -24.14 6.45 35.45
CA VAL C 395 -24.23 5.03 35.01
C VAL C 395 -25.16 4.94 33.80
N CYS C 396 -24.74 4.23 32.76
CA CYS C 396 -25.56 3.86 31.58
C CYS C 396 -25.78 2.34 31.56
N ILE C 397 -27.00 1.91 31.87
CA ILE C 397 -27.43 0.47 31.86
C ILE C 397 -27.77 0.11 30.42
N ALA C 398 -26.92 -0.67 29.76
CA ALA C 398 -27.12 -1.10 28.36
C ALA C 398 -27.26 -2.62 28.33
N THR C 399 -28.20 -3.19 29.08
CA THR C 399 -28.40 -4.67 29.09
C THR C 399 -29.56 -5.02 28.15
N GLY C 400 -29.93 -4.11 27.24
CA GLY C 400 -30.68 -4.45 26.02
C GLY C 400 -32.17 -4.48 26.25
N PHE C 401 -32.88 -5.29 25.45
CA PHE C 401 -34.36 -5.31 25.34
C PHE C 401 -34.88 -6.74 25.44
N ASP C 402 -36.21 -6.89 25.44
CA ASP C 402 -36.91 -8.19 25.41
C ASP C 402 -37.49 -8.39 24.01
N ILE C 403 -36.66 -8.87 23.08
CA ILE C 403 -37.00 -8.99 21.63
C ILE C 403 -37.84 -10.24 21.40
N THR C 404 -38.07 -11.05 22.44
CA THR C 404 -38.98 -12.23 22.47
C THR C 404 -40.21 -12.00 21.57
N THR C 405 -40.73 -10.77 21.52
CA THR C 405 -42.01 -10.42 20.85
C THR C 405 -41.93 -9.04 20.18
N GLY C 406 -41.61 -7.99 20.96
CA GLY C 406 -41.52 -6.59 20.48
C GLY C 406 -42.73 -5.77 20.90
N GLY C 407 -43.07 -4.75 20.09
CA GLY C 407 -44.13 -3.77 20.38
C GLY C 407 -45.52 -4.38 20.37
N MET C 408 -45.70 -5.48 19.63
CA MET C 408 -47.02 -6.10 19.32
C MET C 408 -47.73 -6.55 20.61
N THR C 409 -46.97 -7.09 21.57
CA THR C 409 -47.51 -7.67 22.83
C THR C 409 -47.53 -6.63 23.97
N SER C 410 -47.37 -5.35 23.64
CA SER C 410 -47.19 -4.25 24.63
C SER C 410 -48.30 -3.21 24.52
N MET C 411 -49.32 -3.44 23.69
CA MET C 411 -50.36 -2.41 23.38
C MET C 411 -51.78 -2.99 23.42
N GLY C 412 -51.98 -4.08 24.18
CA GLY C 412 -53.32 -4.64 24.47
C GLY C 412 -54.02 -5.18 23.23
N LEU C 413 -53.27 -5.80 22.31
CA LEU C 413 -53.84 -6.50 21.13
C LEU C 413 -54.56 -7.76 21.60
N HIS C 414 -55.75 -8.03 21.03
CA HIS C 414 -56.60 -9.18 21.39
C HIS C 414 -57.08 -9.90 20.13
N SER C 415 -57.02 -11.23 20.12
CA SER C 415 -57.56 -12.11 19.05
C SER C 415 -59.08 -12.00 19.03
N ILE C 416 -59.72 -12.53 17.99
CA ILE C 416 -61.20 -12.59 17.85
C ILE C 416 -61.76 -13.74 18.72
N HIS C 417 -60.89 -14.50 19.40
CA HIS C 417 -61.28 -15.55 20.37
C HIS C 417 -61.16 -15.02 21.80
N GLY C 418 -60.84 -13.73 21.97
CA GLY C 418 -60.89 -13.01 23.26
C GLY C 418 -59.55 -13.01 23.99
N ASP C 419 -58.61 -13.89 23.61
CA ASP C 419 -57.29 -14.01 24.26
C ASP C 419 -56.40 -12.85 23.80
N SER C 420 -55.47 -12.40 24.65
CA SER C 420 -54.53 -11.30 24.35
C SER C 420 -53.35 -11.87 23.55
N LEU C 421 -52.67 -11.05 22.75
CA LEU C 421 -51.49 -11.50 21.97
C LEU C 421 -50.38 -11.88 22.96
N LYS C 422 -50.12 -11.02 23.96
CA LYS C 422 -49.13 -11.30 25.04
C LYS C 422 -49.35 -12.73 25.57
N GLU C 423 -50.61 -13.14 25.75
CA GLU C 423 -50.97 -14.47 26.33
C GLU C 423 -50.70 -15.57 25.30
N GLU C 424 -51.23 -15.42 24.08
CA GLU C 424 -51.13 -16.43 22.99
C GLU C 424 -49.66 -16.70 22.65
N TRP C 425 -48.78 -15.72 22.88
CA TRP C 425 -47.32 -15.78 22.55
C TRP C 425 -46.49 -16.05 23.82
N LYS C 426 -47.06 -16.73 24.82
CA LYS C 426 -46.34 -17.05 26.08
C LYS C 426 -45.46 -18.28 25.83
N SER C 427 -45.95 -19.26 25.07
CA SER C 427 -45.23 -20.51 24.70
C SER C 427 -44.37 -20.27 23.46
N GLY C 428 -44.58 -19.17 22.73
CA GLY C 428 -43.77 -18.80 21.55
C GLY C 428 -44.57 -18.02 20.54
N ALA C 429 -43.92 -17.11 19.82
CA ALA C 429 -44.52 -16.23 18.79
C ALA C 429 -44.89 -17.08 17.57
N PHE C 430 -46.08 -16.82 17.01
CA PHE C 430 -46.58 -17.46 15.75
C PHE C 430 -47.12 -16.35 14.85
N THR C 431 -46.49 -16.16 13.70
CA THR C 431 -46.94 -15.22 12.64
C THR C 431 -47.18 -16.01 11.36
N TYR C 432 -47.77 -15.36 10.35
CA TYR C 432 -47.75 -15.82 8.94
C TYR C 432 -46.99 -14.78 8.13
N LEU C 433 -45.89 -15.20 7.51
CA LEU C 433 -45.05 -14.40 6.57
C LEU C 433 -44.30 -13.30 7.30
N GLY C 434 -44.25 -13.35 8.65
CA GLY C 434 -43.68 -12.29 9.51
C GLY C 434 -44.37 -10.95 9.34
N MET C 435 -45.65 -10.97 8.94
CA MET C 435 -46.46 -9.73 8.69
C MET C 435 -47.91 -9.89 9.17
N THR C 436 -48.36 -11.10 9.54
CA THR C 436 -49.76 -11.34 9.99
C THR C 436 -49.75 -12.33 11.17
N VAL C 437 -50.82 -12.32 11.98
CA VAL C 437 -50.98 -13.23 13.15
C VAL C 437 -52.36 -13.87 13.07
N SER C 438 -52.44 -15.18 13.31
CA SER C 438 -53.68 -16.00 13.24
C SER C 438 -54.64 -15.60 14.37
N GLY C 439 -55.81 -15.06 14.00
CA GLY C 439 -56.86 -14.59 14.93
C GLY C 439 -56.92 -13.07 14.98
N TYR C 440 -56.15 -12.38 14.14
CA TYR C 440 -56.10 -10.89 14.05
C TYR C 440 -56.31 -10.48 12.60
N PRO C 441 -57.57 -10.56 12.10
CA PRO C 441 -57.88 -10.19 10.72
C PRO C 441 -57.39 -8.78 10.36
N ASN C 442 -56.89 -8.59 9.13
CA ASN C 442 -56.56 -7.26 8.58
C ASN C 442 -55.58 -6.53 9.51
N MET C 443 -54.79 -7.28 10.28
CA MET C 443 -53.66 -6.75 11.08
C MET C 443 -52.35 -7.09 10.37
N PHE C 444 -51.56 -6.07 10.03
CA PHE C 444 -50.27 -6.19 9.32
C PHE C 444 -49.18 -5.54 10.18
N HIS C 445 -48.02 -6.19 10.33
CA HIS C 445 -46.89 -5.62 11.10
C HIS C 445 -45.62 -5.58 10.24
N LEU C 446 -44.80 -4.54 10.44
CA LEU C 446 -43.51 -4.32 9.74
C LEU C 446 -42.36 -4.49 10.72
N TYR C 447 -41.20 -4.96 10.23
CA TYR C 447 -39.93 -5.00 11.00
C TYR C 447 -40.23 -5.61 12.37
N GLY C 448 -40.76 -6.83 12.35
CA GLY C 448 -41.25 -7.55 13.54
C GLY C 448 -40.87 -9.02 13.53
N PRO C 449 -41.48 -9.85 14.41
CA PRO C 449 -41.12 -11.26 14.52
C PRO C 449 -41.32 -11.96 13.17
N HIS C 450 -40.42 -12.89 12.85
CA HIS C 450 -40.53 -13.83 11.71
C HIS C 450 -40.32 -13.07 10.40
N GLY C 451 -39.62 -11.94 10.46
CA GLY C 451 -39.15 -11.16 9.31
C GLY C 451 -37.62 -11.08 9.29
N PRO C 452 -36.99 -10.67 8.17
CA PRO C 452 -35.55 -10.49 8.13
C PRO C 452 -35.10 -9.60 9.31
N THR C 453 -35.89 -8.55 9.58
CA THR C 453 -35.82 -7.64 10.75
C THR C 453 -34.37 -7.45 11.20
N LEU C 454 -33.94 -8.07 12.30
CA LEU C 454 -32.65 -7.79 12.98
C LEU C 454 -31.47 -8.36 12.16
N LEU C 455 -31.72 -9.38 11.34
CA LEU C 455 -30.70 -9.95 10.41
C LEU C 455 -30.76 -9.19 9.07
N SER C 456 -30.89 -7.86 9.11
CA SER C 456 -31.13 -7.06 7.89
C SER C 456 -30.98 -5.56 8.16
N ASN C 457 -30.92 -4.81 7.06
CA ASN C 457 -30.99 -3.34 6.99
C ASN C 457 -32.48 -2.94 7.10
N GLY C 458 -32.85 -2.28 8.19
CA GLY C 458 -34.24 -1.92 8.54
C GLY C 458 -35.04 -1.41 7.34
N PRO C 459 -34.64 -0.26 6.75
CA PRO C 459 -35.36 0.36 5.64
C PRO C 459 -35.63 -0.55 4.42
N THR C 460 -34.76 -1.53 4.18
CA THR C 460 -34.91 -2.53 3.10
C THR C 460 -36.09 -3.44 3.41
N THR C 461 -36.08 -4.05 4.60
CA THR C 461 -37.14 -4.97 5.09
C THR C 461 -38.48 -4.24 5.08
N VAL C 462 -38.49 -3.03 5.64
CA VAL C 462 -39.69 -2.16 5.73
C VAL C 462 -40.34 -2.09 4.35
N GLU C 463 -39.55 -1.77 3.32
CA GLU C 463 -40.04 -1.51 1.96
C GLU C 463 -40.59 -2.80 1.36
N ILE C 464 -39.88 -3.93 1.53
CA ILE C 464 -40.34 -5.24 1.00
C ILE C 464 -41.72 -5.53 1.59
N GLN C 465 -41.84 -5.47 2.91
CA GLN C 465 -43.10 -5.75 3.66
C GLN C 465 -44.14 -4.66 3.36
N GLY C 466 -43.74 -3.39 3.39
CA GLY C 466 -44.61 -2.24 3.07
C GLY C 466 -45.35 -2.43 1.75
N ARG C 467 -44.62 -2.77 0.68
CA ARG C 467 -45.17 -3.01 -0.67
C ARG C 467 -46.11 -4.23 -0.65
N TRP C 468 -45.79 -5.27 0.13
CA TRP C 468 -46.65 -6.48 0.26
C TRP C 468 -47.98 -6.11 0.92
N ILE C 469 -47.94 -5.33 2.00
CA ILE C 469 -49.17 -4.96 2.75
C ILE C 469 -50.02 -4.10 1.82
N ALA C 470 -49.43 -3.04 1.25
CA ALA C 470 -50.03 -2.16 0.21
C ALA C 470 -50.71 -3.00 -0.88
N ASP C 471 -50.09 -4.09 -1.33
CA ASP C 471 -50.63 -4.96 -2.40
C ASP C 471 -51.78 -5.82 -1.86
N ALA C 472 -51.62 -6.42 -0.68
CA ALA C 472 -52.64 -7.27 -0.01
C ALA C 472 -53.95 -6.47 0.15
N ILE C 473 -53.83 -5.22 0.61
CA ILE C 473 -54.98 -4.30 0.84
C ILE C 473 -55.61 -3.94 -0.51
N LYS C 474 -54.80 -3.66 -1.52
CA LYS C 474 -55.28 -3.31 -2.89
C LYS C 474 -56.13 -4.47 -3.43
N GLN C 475 -55.64 -5.72 -3.28
CA GLN C 475 -56.34 -6.96 -3.72
C GLN C 475 -57.66 -7.11 -2.94
N MET C 476 -57.62 -6.93 -1.61
CA MET C 476 -58.81 -7.06 -0.72
C MET C 476 -59.91 -6.11 -1.21
N GLU C 477 -59.60 -4.82 -1.37
CA GLU C 477 -60.53 -3.79 -1.91
C GLU C 477 -61.04 -4.23 -3.29
N ARG C 478 -60.11 -4.62 -4.18
CA ARG C 478 -60.41 -5.05 -5.57
C ARG C 478 -61.35 -6.26 -5.55
N GLN C 479 -61.02 -7.31 -4.79
CA GLN C 479 -61.78 -8.59 -4.76
C GLN C 479 -63.00 -8.49 -3.84
N GLY C 480 -63.21 -7.34 -3.19
CA GLY C 480 -64.33 -7.09 -2.26
C GLY C 480 -64.33 -8.05 -1.08
N ILE C 481 -63.21 -8.16 -0.37
CA ILE C 481 -63.03 -9.07 0.80
C ILE C 481 -63.24 -8.25 2.08
N LYS C 482 -64.05 -8.77 3.01
CA LYS C 482 -64.37 -8.10 4.30
C LYS C 482 -63.12 -8.14 5.17
N TYR C 483 -62.57 -9.34 5.41
CA TYR C 483 -61.27 -9.52 6.10
C TYR C 483 -60.62 -10.84 5.66
N ILE C 484 -59.30 -10.91 5.80
CA ILE C 484 -58.49 -12.16 5.68
C ILE C 484 -57.92 -12.44 7.07
N ASN C 485 -57.78 -13.72 7.42
CA ASN C 485 -57.28 -14.16 8.76
C ASN C 485 -56.40 -15.37 8.54
N PRO C 486 -55.06 -15.29 8.78
CA PRO C 486 -54.20 -16.44 8.59
C PRO C 486 -54.75 -17.63 9.38
N THR C 487 -54.72 -18.83 8.80
CA THR C 487 -55.13 -20.10 9.47
C THR C 487 -54.06 -20.43 10.52
N ALA C 488 -54.42 -21.20 11.54
CA ALA C 488 -53.45 -21.78 12.50
C ALA C 488 -52.42 -22.59 11.71
N LYS C 489 -52.88 -23.31 10.67
CA LYS C 489 -52.03 -24.20 9.84
C LYS C 489 -50.91 -23.37 9.20
N ALA C 490 -51.30 -22.31 8.48
CA ALA C 490 -50.39 -21.37 7.79
C ALA C 490 -49.34 -20.86 8.76
N ALA C 491 -49.79 -20.39 9.94
CA ALA C 491 -48.95 -19.86 11.04
C ALA C 491 -47.93 -20.91 11.49
N LYS C 492 -48.37 -22.18 11.58
CA LYS C 492 -47.54 -23.31 12.09
C LYS C 492 -46.48 -23.69 11.05
N GLU C 493 -46.85 -23.73 9.77
CA GLU C 493 -45.93 -24.03 8.64
C GLU C 493 -44.86 -22.93 8.55
N TRP C 494 -45.23 -21.67 8.76
CA TRP C 494 -44.26 -20.54 8.77
C TRP C 494 -43.26 -20.75 9.88
N LYS C 495 -43.73 -21.06 11.10
CA LYS C 495 -42.88 -21.33 12.29
C LYS C 495 -41.87 -22.45 11.96
N ALA C 496 -42.35 -23.54 11.33
CA ALA C 496 -41.51 -24.67 10.88
C ALA C 496 -40.38 -24.15 9.98
N LYS C 497 -40.73 -23.35 8.96
CA LYS C 497 -39.75 -22.74 8.02
C LYS C 497 -38.76 -21.88 8.80
N ILE C 498 -39.26 -21.02 9.69
CA ILE C 498 -38.43 -20.08 10.51
C ILE C 498 -37.43 -20.92 11.32
N ASN C 499 -37.88 -22.08 11.82
CA ASN C 499 -37.06 -23.00 12.65
C ASN C 499 -36.04 -23.73 11.75
N GLU C 500 -36.45 -24.20 10.57
CA GLU C 500 -35.57 -24.94 9.62
C GLU C 500 -34.41 -24.05 9.18
N LEU C 501 -34.71 -22.83 8.75
CA LEU C 501 -33.70 -21.85 8.26
C LEU C 501 -32.70 -21.56 9.38
N SER C 502 -33.18 -21.42 10.62
CA SER C 502 -32.36 -21.11 11.81
C SER C 502 -31.52 -22.33 12.23
N ASP C 503 -32.07 -23.55 12.09
CA ASP C 503 -31.48 -24.79 12.65
C ASP C 503 -30.32 -25.27 11.75
N LYS C 504 -30.34 -24.94 10.46
CA LYS C 504 -29.21 -25.20 9.54
C LYS C 504 -28.01 -24.31 9.89
N THR C 505 -28.23 -23.18 10.59
CA THR C 505 -27.18 -22.19 10.93
C THR C 505 -26.52 -22.57 12.27
N LEU C 506 -25.47 -21.84 12.63
CA LEU C 506 -24.77 -21.97 13.95
C LEU C 506 -25.42 -21.05 14.99
N PHE C 507 -26.59 -20.47 14.67
CA PHE C 507 -27.34 -19.57 15.60
C PHE C 507 -27.71 -20.35 16.85
N PRO C 508 -27.71 -19.69 18.03
CA PRO C 508 -27.96 -20.39 19.29
C PRO C 508 -29.30 -21.13 19.27
N THR C 509 -29.34 -22.30 19.92
CA THR C 509 -30.57 -23.07 20.23
C THR C 509 -30.77 -23.07 21.75
N THR C 510 -31.79 -23.78 22.25
CA THR C 510 -32.05 -23.94 23.70
C THR C 510 -30.92 -24.76 24.33
N LYS C 511 -30.16 -25.52 23.52
CA LYS C 511 -29.03 -26.39 23.97
C LYS C 511 -27.71 -25.62 23.99
N SER C 512 -27.70 -24.33 23.62
CA SER C 512 -26.45 -23.51 23.50
C SER C 512 -25.99 -23.07 24.90
N THR C 513 -24.68 -22.99 25.09
CA THR C 513 -24.04 -22.46 26.33
C THR C 513 -24.23 -20.94 26.37
N TYR C 514 -24.19 -20.26 25.23
CA TYR C 514 -24.49 -18.81 25.11
C TYR C 514 -25.75 -18.61 24.27
N MET C 515 -26.75 -17.93 24.85
CA MET C 515 -28.05 -17.59 24.21
C MET C 515 -28.34 -16.10 24.44
N GLY C 516 -27.88 -15.25 23.52
CA GLY C 516 -27.96 -13.77 23.61
C GLY C 516 -29.37 -13.30 23.90
N GLY C 517 -29.57 -12.59 25.02
CA GLY C 517 -30.84 -11.94 25.40
C GLY C 517 -31.94 -12.94 25.73
N SER C 518 -31.60 -14.10 26.29
CA SER C 518 -32.56 -15.12 26.80
C SER C 518 -33.18 -14.61 28.11
N MET C 519 -34.49 -14.80 28.28
CA MET C 519 -35.31 -14.20 29.37
C MET C 519 -35.79 -15.28 30.33
N PRO C 520 -36.14 -14.91 31.58
CA PRO C 520 -36.64 -15.86 32.59
C PRO C 520 -37.92 -16.61 32.20
N GLY C 521 -39.04 -15.89 32.05
CA GLY C 521 -40.37 -16.49 31.82
C GLY C 521 -40.47 -17.17 30.46
N LYS C 522 -39.72 -16.67 29.46
CA LYS C 522 -39.89 -17.03 28.03
C LYS C 522 -38.85 -18.09 27.63
N VAL C 523 -39.29 -19.08 26.86
CA VAL C 523 -38.40 -20.06 26.17
C VAL C 523 -37.66 -19.33 25.04
N PHE C 524 -36.35 -19.58 24.91
CA PHE C 524 -35.48 -19.02 23.85
C PHE C 524 -35.84 -19.65 22.50
N GLU C 525 -36.06 -18.82 21.49
CA GLU C 525 -36.40 -19.26 20.12
C GLU C 525 -35.95 -18.17 19.12
N GLN C 526 -35.57 -18.59 17.90
CA GLN C 526 -35.23 -17.67 16.79
C GLN C 526 -36.47 -16.82 16.50
N VAL C 527 -36.30 -15.51 16.49
CA VAL C 527 -37.40 -14.52 16.29
C VAL C 527 -37.45 -14.11 14.81
N ASN C 528 -36.30 -14.12 14.11
CA ASN C 528 -36.13 -13.57 12.73
C ASN C 528 -36.16 -14.70 11.67
N TYR C 529 -36.68 -14.40 10.48
CA TYR C 529 -36.45 -15.15 9.22
C TYR C 529 -34.96 -15.00 8.85
N ALA C 530 -34.23 -16.13 8.72
CA ALA C 530 -32.77 -16.15 8.49
C ALA C 530 -32.41 -16.59 7.06
N GLY C 531 -33.38 -16.61 6.14
CA GLY C 531 -33.21 -17.09 4.75
C GLY C 531 -32.72 -16.02 3.76
N GLY C 532 -32.59 -14.76 4.18
CA GLY C 532 -32.12 -13.64 3.33
C GLY C 532 -33.30 -12.90 2.68
N GLU C 533 -33.10 -11.63 2.33
CA GLU C 533 -34.15 -10.72 1.77
C GLU C 533 -34.78 -11.31 0.50
N TYR C 534 -33.98 -11.94 -0.37
CA TYR C 534 -34.44 -12.47 -1.69
C TYR C 534 -35.39 -13.64 -1.45
N PRO C 535 -34.99 -14.73 -0.76
CA PRO C 535 -35.92 -15.81 -0.44
C PRO C 535 -37.16 -15.34 0.33
N TYR C 536 -37.03 -14.37 1.25
CA TYR C 536 -38.18 -13.80 2.01
C TYR C 536 -39.17 -13.19 1.00
N SER C 537 -38.68 -12.28 0.15
CA SER C 537 -39.43 -11.65 -0.97
C SER C 537 -40.23 -12.72 -1.73
N LYS C 538 -39.60 -13.85 -2.04
CA LYS C 538 -40.22 -14.94 -2.85
C LYS C 538 -41.34 -15.60 -2.05
N GLU C 539 -41.09 -15.87 -0.77
CA GLU C 539 -42.07 -16.56 0.12
C GLU C 539 -43.36 -15.72 0.12
N ILE C 540 -43.25 -14.43 0.43
CA ILE C 540 -44.43 -13.53 0.66
C ILE C 540 -45.16 -13.29 -0.67
N ARG C 541 -44.43 -13.26 -1.80
CA ARG C 541 -44.97 -12.89 -3.12
C ARG C 541 -45.76 -14.05 -3.72
N ALA C 542 -45.37 -15.29 -3.39
CA ALA C 542 -46.10 -16.53 -3.73
C ALA C 542 -47.57 -16.44 -3.25
N VAL C 543 -47.85 -15.69 -2.18
CA VAL C 543 -49.15 -15.71 -1.43
C VAL C 543 -50.18 -14.78 -2.09
N LEU C 544 -49.76 -13.79 -2.88
CA LEU C 544 -50.67 -12.87 -3.61
C LEU C 544 -50.77 -13.30 -5.08
N PRO C 545 -51.96 -13.18 -5.73
CA PRO C 545 -53.14 -12.52 -5.14
C PRO C 545 -54.20 -13.49 -4.62
N ASN C 546 -53.88 -14.78 -4.52
CA ASN C 546 -54.83 -15.86 -4.12
C ASN C 546 -55.07 -15.81 -2.61
N PHE C 547 -54.19 -15.14 -1.86
CA PHE C 547 -54.19 -15.12 -0.38
C PHE C 547 -54.09 -16.54 0.15
N ASN C 548 -53.08 -17.28 -0.32
CA ASN C 548 -52.79 -18.67 0.09
C ASN C 548 -52.38 -18.64 1.57
N GLY C 549 -53.05 -19.45 2.40
CA GLY C 549 -52.80 -19.56 3.84
C GLY C 549 -53.65 -18.60 4.65
N PHE C 550 -54.74 -18.09 4.08
CA PHE C 550 -55.68 -17.14 4.74
C PHE C 550 -57.13 -17.63 4.62
N ASP C 551 -57.83 -17.70 5.74
CA ASP C 551 -59.32 -17.63 5.77
C ASP C 551 -59.71 -16.32 5.08
N ILE C 552 -60.57 -16.38 4.07
CA ILE C 552 -61.09 -15.19 3.36
C ILE C 552 -62.59 -15.12 3.63
N VAL C 553 -63.11 -13.92 3.90
CA VAL C 553 -64.55 -13.64 4.18
C VAL C 553 -64.97 -12.44 3.34
N LYS C 554 -66.10 -12.55 2.63
CA LYS C 554 -66.68 -11.47 1.79
C LYS C 554 -68.02 -11.02 2.38
N GLY D 18 8.38 -15.62 -28.52
CA GLY D 18 7.73 -16.14 -27.29
C GLY D 18 6.45 -16.91 -27.58
N ASN D 19 5.34 -16.19 -27.80
CA ASN D 19 3.97 -16.78 -27.91
C ASN D 19 3.72 -17.30 -29.33
N TYR D 20 4.58 -16.95 -30.29
CA TYR D 20 4.48 -17.36 -31.72
C TYR D 20 5.41 -18.55 -31.98
N ALA D 21 5.69 -19.36 -30.95
CA ALA D 21 6.49 -20.60 -31.04
C ALA D 21 5.71 -21.66 -31.84
N ASP D 22 6.43 -22.59 -32.48
CA ASP D 22 5.84 -23.71 -33.25
C ASP D 22 5.43 -24.82 -32.27
N GLU D 23 6.21 -25.01 -31.22
CA GLU D 23 5.87 -25.87 -30.05
C GLU D 23 5.86 -24.98 -28.80
N LEU D 24 4.66 -24.54 -28.39
CA LEU D 24 4.45 -23.57 -27.28
C LEU D 24 3.87 -24.31 -26.07
N ASP D 25 4.58 -24.27 -24.93
CA ASP D 25 4.16 -24.96 -23.67
C ASP D 25 3.67 -23.92 -22.67
N VAL D 26 2.38 -23.97 -22.34
CA VAL D 26 1.72 -23.09 -21.33
C VAL D 26 0.81 -23.97 -20.45
N ASP D 27 0.30 -23.39 -19.36
CA ASP D 27 -0.71 -24.03 -18.48
C ASP D 27 -2.07 -23.92 -19.15
N VAL D 28 -2.32 -22.76 -19.77
CA VAL D 28 -3.65 -22.36 -20.31
C VAL D 28 -3.47 -21.73 -21.70
N LEU D 29 -4.06 -22.36 -22.71
CA LEU D 29 -4.28 -21.74 -24.05
C LEU D 29 -5.72 -21.21 -24.07
N ILE D 30 -5.89 -19.91 -24.34
CA ILE D 30 -7.21 -19.23 -24.42
C ILE D 30 -7.52 -18.95 -25.89
N VAL D 31 -8.67 -19.44 -26.38
CA VAL D 31 -9.12 -19.28 -27.79
C VAL D 31 -10.08 -18.09 -27.85
N GLY D 32 -9.66 -17.01 -28.52
CA GLY D 32 -10.48 -15.80 -28.77
C GLY D 32 -10.05 -14.66 -27.85
N ALA D 33 -9.97 -13.45 -28.42
CA ALA D 33 -9.66 -12.18 -27.70
C ALA D 33 -10.91 -11.32 -27.58
N GLY D 34 -12.09 -11.95 -27.47
CA GLY D 34 -13.36 -11.28 -27.13
C GLY D 34 -13.44 -10.94 -25.65
N PHE D 35 -14.62 -10.52 -25.19
CA PHE D 35 -14.95 -10.33 -23.75
C PHE D 35 -14.50 -11.59 -22.99
N GLY D 36 -14.99 -12.76 -23.43
CA GLY D 36 -14.65 -14.07 -22.84
C GLY D 36 -13.16 -14.22 -22.67
N GLY D 37 -12.42 -14.16 -23.78
CA GLY D 37 -10.94 -14.25 -23.80
C GLY D 37 -10.30 -13.27 -22.84
N ILE D 38 -10.47 -11.96 -23.09
CA ILE D 38 -9.81 -10.87 -22.30
C ILE D 38 -10.01 -11.18 -20.81
N TYR D 39 -11.24 -11.49 -20.39
CA TYR D 39 -11.60 -11.74 -18.97
C TYR D 39 -10.91 -13.02 -18.47
N SER D 40 -11.01 -14.10 -19.26
CA SER D 40 -10.46 -15.44 -18.91
C SER D 40 -8.96 -15.35 -18.62
N LEU D 41 -8.23 -14.47 -19.33
CA LEU D 41 -6.78 -14.21 -19.11
C LEU D 41 -6.59 -13.48 -17.78
N TYR D 42 -7.28 -12.34 -17.61
CA TYR D 42 -7.24 -11.51 -16.39
C TYR D 42 -7.25 -12.41 -15.16
N GLU D 43 -8.11 -13.42 -15.16
CA GLU D 43 -8.27 -14.42 -14.08
C GLU D 43 -7.03 -15.32 -14.01
N MET D 44 -6.61 -15.89 -15.15
CA MET D 44 -5.42 -16.79 -15.23
C MET D 44 -4.20 -16.06 -14.66
N ARG D 45 -3.99 -14.81 -15.09
CA ARG D 45 -2.91 -13.91 -14.59
C ARG D 45 -2.93 -13.89 -13.06
N LYS D 46 -4.12 -13.85 -12.44
CA LYS D 46 -4.30 -13.78 -10.96
C LYS D 46 -4.03 -15.15 -10.32
N LEU D 47 -4.20 -16.26 -11.06
CA LEU D 47 -3.88 -17.63 -10.58
C LEU D 47 -2.36 -17.86 -10.62
N GLY D 48 -1.60 -16.96 -11.26
CA GLY D 48 -0.13 -17.04 -11.40
C GLY D 48 0.30 -17.99 -12.51
N LEU D 49 -0.65 -18.51 -13.30
CA LEU D 49 -0.40 -19.52 -14.36
C LEU D 49 0.08 -18.84 -15.64
N LYS D 50 0.92 -19.53 -16.43
CA LYS D 50 1.35 -19.10 -17.78
C LYS D 50 0.18 -19.30 -18.74
N ALA D 51 -0.35 -18.20 -19.30
CA ALA D 51 -1.50 -18.18 -20.23
C ALA D 51 -1.15 -17.30 -21.43
N VAL D 52 -1.54 -17.74 -22.64
CA VAL D 52 -1.53 -16.89 -23.86
C VAL D 52 -2.81 -17.17 -24.66
N ILE D 53 -3.33 -16.14 -25.31
CA ILE D 53 -4.56 -16.17 -26.14
C ILE D 53 -4.16 -16.44 -27.60
N TYR D 54 -4.82 -17.42 -28.22
CA TYR D 54 -4.76 -17.72 -29.67
C TYR D 54 -5.95 -17.03 -30.35
N GLU D 55 -5.68 -15.94 -31.07
CA GLU D 55 -6.67 -15.04 -31.70
C GLU D 55 -6.53 -15.11 -33.23
N ALA D 56 -7.62 -15.50 -33.91
CA ALA D 56 -7.73 -15.70 -35.38
C ALA D 56 -7.33 -14.43 -36.13
N GLY D 57 -7.82 -13.27 -35.68
CA GLY D 57 -7.51 -11.94 -36.24
C GLY D 57 -6.26 -11.34 -35.62
N ASN D 58 -6.04 -10.04 -35.81
CA ASN D 58 -4.79 -9.33 -35.44
C ASN D 58 -5.06 -8.28 -34.35
N ASP D 59 -6.26 -8.23 -33.77
CA ASP D 59 -6.60 -7.31 -32.65
C ASP D 59 -7.67 -7.91 -31.73
N ILE D 60 -7.70 -7.44 -30.49
CA ILE D 60 -8.63 -7.89 -29.40
C ILE D 60 -9.98 -7.17 -29.57
N GLY D 61 -11.07 -7.77 -29.09
CA GLY D 61 -12.40 -7.14 -29.00
C GLY D 61 -13.53 -7.99 -29.57
N GLY D 62 -13.21 -9.11 -30.24
CA GLY D 62 -14.22 -10.09 -30.68
C GLY D 62 -15.05 -9.59 -31.85
N THR D 63 -16.38 -9.77 -31.77
CA THR D 63 -17.36 -9.39 -32.83
C THR D 63 -17.14 -7.95 -33.30
N TRP D 64 -16.72 -7.09 -32.37
CA TRP D 64 -16.63 -5.61 -32.55
C TRP D 64 -15.42 -5.23 -33.41
N ARG D 65 -14.57 -6.21 -33.74
CA ARG D 65 -13.55 -6.08 -34.82
C ARG D 65 -14.14 -6.69 -36.10
N TRP D 66 -14.60 -7.94 -36.03
CA TRP D 66 -14.89 -8.80 -37.22
C TRP D 66 -16.35 -8.65 -37.64
N ASN D 67 -17.30 -9.29 -36.94
CA ASN D 67 -18.75 -9.19 -37.27
C ASN D 67 -19.21 -7.74 -37.04
N CYS D 68 -19.12 -6.90 -38.08
CA CYS D 68 -19.61 -5.50 -38.08
C CYS D 68 -20.29 -5.19 -39.41
N TYR D 69 -21.27 -4.28 -39.38
CA TYR D 69 -22.13 -3.90 -40.53
C TYR D 69 -22.67 -2.49 -40.29
N PRO D 70 -23.42 -1.90 -41.25
CA PRO D 70 -23.95 -0.55 -41.09
C PRO D 70 -25.09 -0.50 -40.05
N GLY D 71 -24.99 0.44 -39.12
CA GLY D 71 -25.94 0.63 -38.01
C GLY D 71 -25.71 -0.35 -36.87
N ALA D 72 -24.58 -1.05 -36.86
CA ALA D 72 -24.22 -2.05 -35.83
C ALA D 72 -23.83 -1.31 -34.54
N GLY D 73 -24.32 -1.81 -33.41
CA GLY D 73 -24.13 -1.20 -32.08
C GLY D 73 -24.71 -2.06 -30.96
N VAL D 74 -24.34 -1.75 -29.71
CA VAL D 74 -24.79 -2.47 -28.49
C VAL D 74 -26.31 -2.29 -28.33
N ASP D 75 -26.97 -3.31 -27.77
CA ASP D 75 -28.40 -3.29 -27.35
C ASP D 75 -28.47 -3.27 -25.81
N SER D 76 -27.32 -3.07 -25.15
CA SER D 76 -27.19 -2.99 -23.67
C SER D 76 -26.77 -1.56 -23.31
N GLU D 77 -27.46 -0.95 -22.35
CA GLU D 77 -27.23 0.46 -21.93
C GLU D 77 -25.99 0.51 -21.04
N VAL D 78 -25.25 1.62 -21.09
CA VAL D 78 -24.01 1.88 -20.29
C VAL D 78 -24.40 1.93 -18.81
N PRO D 79 -23.59 1.39 -17.86
CA PRO D 79 -22.40 0.58 -18.14
C PRO D 79 -22.61 -0.94 -18.09
N GLU D 80 -23.79 -1.42 -18.49
CA GLU D 80 -24.15 -2.86 -18.49
C GLU D 80 -23.23 -3.63 -19.43
N TYR D 81 -22.75 -2.99 -20.50
CA TYR D 81 -21.98 -3.64 -21.59
C TYR D 81 -20.50 -3.20 -21.51
N GLN D 82 -19.78 -3.79 -20.57
CA GLN D 82 -18.32 -3.59 -20.35
C GLN D 82 -17.88 -4.42 -19.15
N LEU D 83 -16.57 -4.51 -18.92
CA LEU D 83 -15.95 -5.37 -17.88
C LEU D 83 -15.95 -4.63 -16.55
N SER D 84 -16.22 -5.37 -15.47
CA SER D 84 -16.32 -4.89 -14.06
C SER D 84 -14.93 -4.73 -13.45
N ILE D 85 -13.91 -5.21 -14.15
CA ILE D 85 -12.47 -5.07 -13.75
C ILE D 85 -12.22 -3.58 -13.50
N PRO D 86 -12.00 -3.15 -12.23
CA PRO D 86 -11.90 -1.74 -11.90
C PRO D 86 -10.96 -0.93 -12.81
N GLU D 87 -9.72 -1.40 -13.02
CA GLU D 87 -8.66 -0.67 -13.77
C GLU D 87 -9.10 -0.42 -15.23
N THR D 88 -9.98 -1.26 -15.79
CA THR D 88 -10.49 -1.13 -17.18
C THR D 88 -11.42 0.08 -17.31
N TRP D 89 -12.18 0.44 -16.26
CA TRP D 89 -13.19 1.54 -16.33
C TRP D 89 -12.76 2.77 -15.50
N LYS D 90 -11.69 2.68 -14.70
CA LYS D 90 -11.21 3.81 -13.84
C LYS D 90 -11.33 5.13 -14.61
N ASP D 91 -10.73 5.17 -15.80
CA ASP D 91 -10.51 6.42 -16.58
C ASP D 91 -11.34 6.42 -17.88
N TRP D 92 -12.00 5.31 -18.22
CA TRP D 92 -12.83 5.21 -19.44
C TRP D 92 -14.17 5.90 -19.23
N THR D 93 -14.62 6.68 -20.21
CA THR D 93 -16.01 7.18 -20.38
C THR D 93 -16.43 6.91 -21.83
N TRP D 94 -17.73 6.98 -22.11
CA TRP D 94 -18.30 6.81 -23.47
C TRP D 94 -18.88 8.15 -23.94
N SER D 95 -19.35 8.19 -25.18
CA SER D 95 -19.99 9.37 -25.83
C SER D 95 -21.50 9.31 -25.63
N THR D 96 -22.12 8.13 -25.79
CA THR D 96 -23.57 7.90 -25.65
C THR D 96 -23.83 6.67 -24.75
N ASN D 97 -25.09 6.48 -24.36
CA ASN D 97 -25.56 5.37 -23.47
C ASN D 97 -25.76 4.08 -24.28
N TYR D 98 -25.72 4.15 -25.61
CA TYR D 98 -25.79 2.99 -26.55
C TYR D 98 -24.71 3.14 -27.62
N PRO D 99 -23.42 2.91 -27.27
CA PRO D 99 -22.32 3.07 -28.23
C PRO D 99 -22.37 2.16 -29.46
N ASN D 100 -21.77 2.63 -30.56
CA ASN D 100 -21.63 1.92 -31.87
C ASN D 100 -20.32 1.11 -31.85
N TYR D 101 -20.11 0.27 -32.88
CA TYR D 101 -18.94 -0.62 -33.01
C TYR D 101 -17.62 0.19 -32.97
N GLU D 102 -17.67 1.46 -33.41
CA GLU D 102 -16.49 2.35 -33.44
C GLU D 102 -16.13 2.78 -32.00
N ASP D 103 -17.15 3.07 -31.18
CA ASP D 103 -16.99 3.39 -29.73
C ASP D 103 -16.33 2.19 -29.02
N LEU D 104 -16.82 0.98 -29.28
CA LEU D 104 -16.43 -0.26 -28.55
C LEU D 104 -14.98 -0.64 -28.86
N ARG D 105 -14.54 -0.43 -30.10
CA ARG D 105 -13.15 -0.67 -30.55
C ARG D 105 -12.20 0.21 -29.73
N LYS D 106 -12.52 1.50 -29.61
CA LYS D 106 -11.74 2.52 -28.85
C LYS D 106 -11.66 2.10 -27.37
N TYR D 107 -12.71 1.44 -26.85
CA TYR D 107 -12.78 0.90 -25.47
C TYR D 107 -11.80 -0.27 -25.33
N PHE D 108 -11.87 -1.25 -26.23
CA PHE D 108 -10.97 -2.44 -26.25
C PHE D 108 -9.51 -1.99 -26.41
N ASP D 109 -9.30 -0.83 -27.05
CA ASP D 109 -7.97 -0.15 -27.10
C ASP D 109 -7.56 0.20 -25.67
N HIS D 110 -8.38 0.98 -24.95
CA HIS D 110 -8.15 1.38 -23.54
C HIS D 110 -7.81 0.14 -22.69
N VAL D 111 -8.66 -0.90 -22.77
CA VAL D 111 -8.49 -2.20 -22.06
C VAL D 111 -7.03 -2.67 -22.23
N ASP D 112 -6.56 -2.73 -23.48
CA ASP D 112 -5.21 -3.24 -23.83
C ASP D 112 -4.14 -2.37 -23.17
N LYS D 113 -4.25 -1.04 -23.32
CA LYS D 113 -3.30 -0.05 -22.73
C LYS D 113 -3.13 -0.30 -21.23
N VAL D 114 -4.23 -0.56 -20.52
CA VAL D 114 -4.28 -0.69 -19.04
C VAL D 114 -3.86 -2.12 -18.63
N LEU D 115 -4.48 -3.14 -19.23
CA LEU D 115 -4.23 -4.57 -18.88
C LEU D 115 -3.01 -5.11 -19.65
N ASP D 116 -2.69 -4.51 -20.81
CA ASP D 116 -1.58 -4.96 -21.70
C ASP D 116 -1.86 -6.41 -22.11
N ILE D 117 -2.97 -6.64 -22.83
CA ILE D 117 -3.49 -8.00 -23.17
C ILE D 117 -2.69 -8.56 -24.35
N LYS D 118 -2.29 -7.69 -25.29
CA LYS D 118 -1.53 -8.05 -26.52
C LYS D 118 -0.20 -8.70 -26.16
N LYS D 119 0.36 -8.34 -25.01
CA LYS D 119 1.60 -8.92 -24.43
C LYS D 119 1.49 -10.44 -24.34
N ASP D 120 0.28 -10.99 -24.13
CA ASP D 120 0.04 -12.45 -23.97
C ASP D 120 -0.77 -12.99 -25.16
N CYS D 121 -0.89 -12.22 -26.25
CA CYS D 121 -1.71 -12.57 -27.44
C CYS D 121 -0.81 -13.10 -28.55
N ALA D 122 -1.13 -14.29 -29.08
CA ALA D 122 -0.63 -14.82 -30.36
C ALA D 122 -1.69 -14.55 -31.43
N PHE D 123 -1.54 -13.45 -32.18
CA PHE D 123 -2.48 -13.00 -33.23
C PHE D 123 -2.33 -13.90 -34.46
N ASN D 124 -3.34 -13.88 -35.34
CA ASN D 124 -3.44 -14.71 -36.58
C ASN D 124 -3.24 -16.19 -36.22
N SER D 125 -3.76 -16.63 -35.08
CA SER D 125 -3.61 -18.00 -34.53
C SER D 125 -4.96 -18.74 -34.60
N VAL D 126 -5.38 -19.08 -35.81
CA VAL D 126 -6.72 -19.71 -36.10
C VAL D 126 -6.65 -21.18 -35.68
N VAL D 127 -7.32 -21.57 -34.60
CA VAL D 127 -7.33 -22.99 -34.11
C VAL D 127 -8.16 -23.83 -35.10
N VAL D 128 -7.55 -24.90 -35.60
CA VAL D 128 -8.10 -25.79 -36.68
C VAL D 128 -8.24 -27.22 -36.16
N GLY D 129 -7.44 -27.61 -35.16
CA GLY D 129 -7.48 -28.94 -34.52
C GLY D 129 -7.07 -28.88 -33.05
N ALA D 130 -7.59 -29.78 -32.22
CA ALA D 130 -7.20 -29.91 -30.80
C ALA D 130 -7.47 -31.34 -30.31
N HIS D 131 -6.46 -31.95 -29.67
CA HIS D 131 -6.46 -33.35 -29.15
C HIS D 131 -5.89 -33.36 -27.73
N PHE D 132 -6.63 -33.91 -26.76
CA PHE D 132 -6.18 -34.08 -25.36
C PHE D 132 -5.56 -35.48 -25.21
N HIS D 133 -4.32 -35.54 -24.73
CA HIS D 133 -3.57 -36.79 -24.41
C HIS D 133 -3.76 -37.11 -22.92
N THR D 134 -4.44 -38.22 -22.64
CA THR D 134 -4.69 -38.78 -21.28
C THR D 134 -3.39 -38.81 -20.47
N VAL D 135 -2.44 -39.66 -20.89
CA VAL D 135 -1.18 -40.01 -20.17
C VAL D 135 -0.43 -38.72 -19.79
N GLU D 136 -0.16 -37.86 -20.79
CA GLU D 136 0.55 -36.56 -20.60
C GLU D 136 -0.31 -35.63 -19.73
N GLY D 137 -1.63 -35.62 -19.96
CA GLY D 137 -2.59 -34.74 -19.28
C GLY D 137 -2.54 -33.32 -19.85
N ARG D 138 -2.48 -33.19 -21.17
CA ARG D 138 -2.33 -31.88 -21.87
C ARG D 138 -3.04 -31.91 -23.23
N TRP D 139 -3.68 -30.79 -23.59
CA TRP D 139 -4.13 -30.50 -24.96
C TRP D 139 -2.92 -30.18 -25.83
N HIS D 140 -2.90 -30.69 -27.07
CA HIS D 140 -2.05 -30.23 -28.19
C HIS D 140 -2.95 -29.48 -29.18
N ILE D 141 -2.73 -28.17 -29.36
CA ILE D 141 -3.67 -27.24 -30.06
C ILE D 141 -3.00 -26.72 -31.33
N ARG D 142 -3.47 -27.18 -32.51
CA ARG D 142 -2.89 -26.86 -33.84
C ARG D 142 -3.58 -25.64 -34.44
N THR D 143 -2.80 -24.69 -34.98
CA THR D 143 -3.29 -23.52 -35.74
C THR D 143 -3.34 -23.86 -37.23
N ALA D 144 -3.98 -22.99 -38.02
CA ALA D 144 -4.09 -23.07 -39.49
C ALA D 144 -2.71 -22.85 -40.13
N ASP D 145 -1.79 -22.22 -39.42
CA ASP D 145 -0.42 -21.88 -39.92
C ASP D 145 0.61 -22.81 -39.27
N GLY D 146 0.19 -23.94 -38.68
CA GLY D 146 1.06 -25.08 -38.35
C GLY D 146 1.61 -25.04 -36.93
N ARG D 147 1.78 -23.84 -36.36
CA ARG D 147 2.13 -23.65 -34.93
C ARG D 147 1.17 -24.45 -34.06
N THR D 148 1.70 -25.15 -33.05
CA THR D 148 0.94 -26.05 -32.15
C THR D 148 1.34 -25.77 -30.70
N ALA D 149 0.36 -25.54 -29.82
CA ALA D 149 0.55 -25.25 -28.38
C ALA D 149 0.12 -26.46 -27.55
N ARG D 150 0.96 -26.87 -26.58
CA ARG D 150 0.61 -27.93 -25.59
C ARG D 150 0.30 -27.24 -24.26
N ALA D 151 -0.88 -27.52 -23.69
CA ALA D 151 -1.43 -26.83 -22.50
C ALA D 151 -2.33 -27.78 -21.69
N LYS D 152 -2.38 -27.56 -20.37
CA LYS D 152 -3.06 -28.42 -19.38
C LYS D 152 -4.55 -28.05 -19.32
N TYR D 153 -4.85 -26.76 -19.47
CA TYR D 153 -6.22 -26.20 -19.43
C TYR D 153 -6.53 -25.50 -20.75
N PHE D 154 -7.80 -25.61 -21.17
CA PHE D 154 -8.29 -25.18 -22.50
C PHE D 154 -9.57 -24.34 -22.32
N ILE D 155 -9.48 -23.04 -22.55
CA ILE D 155 -10.62 -22.09 -22.43
C ILE D 155 -10.99 -21.61 -23.83
N ILE D 156 -12.23 -21.90 -24.25
CA ILE D 156 -12.78 -21.61 -25.61
C ILE D 156 -13.79 -20.48 -25.49
N ALA D 157 -13.35 -19.25 -25.78
CA ALA D 157 -14.15 -18.01 -25.74
C ALA D 157 -14.31 -17.45 -27.17
N ALA D 158 -14.74 -18.31 -28.10
CA ALA D 158 -14.71 -18.07 -29.56
C ALA D 158 -16.00 -17.39 -30.04
N GLY D 159 -16.83 -16.91 -29.11
CA GLY D 159 -18.16 -16.36 -29.41
C GLY D 159 -19.01 -17.37 -30.15
N PHE D 160 -19.98 -16.88 -30.92
CA PHE D 160 -20.98 -17.71 -31.65
C PHE D 160 -21.12 -17.18 -33.09
N ALA D 161 -20.88 -15.88 -33.29
CA ALA D 161 -20.68 -15.21 -34.60
C ALA D 161 -19.55 -15.92 -35.35
N ALA D 162 -18.76 -16.73 -34.63
CA ALA D 162 -17.75 -17.71 -35.11
C ALA D 162 -18.13 -18.26 -36.49
N LYS D 163 -19.29 -18.92 -36.59
CA LYS D 163 -19.78 -19.57 -37.84
C LYS D 163 -20.83 -18.67 -38.49
N ARG D 164 -21.41 -19.11 -39.61
CA ARG D 164 -22.48 -18.41 -40.36
C ARG D 164 -23.65 -19.38 -40.58
N TYR D 165 -24.81 -18.87 -41.00
CA TYR D 165 -25.88 -19.66 -41.65
C TYR D 165 -26.40 -18.90 -42.87
N ILE D 166 -26.08 -19.41 -44.07
CA ILE D 166 -26.68 -19.01 -45.37
C ILE D 166 -27.43 -20.24 -45.90
N PRO D 167 -28.77 -20.19 -46.06
CA PRO D 167 -29.57 -21.34 -46.50
C PRO D 167 -29.10 -22.10 -47.76
N GLU D 168 -29.95 -23.01 -48.25
CA GLU D 168 -29.65 -24.00 -49.31
C GLU D 168 -29.73 -23.31 -50.68
N TRP D 169 -29.09 -22.14 -50.82
CA TRP D 169 -29.15 -21.26 -52.02
C TRP D 169 -27.87 -21.43 -52.83
N PRO D 170 -27.87 -22.27 -53.90
CA PRO D 170 -26.68 -22.44 -54.74
C PRO D 170 -26.31 -21.18 -55.55
N GLY D 171 -27.32 -20.47 -56.07
CA GLY D 171 -27.18 -19.39 -57.07
C GLY D 171 -26.55 -18.12 -56.51
N ILE D 172 -25.91 -18.18 -55.33
CA ILE D 172 -25.12 -17.06 -54.76
C ILE D 172 -24.00 -16.72 -55.75
N GLU D 173 -23.27 -17.74 -56.22
CA GLU D 173 -22.09 -17.62 -57.14
C GLU D 173 -22.48 -16.78 -58.36
N LYS D 174 -23.65 -17.05 -58.95
CA LYS D 174 -24.16 -16.37 -60.18
C LYS D 174 -24.30 -14.86 -59.93
N PHE D 175 -25.00 -14.49 -58.85
CA PHE D 175 -25.45 -13.10 -58.57
C PHE D 175 -24.37 -12.09 -58.98
N LYS D 176 -24.74 -11.12 -59.82
CA LYS D 176 -23.83 -10.12 -60.42
C LYS D 176 -23.37 -9.12 -59.34
N GLY D 177 -24.31 -8.51 -58.61
CA GLY D 177 -24.05 -7.44 -57.63
C GLY D 177 -23.31 -7.93 -56.39
N ILE D 178 -23.14 -7.05 -55.40
CA ILE D 178 -22.41 -7.33 -54.13
C ILE D 178 -23.35 -8.11 -53.19
N VAL D 179 -22.90 -9.27 -52.69
CA VAL D 179 -23.65 -10.10 -51.70
C VAL D 179 -22.69 -10.59 -50.61
N HIS D 180 -23.11 -10.47 -49.35
CA HIS D 180 -22.38 -10.91 -48.14
C HIS D 180 -23.35 -11.28 -47.02
N HIS D 181 -22.88 -12.03 -46.01
CA HIS D 181 -23.55 -12.22 -44.70
C HIS D 181 -23.27 -10.99 -43.85
N SER D 182 -24.22 -10.58 -43.01
CA SER D 182 -24.08 -9.51 -41.99
C SER D 182 -22.76 -9.69 -41.21
N SER D 183 -22.47 -10.92 -40.82
CA SER D 183 -21.28 -11.35 -40.03
C SER D 183 -19.99 -10.99 -40.76
N PHE D 184 -19.94 -11.22 -42.07
CA PHE D 184 -18.74 -11.04 -42.93
C PHE D 184 -19.04 -9.94 -43.97
N TRP D 185 -19.23 -8.71 -43.48
CA TRP D 185 -19.47 -7.50 -44.29
C TRP D 185 -18.13 -6.80 -44.57
N PRO D 186 -17.96 -6.07 -45.71
CA PRO D 186 -16.74 -5.32 -45.94
C PRO D 186 -16.49 -4.26 -44.87
N ASP D 187 -15.23 -4.09 -44.46
CA ASP D 187 -14.78 -2.99 -43.57
C ASP D 187 -15.07 -1.67 -44.29
N GLU D 188 -14.46 -1.47 -45.47
CA GLU D 188 -14.76 -0.35 -46.40
C GLU D 188 -16.28 -0.30 -46.61
N LYS D 189 -16.89 0.88 -46.36
CA LYS D 189 -18.36 1.10 -46.49
C LYS D 189 -18.79 0.86 -47.95
N ILE D 190 -20.06 0.49 -48.14
CA ILE D 190 -20.76 0.44 -49.45
C ILE D 190 -21.76 1.59 -49.49
N ASP D 191 -21.53 2.61 -50.33
CA ASP D 191 -22.59 3.59 -50.67
C ASP D 191 -23.68 2.83 -51.41
N VAL D 192 -24.93 2.97 -50.97
CA VAL D 192 -26.12 2.23 -51.51
C VAL D 192 -27.06 3.22 -52.19
N ARG D 193 -26.71 4.52 -52.22
CA ARG D 193 -27.53 5.58 -52.86
C ARG D 193 -27.70 5.27 -54.34
N GLY D 194 -28.96 5.23 -54.81
CA GLY D 194 -29.33 4.91 -56.20
C GLY D 194 -29.42 3.41 -56.45
N LYS D 195 -28.83 2.58 -55.58
CA LYS D 195 -28.77 1.11 -55.76
C LYS D 195 -30.05 0.47 -55.23
N ARG D 196 -30.51 -0.61 -55.88
CA ARG D 196 -31.55 -1.52 -55.34
C ARG D 196 -30.88 -2.47 -54.33
N CYS D 197 -31.38 -2.49 -53.10
CA CYS D 197 -30.81 -3.26 -51.96
C CYS D 197 -31.85 -4.19 -51.36
N ALA D 198 -31.45 -5.40 -50.99
CA ALA D 198 -32.26 -6.41 -50.28
C ALA D 198 -31.63 -6.69 -48.91
N ILE D 199 -32.45 -6.74 -47.86
CA ILE D 199 -32.09 -7.34 -46.54
C ILE D 199 -32.91 -8.61 -46.37
N ILE D 200 -32.25 -9.76 -46.24
CA ILE D 200 -32.89 -11.08 -45.97
C ILE D 200 -32.75 -11.37 -44.48
N GLY D 201 -33.89 -11.51 -43.78
CA GLY D 201 -33.94 -11.82 -42.34
C GLY D 201 -34.09 -10.56 -41.51
N THR D 202 -35.03 -10.59 -40.56
CA THR D 202 -35.49 -9.43 -39.75
C THR D 202 -35.03 -9.61 -38.30
N GLY D 203 -33.79 -10.08 -38.10
CA GLY D 203 -33.15 -10.15 -36.77
C GLY D 203 -32.63 -8.79 -36.34
N ALA D 204 -31.78 -8.76 -35.31
CA ALA D 204 -31.14 -7.54 -34.79
C ALA D 204 -30.21 -6.96 -35.87
N SER D 205 -29.59 -7.83 -36.66
CA SER D 205 -28.71 -7.46 -37.81
C SER D 205 -29.56 -6.80 -38.90
N GLY D 206 -30.58 -7.52 -39.39
CA GLY D 206 -31.54 -7.03 -40.40
C GLY D 206 -32.12 -5.69 -40.01
N VAL D 207 -32.59 -5.57 -38.76
CA VAL D 207 -33.27 -4.36 -38.22
C VAL D 207 -32.26 -3.21 -38.14
N GLN D 208 -31.03 -3.48 -37.70
CA GLN D 208 -29.97 -2.44 -37.57
C GLN D 208 -29.61 -1.92 -38.97
N VAL D 209 -29.47 -2.82 -39.94
CA VAL D 209 -29.09 -2.49 -41.34
C VAL D 209 -30.25 -1.74 -42.01
N THR D 210 -31.49 -2.16 -41.77
CA THR D 210 -32.71 -1.52 -42.32
C THR D 210 -32.72 -0.03 -41.94
N GLN D 211 -32.30 0.30 -40.71
CA GLN D 211 -32.26 1.70 -40.22
C GLN D 211 -31.11 2.45 -40.89
N ALA D 212 -30.03 1.75 -41.25
CA ALA D 212 -28.82 2.32 -41.89
C ALA D 212 -29.11 2.64 -43.37
N TRP D 213 -29.79 1.72 -44.06
CA TRP D 213 -29.98 1.69 -45.54
C TRP D 213 -31.26 2.38 -45.96
N GLY D 214 -32.30 2.37 -45.10
CA GLY D 214 -33.63 2.95 -45.36
C GLY D 214 -33.54 4.39 -45.88
N PRO D 215 -32.77 5.29 -45.23
CA PRO D 215 -32.64 6.68 -45.69
C PRO D 215 -31.63 6.90 -46.82
N GLU D 216 -30.98 5.85 -47.32
CA GLU D 216 -29.87 5.92 -48.31
C GLU D 216 -30.26 5.20 -49.61
N ALA D 217 -30.54 3.90 -49.54
CA ALA D 217 -30.77 3.00 -50.70
C ALA D 217 -31.78 3.63 -51.66
N GLY D 218 -31.53 3.52 -52.97
CA GLY D 218 -32.47 3.91 -54.04
C GLY D 218 -33.74 3.08 -53.94
N GLU D 219 -33.58 1.78 -53.70
CA GLU D 219 -34.66 0.82 -53.39
C GLU D 219 -34.19 -0.07 -52.24
N LEU D 220 -35.09 -0.41 -51.31
CA LEU D 220 -34.83 -1.38 -50.21
C LEU D 220 -36.04 -2.32 -50.09
N LYS D 221 -35.79 -3.62 -50.25
CA LYS D 221 -36.79 -4.71 -50.04
C LYS D 221 -36.32 -5.55 -48.86
N VAL D 222 -37.06 -5.54 -47.77
CA VAL D 222 -36.76 -6.34 -46.54
C VAL D 222 -37.59 -7.63 -46.60
N PHE D 223 -36.94 -8.77 -46.78
CA PHE D 223 -37.58 -10.11 -46.85
C PHE D 223 -37.76 -10.65 -45.42
N GLN D 224 -39.02 -10.73 -44.95
CA GLN D 224 -39.35 -11.11 -43.55
C GLN D 224 -40.11 -12.45 -43.55
N ARG D 225 -39.51 -13.48 -42.95
CA ARG D 225 -40.23 -14.75 -42.66
C ARG D 225 -41.12 -14.52 -41.43
N THR D 226 -40.50 -14.25 -40.28
CA THR D 226 -41.19 -14.00 -38.98
C THR D 226 -40.75 -12.65 -38.43
N PRO D 227 -41.67 -11.74 -38.07
CA PRO D 227 -41.31 -10.40 -37.61
C PRO D 227 -40.50 -10.34 -36.30
N ASN D 228 -39.56 -9.40 -36.22
CA ASN D 228 -38.87 -8.99 -34.97
C ASN D 228 -39.87 -8.23 -34.11
N LEU D 229 -39.93 -8.58 -32.81
CA LEU D 229 -40.76 -7.88 -31.81
C LEU D 229 -39.92 -6.78 -31.15
N ALA D 230 -39.44 -5.84 -31.96
CA ALA D 230 -38.42 -4.82 -31.60
C ALA D 230 -39.02 -3.78 -30.66
N VAL D 231 -38.24 -3.34 -29.67
CA VAL D 231 -38.67 -2.36 -28.63
C VAL D 231 -37.80 -1.12 -28.74
N PRO D 232 -38.29 0.04 -28.24
CA PRO D 232 -37.57 1.30 -28.36
C PRO D 232 -36.22 1.35 -27.61
N MET D 233 -35.20 1.88 -28.28
CA MET D 233 -33.90 2.30 -27.68
C MET D 233 -33.98 3.80 -27.38
N ARG D 234 -33.80 4.19 -26.12
CA ARG D 234 -33.69 5.61 -25.68
C ARG D 234 -32.21 6.00 -25.66
N LYS D 235 -31.60 6.15 -26.84
CA LYS D 235 -30.21 6.64 -26.99
C LYS D 235 -30.13 8.11 -26.55
N ARG D 236 -28.97 8.53 -26.06
CA ARG D 236 -28.68 9.94 -25.68
C ARG D 236 -27.16 10.10 -25.50
N SER D 237 -26.66 11.34 -25.62
CA SER D 237 -25.25 11.69 -25.32
C SER D 237 -24.99 11.45 -23.83
N LEU D 238 -23.72 11.43 -23.42
CA LEU D 238 -23.30 11.28 -22.00
C LEU D 238 -22.11 12.22 -21.72
N THR D 239 -22.22 13.05 -20.69
CA THR D 239 -21.14 13.95 -20.19
C THR D 239 -20.13 13.10 -19.43
N VAL D 240 -18.86 13.52 -19.43
CA VAL D 240 -17.76 12.89 -18.66
C VAL D 240 -18.11 12.96 -17.17
N GLU D 241 -18.66 14.11 -16.75
CA GLU D 241 -19.07 14.40 -15.34
C GLU D 241 -19.99 13.29 -14.83
N GLU D 242 -21.14 13.10 -15.50
CA GLU D 242 -22.25 12.23 -15.03
C GLU D 242 -21.83 10.75 -15.02
N GLN D 243 -20.74 10.40 -15.72
CA GLN D 243 -20.14 9.03 -15.72
C GLN D 243 -19.13 8.92 -14.58
N GLU D 244 -18.30 9.95 -14.37
CA GLU D 244 -17.36 10.05 -13.23
C GLU D 244 -18.17 10.09 -11.94
N GLY D 245 -19.26 10.86 -11.94
CA GLY D 245 -20.18 11.02 -10.78
C GLY D 245 -20.68 9.69 -10.25
N ALA D 246 -20.95 8.73 -11.14
CA ALA D 246 -21.64 7.44 -10.84
C ALA D 246 -20.63 6.34 -10.50
N LYS D 247 -19.33 6.57 -10.70
CA LYS D 247 -18.26 5.53 -10.63
C LYS D 247 -17.99 5.11 -9.18
N ALA D 248 -18.44 5.91 -8.20
CA ALA D 248 -18.42 5.59 -6.76
C ALA D 248 -19.11 4.25 -6.49
N PHE D 249 -20.13 3.88 -7.28
CA PHE D 249 -20.97 2.67 -7.10
C PHE D 249 -21.00 1.78 -8.35
N TYR D 250 -20.05 1.95 -9.28
CA TYR D 250 -19.91 1.03 -10.44
C TYR D 250 -19.73 -0.41 -9.93
N PRO D 251 -18.88 -0.65 -8.90
CA PRO D 251 -18.72 -2.00 -8.35
C PRO D 251 -20.04 -2.67 -7.96
N GLU D 252 -20.93 -1.93 -7.29
CA GLU D 252 -22.25 -2.44 -6.84
C GLU D 252 -23.11 -2.77 -8.06
N LEU D 253 -23.04 -1.96 -9.12
CA LEU D 253 -23.87 -2.11 -10.34
C LEU D 253 -23.47 -3.39 -11.08
N PHE D 254 -22.17 -3.70 -11.13
CA PHE D 254 -21.64 -4.94 -11.75
C PHE D 254 -22.06 -6.18 -10.94
N ARG D 255 -22.23 -6.03 -9.61
CA ARG D 255 -22.75 -7.12 -8.74
C ARG D 255 -24.25 -7.30 -8.99
N TYR D 256 -25.01 -6.20 -8.97
CA TYR D 256 -26.48 -6.18 -9.16
C TYR D 256 -26.86 -6.92 -10.45
N ARG D 257 -26.15 -6.65 -11.55
CA ARG D 257 -26.49 -7.21 -12.88
C ARG D 257 -26.40 -8.75 -12.81
N GLU D 258 -25.56 -9.30 -11.92
CA GLU D 258 -25.43 -10.77 -11.72
C GLU D 258 -26.67 -11.32 -11.00
N LYS D 259 -27.41 -10.49 -10.27
CA LYS D 259 -28.62 -10.92 -9.53
C LYS D 259 -29.87 -10.82 -10.42
N CYS D 260 -29.80 -10.07 -11.53
CA CYS D 260 -30.94 -9.82 -12.44
C CYS D 260 -31.06 -10.95 -13.49
N PHE D 261 -32.31 -11.32 -13.81
CA PHE D 261 -32.68 -12.51 -14.65
C PHE D 261 -31.87 -12.53 -15.95
N ALA D 262 -31.81 -11.41 -16.68
CA ALA D 262 -31.13 -11.27 -17.99
C ALA D 262 -29.82 -10.48 -17.84
N GLY D 263 -29.28 -10.38 -16.63
CA GLY D 263 -27.95 -9.81 -16.39
C GLY D 263 -27.84 -8.34 -16.76
N PHE D 264 -28.95 -7.60 -16.79
CA PHE D 264 -28.96 -6.11 -16.90
C PHE D 264 -29.17 -5.49 -15.50
N LEU D 265 -29.14 -4.16 -15.43
CA LEU D 265 -29.42 -3.40 -14.18
C LEU D 265 -30.94 -3.30 -13.97
N TYR D 266 -31.65 -4.41 -14.17
CA TYR D 266 -33.11 -4.54 -13.95
C TYR D 266 -33.55 -6.00 -14.19
N THR D 267 -34.64 -6.38 -13.53
CA THR D 267 -35.19 -7.75 -13.53
C THR D 267 -36.72 -7.68 -13.43
N TRP D 268 -37.37 -8.84 -13.25
CA TRP D 268 -38.85 -8.97 -13.19
C TRP D 268 -39.45 -8.04 -12.12
N CYS D 269 -40.57 -7.41 -12.46
CA CYS D 269 -41.61 -6.94 -11.51
C CYS D 269 -41.87 -8.05 -10.50
N GLU D 270 -42.28 -7.68 -9.28
CA GLU D 270 -42.62 -8.65 -8.19
C GLU D 270 -44.06 -9.15 -8.37
N ARG D 271 -44.81 -8.55 -9.31
CA ARG D 271 -46.23 -8.89 -9.57
C ARG D 271 -46.36 -9.58 -10.94
N GLY D 272 -47.33 -10.51 -11.04
CA GLY D 272 -47.84 -11.07 -12.29
C GLY D 272 -48.83 -10.12 -12.93
N VAL D 273 -49.10 -10.28 -14.23
CA VAL D 273 -49.94 -9.36 -15.04
C VAL D 273 -51.25 -9.08 -14.31
N PHE D 274 -51.94 -10.13 -13.83
CA PHE D 274 -53.32 -10.05 -13.29
C PHE D 274 -53.29 -9.83 -11.78
N GLU D 275 -52.25 -9.17 -11.26
CA GLU D 275 -52.27 -8.51 -9.93
C GLU D 275 -52.62 -7.04 -10.10
N ASP D 276 -52.67 -6.55 -11.34
CA ASP D 276 -52.91 -5.12 -11.64
C ASP D 276 -54.19 -4.97 -12.47
N SER D 277 -54.93 -3.88 -12.25
CA SER D 277 -56.12 -3.46 -13.04
C SER D 277 -55.68 -3.14 -14.47
N GLU D 278 -56.63 -3.09 -15.40
CA GLU D 278 -56.41 -2.66 -16.81
C GLU D 278 -55.65 -1.32 -16.81
N GLU D 279 -56.07 -0.38 -15.95
CA GLU D 279 -55.49 0.99 -15.85
C GLU D 279 -54.06 0.91 -15.33
N GLU D 280 -53.80 0.05 -14.34
CA GLU D 280 -52.47 -0.08 -13.68
C GLU D 280 -51.48 -0.75 -14.64
N ARG D 281 -51.97 -1.66 -15.49
CA ARG D 281 -51.18 -2.34 -16.54
C ARG D 281 -50.67 -1.29 -17.54
N GLU D 282 -51.59 -0.55 -18.18
CA GLU D 282 -51.27 0.54 -19.14
C GLU D 282 -50.19 1.44 -18.51
N GLN D 283 -50.41 1.91 -17.28
CA GLN D 283 -49.50 2.82 -16.54
C GLN D 283 -48.12 2.17 -16.41
N PHE D 284 -48.08 0.87 -16.11
CA PHE D 284 -46.84 0.09 -15.87
C PHE D 284 -46.10 -0.14 -17.20
N LEU D 285 -46.81 -0.59 -18.23
CA LEU D 285 -46.23 -0.95 -19.56
C LEU D 285 -45.76 0.32 -20.28
N GLU D 286 -46.46 1.46 -20.12
CA GLU D 286 -46.03 2.79 -20.61
C GLU D 286 -44.68 3.15 -19.98
N LYS D 287 -44.52 2.92 -18.67
CA LYS D 287 -43.30 3.22 -17.89
C LYS D 287 -42.10 2.49 -18.49
N LEU D 288 -42.19 1.17 -18.64
CA LEU D 288 -41.10 0.31 -19.18
C LEU D 288 -40.75 0.77 -20.61
N TRP D 289 -41.78 1.01 -21.42
CA TRP D 289 -41.69 1.44 -22.84
C TRP D 289 -40.93 2.77 -22.96
N SER D 290 -41.09 3.64 -21.96
CA SER D 290 -40.54 5.02 -21.93
C SER D 290 -39.11 5.02 -21.38
N ASP D 291 -38.83 4.18 -20.36
CA ASP D 291 -37.47 4.00 -19.78
C ASP D 291 -36.57 3.37 -20.85
N GLY D 292 -37.14 2.45 -21.63
CA GLY D 292 -36.50 1.83 -22.80
C GLY D 292 -35.57 0.70 -22.42
N GLY D 293 -34.70 0.28 -23.35
CA GLY D 293 -33.87 -0.92 -23.23
C GLY D 293 -34.72 -2.17 -23.29
N PHE D 294 -34.22 -3.28 -22.74
CA PHE D 294 -34.91 -4.60 -22.71
C PHE D 294 -35.86 -4.67 -21.51
N ARG D 295 -36.09 -3.55 -20.83
CA ARG D 295 -37.05 -3.47 -19.71
C ARG D 295 -38.35 -4.19 -20.10
N TYR D 296 -38.86 -3.95 -21.32
CA TYR D 296 -40.16 -4.49 -21.77
C TYR D 296 -40.09 -6.02 -21.88
N TRP D 297 -38.88 -6.57 -22.11
CA TRP D 297 -38.66 -8.02 -22.32
C TRP D 297 -38.38 -8.71 -20.98
N VAL D 298 -37.56 -8.11 -20.11
CA VAL D 298 -36.99 -8.82 -18.92
C VAL D 298 -37.09 -7.98 -17.63
N ALA D 299 -37.85 -6.87 -17.63
CA ALA D 299 -38.27 -6.15 -16.40
C ALA D 299 -39.79 -5.99 -16.38
N ASN D 300 -40.49 -6.85 -17.12
CA ASN D 300 -41.97 -6.84 -17.25
C ASN D 300 -42.56 -7.59 -16.05
N TYR D 301 -43.86 -7.89 -16.12
CA TYR D 301 -44.58 -8.81 -15.20
C TYR D 301 -43.87 -10.16 -15.24
N LYS D 302 -43.82 -10.86 -14.10
CA LYS D 302 -42.91 -12.02 -13.88
C LYS D 302 -43.46 -13.28 -14.57
N ASP D 303 -44.75 -13.31 -14.95
CA ASP D 303 -45.45 -14.54 -15.44
C ASP D 303 -45.71 -14.48 -16.95
N TYR D 304 -45.33 -13.40 -17.64
CA TYR D 304 -45.75 -13.15 -19.05
C TYR D 304 -45.05 -14.14 -20.01
N LEU D 305 -43.89 -14.69 -19.63
CA LEU D 305 -43.20 -15.75 -20.41
C LEU D 305 -43.72 -17.15 -20.05
N TYR D 306 -44.56 -17.27 -19.01
CA TYR D 306 -44.94 -18.55 -18.35
C TYR D 306 -46.45 -18.80 -18.41
N ASP D 307 -47.22 -17.85 -18.94
CA ASP D 307 -48.72 -17.89 -18.94
C ASP D 307 -49.23 -17.20 -20.21
N ALA D 308 -49.98 -17.94 -21.04
CA ALA D 308 -50.47 -17.47 -22.37
C ALA D 308 -51.32 -16.20 -22.22
N LYS D 309 -52.24 -16.18 -21.25
CA LYS D 309 -53.14 -15.03 -20.98
C LYS D 309 -52.30 -13.81 -20.61
N ALA D 310 -51.25 -14.02 -19.80
CA ALA D 310 -50.29 -12.98 -19.37
C ALA D 310 -49.48 -12.50 -20.57
N ASN D 311 -48.88 -13.43 -21.32
CA ASN D 311 -48.06 -13.15 -22.53
C ASN D 311 -48.85 -12.27 -23.50
N ARG D 312 -50.12 -12.61 -23.74
CA ARG D 312 -50.99 -11.95 -24.73
C ARG D 312 -51.15 -10.46 -24.40
N VAL D 313 -51.30 -10.12 -23.11
CA VAL D 313 -51.50 -8.72 -22.64
C VAL D 313 -50.26 -7.90 -22.98
N VAL D 314 -49.07 -8.51 -22.87
CA VAL D 314 -47.75 -7.86 -23.13
C VAL D 314 -47.58 -7.67 -24.64
N TYR D 315 -47.88 -8.72 -25.42
CA TYR D 315 -47.88 -8.65 -26.91
C TYR D 315 -48.85 -7.55 -27.37
N ASP D 316 -50.09 -7.60 -26.88
CA ASP D 316 -51.20 -6.69 -27.28
C ASP D 316 -50.76 -5.23 -27.12
N PHE D 317 -50.02 -4.90 -26.05
CA PHE D 317 -49.52 -3.54 -25.74
C PHE D 317 -48.41 -3.16 -26.72
N TRP D 318 -47.44 -4.07 -26.94
CA TRP D 318 -46.35 -3.88 -27.92
C TRP D 318 -46.93 -3.67 -29.32
N ARG D 319 -47.95 -4.47 -29.68
CA ARG D 319 -48.59 -4.45 -31.02
C ARG D 319 -49.19 -3.06 -31.28
N LYS D 320 -49.97 -2.54 -30.33
CA LYS D 320 -50.66 -1.22 -30.43
C LYS D 320 -49.62 -0.12 -30.67
N LYS D 321 -48.55 -0.10 -29.86
CA LYS D 321 -47.49 0.95 -29.87
C LYS D 321 -46.79 1.00 -31.23
N VAL D 322 -46.37 -0.16 -31.75
CA VAL D 322 -45.69 -0.32 -33.06
C VAL D 322 -46.57 0.25 -34.17
N ARG D 323 -47.87 -0.10 -34.17
CA ARG D 323 -48.82 0.19 -35.28
C ARG D 323 -49.15 1.69 -35.36
N GLU D 324 -48.94 2.45 -34.27
CA GLU D 324 -49.12 3.93 -34.24
C GLU D 324 -48.07 4.62 -35.13
N ARG D 325 -47.07 3.88 -35.59
CA ARG D 325 -45.90 4.40 -36.36
C ARG D 325 -45.90 3.88 -37.80
N ILE D 326 -46.74 2.90 -38.11
CA ILE D 326 -46.83 2.24 -39.45
C ILE D 326 -48.14 2.69 -40.13
N ASN D 327 -48.03 3.44 -41.23
CA ASN D 327 -49.16 4.02 -41.98
C ASN D 327 -49.98 2.91 -42.65
N ASP D 328 -49.30 2.02 -43.38
CA ASP D 328 -49.93 1.01 -44.27
C ASP D 328 -50.52 -0.13 -43.43
N PRO D 329 -51.86 -0.30 -43.41
CA PRO D 329 -52.51 -1.43 -42.73
C PRO D 329 -51.93 -2.80 -43.12
N LYS D 330 -51.47 -2.94 -44.36
CA LYS D 330 -50.84 -4.18 -44.88
C LYS D 330 -49.46 -4.37 -44.21
N ASP D 331 -48.69 -3.28 -44.06
CA ASP D 331 -47.41 -3.26 -43.30
C ASP D 331 -47.68 -3.54 -41.83
N GLN D 332 -48.67 -2.85 -41.25
CA GLN D 332 -49.10 -3.02 -39.84
C GLN D 332 -49.27 -4.51 -39.52
N GLU D 333 -50.02 -5.24 -40.37
CA GLU D 333 -50.36 -6.67 -40.12
C GLU D 333 -49.10 -7.53 -40.30
N LEU D 334 -48.11 -7.07 -41.08
CA LEU D 334 -46.86 -7.82 -41.34
C LEU D 334 -45.86 -7.59 -40.20
N LEU D 335 -45.63 -6.33 -39.81
CA LEU D 335 -44.58 -5.95 -38.82
C LEU D 335 -45.06 -6.24 -37.39
N ALA D 336 -46.38 -6.21 -37.15
CA ALA D 336 -47.01 -6.38 -35.81
C ALA D 336 -48.39 -7.03 -35.96
N PRO D 337 -48.46 -8.36 -36.23
CA PRO D 337 -49.73 -9.02 -36.53
C PRO D 337 -50.66 -9.14 -35.31
N SER D 338 -51.94 -8.84 -35.52
CA SER D 338 -53.03 -8.92 -34.50
C SER D 338 -53.02 -10.30 -33.83
N GLU D 339 -52.84 -11.35 -34.61
CA GLU D 339 -52.51 -12.72 -34.12
C GLU D 339 -50.99 -12.84 -34.02
N PRO D 340 -50.41 -13.13 -32.84
CA PRO D 340 -48.97 -13.34 -32.72
C PRO D 340 -48.47 -14.50 -33.57
N PRO D 341 -47.23 -14.44 -34.12
CA PRO D 341 -46.59 -15.59 -34.76
C PRO D 341 -46.04 -16.55 -33.69
N HIS D 342 -45.32 -16.01 -32.70
CA HIS D 342 -44.93 -16.71 -31.44
C HIS D 342 -45.27 -15.80 -30.26
N PRO D 343 -45.31 -16.33 -29.02
CA PRO D 343 -45.57 -15.52 -27.83
C PRO D 343 -44.46 -14.50 -27.59
N TRP D 344 -44.79 -13.28 -27.16
CA TRP D 344 -43.82 -12.15 -27.04
C TRP D 344 -42.59 -12.61 -26.24
N GLY D 345 -41.40 -12.19 -26.67
CA GLY D 345 -40.14 -12.42 -25.95
C GLY D 345 -39.72 -13.88 -25.95
N VAL D 346 -40.42 -14.76 -26.68
CA VAL D 346 -39.99 -16.17 -26.89
C VAL D 346 -38.70 -16.16 -27.73
N LYS D 347 -38.52 -15.13 -28.57
CA LYS D 347 -37.23 -14.82 -29.25
C LYS D 347 -36.70 -13.46 -28.77
N ARG D 348 -35.37 -13.35 -28.65
CA ARG D 348 -34.68 -12.09 -28.25
C ARG D 348 -35.19 -10.98 -29.16
N PRO D 349 -35.85 -9.93 -28.61
CA PRO D 349 -36.24 -8.78 -29.41
C PRO D 349 -35.01 -7.93 -29.76
N CYS D 350 -35.17 -6.96 -30.64
CA CYS D 350 -34.12 -5.99 -31.04
C CYS D 350 -34.42 -4.62 -30.44
N LEU D 351 -33.37 -3.83 -30.17
CA LEU D 351 -33.52 -2.40 -29.79
C LEU D 351 -33.52 -1.55 -31.07
N GLU D 352 -34.71 -1.25 -31.59
CA GLU D 352 -34.91 -0.35 -32.76
C GLU D 352 -34.94 1.11 -32.28
N TYR D 353 -34.48 2.03 -33.13
CA TYR D 353 -34.62 3.49 -32.92
C TYR D 353 -35.76 4.02 -33.81
N ASP D 354 -35.72 3.72 -35.11
CA ASP D 354 -36.75 4.15 -36.11
C ASP D 354 -36.96 3.06 -37.18
N TYR D 355 -36.74 1.79 -36.84
CA TYR D 355 -36.91 0.62 -37.75
C TYR D 355 -38.23 0.77 -38.51
N TYR D 356 -39.34 0.93 -37.78
CA TYR D 356 -40.73 0.89 -38.31
C TYR D 356 -40.97 2.10 -39.23
N GLU D 357 -40.46 3.29 -38.87
CA GLU D 357 -40.61 4.53 -39.66
C GLU D 357 -40.08 4.32 -41.09
N GLN D 358 -39.03 3.51 -41.27
CA GLN D 358 -38.38 3.26 -42.59
C GLN D 358 -39.42 2.73 -43.58
N PHE D 359 -40.35 1.88 -43.11
CA PHE D 359 -41.39 1.22 -43.95
C PHE D 359 -42.47 2.21 -44.36
N ASN D 360 -42.36 3.49 -43.96
CA ASN D 360 -43.26 4.57 -44.41
C ASN D 360 -42.68 5.25 -45.66
N ARG D 361 -41.37 5.11 -45.90
CA ARG D 361 -40.66 5.71 -47.07
C ARG D 361 -41.11 4.97 -48.33
N PRO D 362 -41.43 5.67 -49.44
CA PRO D 362 -41.98 5.02 -50.64
C PRO D 362 -41.00 4.04 -51.32
N ASN D 363 -39.71 4.25 -51.12
CA ASN D 363 -38.59 3.46 -51.72
C ASN D 363 -38.29 2.21 -50.89
N VAL D 364 -38.95 2.05 -49.73
CA VAL D 364 -38.74 0.89 -48.82
C VAL D 364 -40.02 0.05 -48.79
N ASP D 365 -39.92 -1.21 -49.21
CA ASP D 365 -41.05 -2.18 -49.18
C ASP D 365 -40.61 -3.43 -48.43
N LEU D 366 -41.58 -4.11 -47.80
CA LEU D 366 -41.40 -5.32 -46.95
C LEU D 366 -41.96 -6.52 -47.72
N VAL D 367 -41.12 -7.52 -48.01
CA VAL D 367 -41.53 -8.75 -48.72
C VAL D 367 -41.81 -9.86 -47.70
N ASP D 368 -43.06 -10.34 -47.66
CA ASP D 368 -43.51 -11.44 -46.76
C ASP D 368 -43.23 -12.78 -47.45
N ILE D 369 -42.16 -13.45 -47.03
CA ILE D 369 -41.70 -14.75 -47.60
C ILE D 369 -42.09 -15.89 -46.66
N LYS D 370 -43.12 -15.70 -45.83
CA LYS D 370 -43.62 -16.75 -44.89
C LYS D 370 -44.33 -17.84 -45.70
N ASP D 371 -45.25 -17.44 -46.59
CA ASP D 371 -46.06 -18.34 -47.45
C ASP D 371 -45.51 -18.30 -48.89
N ASN D 372 -44.19 -18.08 -49.05
CA ASN D 372 -43.52 -17.88 -50.37
C ASN D 372 -42.00 -17.86 -50.17
N SER D 373 -41.45 -18.93 -49.59
CA SER D 373 -40.02 -19.02 -49.19
C SER D 373 -39.12 -18.66 -50.38
N ILE D 374 -37.99 -17.99 -50.10
CA ILE D 374 -36.93 -17.71 -51.11
C ILE D 374 -36.42 -19.06 -51.64
N VAL D 375 -36.67 -19.34 -52.92
CA VAL D 375 -36.24 -20.60 -53.60
C VAL D 375 -34.73 -20.53 -53.85
N ASP D 376 -34.23 -19.45 -54.44
CA ASP D 376 -32.80 -19.29 -54.81
C ASP D 376 -32.48 -17.84 -55.19
N PHE D 377 -31.19 -17.51 -55.21
CA PHE D 377 -30.58 -16.35 -55.92
C PHE D 377 -30.54 -16.65 -57.43
N THR D 378 -30.66 -15.61 -58.26
CA THR D 378 -30.41 -15.65 -59.73
C THR D 378 -29.20 -14.77 -60.03
N GLU D 379 -29.06 -14.32 -61.28
CA GLU D 379 -27.87 -13.57 -61.77
C GLU D 379 -28.05 -12.08 -61.49
N LYS D 380 -29.30 -11.59 -61.50
CA LYS D 380 -29.64 -10.15 -61.29
C LYS D 380 -30.23 -9.93 -59.88
N GLY D 381 -30.75 -10.99 -59.24
CA GLY D 381 -31.37 -10.90 -57.90
C GLY D 381 -31.78 -12.25 -57.37
N ILE D 382 -32.98 -12.34 -56.76
CA ILE D 382 -33.47 -13.56 -56.04
C ILE D 382 -34.87 -13.95 -56.51
N LYS D 383 -35.27 -15.20 -56.24
CA LYS D 383 -36.43 -15.90 -56.85
C LYS D 383 -37.25 -16.59 -55.77
N LEU D 384 -38.58 -16.37 -55.76
CA LEU D 384 -39.52 -16.92 -54.76
C LEU D 384 -40.31 -18.09 -55.36
N GLN D 385 -40.92 -18.90 -54.49
CA GLN D 385 -41.60 -20.19 -54.82
C GLN D 385 -42.71 -19.97 -55.85
N ASP D 386 -43.38 -18.81 -55.84
CA ASP D 386 -44.50 -18.49 -56.76
C ASP D 386 -43.95 -17.87 -58.05
N GLY D 387 -42.65 -18.03 -58.32
CA GLY D 387 -41.99 -17.60 -59.57
C GLY D 387 -41.47 -16.18 -59.50
N THR D 388 -42.14 -15.31 -58.74
CA THR D 388 -41.83 -13.86 -58.58
C THR D 388 -40.31 -13.67 -58.45
N GLU D 389 -39.76 -12.72 -59.21
CA GLU D 389 -38.31 -12.42 -59.27
C GLU D 389 -38.07 -10.96 -58.89
N TYR D 390 -36.95 -10.70 -58.20
CA TYR D 390 -36.51 -9.37 -57.74
C TYR D 390 -35.07 -9.13 -58.21
N GLU D 391 -34.75 -7.89 -58.57
CA GLU D 391 -33.38 -7.49 -59.01
C GLU D 391 -32.76 -6.59 -57.95
N PHE D 392 -31.48 -6.80 -57.64
CA PHE D 392 -30.72 -6.02 -56.63
C PHE D 392 -29.27 -5.83 -57.09
N ASP D 393 -28.63 -4.80 -56.55
CA ASP D 393 -27.21 -4.44 -56.79
C ASP D 393 -26.39 -4.71 -55.51
N VAL D 394 -27.06 -4.81 -54.36
CA VAL D 394 -26.44 -5.07 -53.02
C VAL D 394 -27.42 -5.93 -52.21
N VAL D 395 -26.98 -7.07 -51.69
CA VAL D 395 -27.83 -7.97 -50.84
C VAL D 395 -27.11 -8.22 -49.52
N CYS D 396 -27.77 -7.86 -48.41
CA CYS D 396 -27.34 -8.20 -47.02
C CYS D 396 -28.10 -9.43 -46.53
N ILE D 397 -27.41 -10.56 -46.42
CA ILE D 397 -27.95 -11.82 -45.84
C ILE D 397 -27.79 -11.75 -44.32
N ALA D 398 -28.85 -11.35 -43.61
CA ALA D 398 -28.97 -11.37 -42.13
C ALA D 398 -29.85 -12.54 -41.71
N THR D 399 -29.54 -13.74 -42.22
CA THR D 399 -30.18 -15.03 -41.86
C THR D 399 -29.48 -15.59 -40.63
N GLY D 400 -28.48 -14.86 -40.13
CA GLY D 400 -27.88 -15.07 -38.81
C GLY D 400 -27.00 -16.31 -38.78
N PHE D 401 -26.86 -16.91 -37.60
CA PHE D 401 -25.89 -17.98 -37.27
C PHE D 401 -26.68 -19.22 -36.87
N ASP D 402 -26.02 -20.38 -36.78
CA ASP D 402 -26.67 -21.67 -36.46
C ASP D 402 -26.64 -21.89 -34.93
N ILE D 403 -25.84 -21.10 -34.21
CA ILE D 403 -25.68 -21.03 -32.72
C ILE D 403 -26.59 -22.02 -31.97
N THR D 404 -26.57 -23.28 -32.40
CA THR D 404 -27.04 -24.46 -31.63
C THR D 404 -25.77 -25.10 -31.06
N THR D 405 -24.71 -25.08 -31.88
CA THR D 405 -23.28 -25.16 -31.47
C THR D 405 -22.68 -23.75 -31.64
N GLY D 406 -21.69 -23.40 -30.82
CA GLY D 406 -20.91 -22.15 -31.00
C GLY D 406 -20.01 -22.27 -32.22
N GLY D 407 -18.75 -21.84 -32.11
CA GLY D 407 -17.69 -22.15 -33.08
C GLY D 407 -17.01 -23.47 -32.75
N MET D 408 -17.54 -24.20 -31.77
CA MET D 408 -16.93 -25.42 -31.17
C MET D 408 -16.85 -26.53 -32.23
N THR D 409 -17.95 -26.78 -32.93
CA THR D 409 -18.06 -27.85 -33.97
C THR D 409 -17.49 -27.34 -35.30
N SER D 410 -16.32 -26.69 -35.28
CA SER D 410 -15.70 -26.09 -36.49
C SER D 410 -14.27 -25.58 -36.23
N MET D 411 -13.60 -26.04 -35.16
CA MET D 411 -12.14 -25.79 -34.95
C MET D 411 -11.44 -27.10 -34.60
N GLY D 412 -11.97 -28.23 -35.11
CA GLY D 412 -11.33 -29.56 -35.13
C GLY D 412 -11.17 -30.17 -33.74
N LEU D 413 -12.09 -29.87 -32.82
CA LEU D 413 -12.13 -30.50 -31.48
C LEU D 413 -12.34 -32.01 -31.67
N HIS D 414 -11.58 -32.84 -30.96
CA HIS D 414 -11.74 -34.32 -30.91
C HIS D 414 -11.86 -34.75 -29.45
N SER D 415 -12.83 -35.63 -29.15
CA SER D 415 -13.00 -36.27 -27.81
C SER D 415 -11.83 -37.23 -27.59
N ILE D 416 -11.58 -37.62 -26.34
CA ILE D 416 -10.52 -38.62 -25.99
C ILE D 416 -10.88 -39.97 -26.61
N HIS D 417 -12.17 -40.22 -26.87
CA HIS D 417 -12.71 -41.50 -27.41
C HIS D 417 -12.80 -41.45 -28.94
N GLY D 418 -11.86 -40.77 -29.60
CA GLY D 418 -11.76 -40.69 -31.07
C GLY D 418 -12.78 -39.75 -31.70
N ASP D 419 -14.00 -39.73 -31.17
CA ASP D 419 -15.18 -39.00 -31.72
C ASP D 419 -14.88 -37.51 -31.82
N SER D 420 -15.08 -36.91 -33.00
CA SER D 420 -14.98 -35.45 -33.25
C SER D 420 -16.19 -34.75 -32.60
N LEU D 421 -16.01 -33.51 -32.16
CA LEU D 421 -17.09 -32.71 -31.53
C LEU D 421 -18.18 -32.44 -32.59
N LYS D 422 -17.76 -32.13 -33.82
CA LYS D 422 -18.63 -31.92 -35.00
C LYS D 422 -19.69 -33.03 -35.10
N GLU D 423 -19.25 -34.29 -35.01
CA GLU D 423 -20.11 -35.48 -35.29
C GLU D 423 -21.10 -35.67 -34.13
N GLU D 424 -20.61 -35.70 -32.89
CA GLU D 424 -21.44 -35.91 -31.68
C GLU D 424 -22.61 -34.92 -31.67
N TRP D 425 -22.32 -33.64 -31.91
CA TRP D 425 -23.25 -32.48 -31.71
C TRP D 425 -24.13 -32.23 -32.94
N LYS D 426 -24.03 -33.07 -33.98
CA LYS D 426 -24.90 -32.99 -35.19
C LYS D 426 -26.33 -33.40 -34.82
N SER D 427 -26.48 -34.29 -33.83
CA SER D 427 -27.76 -34.84 -33.33
C SER D 427 -28.32 -33.93 -32.22
N GLY D 428 -27.45 -33.37 -31.39
CA GLY D 428 -27.82 -32.42 -30.32
C GLY D 428 -26.64 -32.05 -29.44
N ALA D 429 -26.47 -30.75 -29.15
CA ALA D 429 -25.47 -30.21 -28.21
C ALA D 429 -25.81 -30.70 -26.79
N PHE D 430 -24.96 -31.55 -26.22
CA PHE D 430 -25.08 -32.10 -24.85
C PHE D 430 -23.91 -31.62 -23.99
N THR D 431 -24.14 -30.56 -23.20
CA THR D 431 -23.14 -29.97 -22.27
C THR D 431 -23.41 -30.45 -20.85
N TYR D 432 -22.46 -30.17 -19.94
CA TYR D 432 -22.67 -30.15 -18.48
C TYR D 432 -22.37 -28.73 -17.97
N LEU D 433 -23.40 -28.07 -17.42
CA LEU D 433 -23.38 -26.69 -16.87
C LEU D 433 -23.18 -25.66 -17.99
N GLY D 434 -23.27 -26.09 -19.25
CA GLY D 434 -23.08 -25.26 -20.45
C GLY D 434 -21.68 -24.68 -20.57
N MET D 435 -20.70 -25.23 -19.83
CA MET D 435 -19.30 -24.74 -19.76
C MET D 435 -18.32 -25.89 -19.92
N THR D 436 -18.78 -27.07 -20.36
CA THR D 436 -18.07 -28.36 -20.12
C THR D 436 -18.84 -29.49 -20.82
N VAL D 437 -18.15 -30.26 -21.66
CA VAL D 437 -18.76 -31.30 -22.55
C VAL D 437 -18.23 -32.67 -22.13
N SER D 438 -19.11 -33.69 -22.16
CA SER D 438 -18.80 -35.11 -21.87
C SER D 438 -17.73 -35.64 -22.85
N GLY D 439 -16.53 -35.91 -22.34
CA GLY D 439 -15.43 -36.56 -23.09
C GLY D 439 -14.31 -35.61 -23.48
N TYR D 440 -14.37 -34.34 -23.04
CA TYR D 440 -13.41 -33.26 -23.39
C TYR D 440 -12.82 -32.69 -22.10
N PRO D 441 -11.83 -33.38 -21.50
CA PRO D 441 -11.29 -33.01 -20.19
C PRO D 441 -10.51 -31.69 -20.22
N ASN D 442 -10.60 -30.91 -19.12
CA ASN D 442 -9.91 -29.60 -18.92
C ASN D 442 -10.23 -28.65 -20.08
N MET D 443 -11.41 -28.80 -20.70
CA MET D 443 -11.93 -27.92 -21.77
C MET D 443 -13.15 -27.18 -21.21
N PHE D 444 -13.09 -25.85 -21.22
CA PHE D 444 -14.09 -24.93 -20.62
C PHE D 444 -14.58 -23.96 -21.69
N HIS D 445 -15.91 -23.96 -21.91
CA HIS D 445 -16.60 -23.09 -22.89
C HIS D 445 -17.28 -21.92 -22.17
N LEU D 446 -16.94 -20.68 -22.53
CA LEU D 446 -17.65 -19.44 -22.12
C LEU D 446 -18.74 -19.11 -23.14
N TYR D 447 -19.85 -18.53 -22.68
CA TYR D 447 -20.96 -17.97 -23.50
C TYR D 447 -21.34 -19.00 -24.57
N GLY D 448 -21.73 -20.19 -24.12
CA GLY D 448 -21.95 -21.37 -25.00
C GLY D 448 -23.35 -21.95 -24.85
N PRO D 449 -23.65 -23.06 -25.56
CA PRO D 449 -24.92 -23.76 -25.40
C PRO D 449 -25.14 -24.10 -23.92
N HIS D 450 -26.38 -23.96 -23.45
CA HIS D 450 -26.85 -24.33 -22.08
C HIS D 450 -26.26 -23.40 -21.03
N GLY D 451 -25.96 -22.15 -21.40
CA GLY D 451 -25.78 -21.02 -20.47
C GLY D 451 -27.04 -20.17 -20.46
N PRO D 452 -27.13 -19.09 -19.66
CA PRO D 452 -28.14 -18.06 -19.85
C PRO D 452 -27.92 -17.43 -21.23
N THR D 453 -26.63 -17.18 -21.54
CA THR D 453 -26.00 -16.84 -22.85
C THR D 453 -26.91 -15.93 -23.70
N LEU D 454 -27.96 -16.46 -24.34
CA LEU D 454 -28.79 -15.72 -25.34
C LEU D 454 -30.05 -15.14 -24.67
N LEU D 455 -30.40 -15.67 -23.50
CA LEU D 455 -31.42 -15.08 -22.58
C LEU D 455 -30.69 -14.28 -21.49
N SER D 456 -29.76 -13.41 -21.90
CA SER D 456 -28.88 -12.63 -20.97
C SER D 456 -28.13 -11.50 -21.68
N ASN D 457 -27.39 -10.72 -20.89
CA ASN D 457 -26.45 -9.65 -21.29
C ASN D 457 -25.03 -10.24 -21.26
N GLY D 458 -24.45 -10.47 -22.44
CA GLY D 458 -23.21 -11.25 -22.65
C GLY D 458 -22.14 -10.99 -21.59
N PRO D 459 -21.66 -9.73 -21.43
CA PRO D 459 -20.58 -9.43 -20.47
C PRO D 459 -20.84 -9.84 -19.01
N THR D 460 -22.10 -10.02 -18.61
CA THR D 460 -22.51 -10.54 -17.28
C THR D 460 -22.24 -12.04 -17.23
N THR D 461 -22.76 -12.79 -18.22
CA THR D 461 -22.66 -14.26 -18.31
C THR D 461 -21.19 -14.68 -18.39
N VAL D 462 -20.39 -13.90 -19.12
CA VAL D 462 -18.92 -14.13 -19.31
C VAL D 462 -18.25 -14.11 -17.93
N GLU D 463 -18.42 -13.03 -17.18
CA GLU D 463 -17.76 -12.79 -15.86
C GLU D 463 -18.16 -13.89 -14.87
N ILE D 464 -19.43 -14.32 -14.86
CA ILE D 464 -19.95 -15.41 -13.96
C ILE D 464 -19.26 -16.72 -14.37
N GLN D 465 -19.38 -17.09 -15.65
CA GLN D 465 -18.76 -18.33 -16.22
C GLN D 465 -17.24 -18.24 -16.11
N GLY D 466 -16.67 -17.07 -16.38
CA GLY D 466 -15.23 -16.81 -16.27
C GLY D 466 -14.70 -17.17 -14.90
N ARG D 467 -15.34 -16.65 -13.85
CA ARG D 467 -14.97 -16.85 -12.42
C ARG D 467 -15.11 -18.32 -12.04
N TRP D 468 -16.15 -19.00 -12.52
CA TRP D 468 -16.38 -20.44 -12.24
C TRP D 468 -15.21 -21.26 -12.76
N ILE D 469 -14.84 -21.06 -14.03
CA ILE D 469 -13.72 -21.77 -14.70
C ILE D 469 -12.43 -21.50 -13.90
N ALA D 470 -12.09 -20.22 -13.68
CA ALA D 470 -10.90 -19.78 -12.92
C ALA D 470 -10.87 -20.47 -11.56
N ASP D 471 -12.03 -20.62 -10.91
CA ASP D 471 -12.15 -21.31 -9.60
C ASP D 471 -12.03 -22.82 -9.81
N ALA D 472 -12.58 -23.36 -10.90
CA ALA D 472 -12.48 -24.79 -11.27
C ALA D 472 -11.00 -25.15 -11.44
N ILE D 473 -10.29 -24.39 -12.26
CA ILE D 473 -8.81 -24.54 -12.54
C ILE D 473 -8.07 -24.49 -11.20
N LYS D 474 -8.28 -23.40 -10.45
CA LYS D 474 -7.65 -23.15 -9.12
C LYS D 474 -7.80 -24.40 -8.25
N GLN D 475 -9.02 -24.91 -8.10
CA GLN D 475 -9.38 -26.09 -7.27
C GLN D 475 -8.54 -27.29 -7.70
N MET D 476 -8.42 -27.52 -9.01
CA MET D 476 -7.63 -28.65 -9.59
C MET D 476 -6.14 -28.47 -9.24
N GLU D 477 -5.60 -27.26 -9.39
CA GLU D 477 -4.19 -26.93 -9.06
C GLU D 477 -3.92 -27.26 -7.58
N ARG D 478 -4.87 -26.93 -6.70
CA ARG D 478 -4.73 -27.07 -5.23
C ARG D 478 -4.91 -28.53 -4.82
N GLN D 479 -5.94 -29.22 -5.34
CA GLN D 479 -6.22 -30.65 -5.03
C GLN D 479 -5.30 -31.56 -5.85
N GLY D 480 -4.43 -30.98 -6.69
CA GLY D 480 -3.46 -31.70 -7.54
C GLY D 480 -4.14 -32.66 -8.52
N ILE D 481 -5.21 -32.21 -9.18
CA ILE D 481 -6.02 -33.04 -10.12
C ILE D 481 -5.44 -32.88 -11.53
N LYS D 482 -5.11 -34.00 -12.18
CA LYS D 482 -4.46 -34.06 -13.51
C LYS D 482 -5.45 -33.55 -14.56
N TYR D 483 -6.63 -34.17 -14.63
CA TYR D 483 -7.75 -33.71 -15.48
C TYR D 483 -9.09 -34.11 -14.84
N ILE D 484 -10.13 -33.34 -15.16
CA ILE D 484 -11.56 -33.63 -14.82
C ILE D 484 -12.31 -33.91 -16.12
N ASN D 485 -13.22 -34.87 -16.12
CA ASN D 485 -14.04 -35.20 -17.31
C ASN D 485 -15.47 -35.45 -16.84
N PRO D 486 -16.45 -34.59 -17.24
CA PRO D 486 -17.84 -34.75 -16.82
C PRO D 486 -18.41 -36.11 -17.27
N THR D 487 -18.70 -36.97 -16.29
CA THR D 487 -19.50 -38.21 -16.49
C THR D 487 -20.61 -37.91 -17.50
N ALA D 488 -20.96 -38.87 -18.34
CA ALA D 488 -22.14 -38.82 -19.24
C ALA D 488 -23.43 -38.87 -18.41
N LYS D 489 -23.35 -39.37 -17.18
CA LYS D 489 -24.50 -39.42 -16.23
C LYS D 489 -24.91 -37.99 -15.86
N ALA D 490 -23.92 -37.13 -15.55
CA ALA D 490 -24.10 -35.73 -15.10
C ALA D 490 -24.68 -34.87 -16.23
N ALA D 491 -24.23 -35.08 -17.48
CA ALA D 491 -24.60 -34.28 -18.67
C ALA D 491 -26.06 -34.55 -19.08
N LYS D 492 -26.58 -35.74 -18.75
CA LYS D 492 -27.99 -36.16 -19.04
C LYS D 492 -28.91 -35.66 -17.93
N GLU D 493 -28.40 -35.58 -16.70
CA GLU D 493 -29.12 -34.96 -15.54
C GLU D 493 -29.31 -33.46 -15.82
N TRP D 494 -28.29 -32.81 -16.41
CA TRP D 494 -28.28 -31.36 -16.74
C TRP D 494 -29.18 -31.07 -17.94
N LYS D 495 -29.34 -32.03 -18.86
CA LYS D 495 -30.23 -31.91 -20.04
C LYS D 495 -31.68 -32.01 -19.57
N ALA D 496 -32.00 -32.97 -18.70
CA ALA D 496 -33.33 -33.15 -18.06
C ALA D 496 -33.77 -31.84 -17.40
N LYS D 497 -32.82 -31.11 -16.79
CA LYS D 497 -33.06 -29.86 -16.01
C LYS D 497 -33.23 -28.66 -16.95
N ILE D 498 -32.53 -28.64 -18.09
CA ILE D 498 -32.62 -27.54 -19.10
C ILE D 498 -33.99 -27.59 -19.77
N ASN D 499 -34.43 -28.79 -20.14
CA ASN D 499 -35.70 -29.03 -20.86
C ASN D 499 -36.87 -28.82 -19.89
N GLU D 500 -36.69 -29.20 -18.63
CA GLU D 500 -37.65 -28.97 -17.51
C GLU D 500 -37.95 -27.47 -17.40
N LEU D 501 -36.92 -26.62 -17.32
CA LEU D 501 -37.05 -25.14 -17.22
C LEU D 501 -37.72 -24.60 -18.49
N SER D 502 -37.26 -25.04 -19.66
CA SER D 502 -37.83 -24.68 -20.98
C SER D 502 -39.32 -25.04 -21.02
N ASP D 503 -39.68 -26.23 -20.52
CA ASP D 503 -41.06 -26.79 -20.55
C ASP D 503 -42.00 -25.96 -19.67
N LYS D 504 -41.48 -25.14 -18.74
CA LYS D 504 -42.30 -24.23 -17.89
C LYS D 504 -42.75 -23.03 -18.72
N THR D 505 -41.83 -22.43 -19.48
CA THR D 505 -42.04 -21.18 -20.28
C THR D 505 -42.95 -21.47 -21.47
N LEU D 506 -43.20 -20.45 -22.30
CA LEU D 506 -43.93 -20.57 -23.59
C LEU D 506 -42.91 -20.71 -24.74
N PHE D 507 -41.67 -21.13 -24.45
CA PHE D 507 -40.64 -21.46 -25.48
C PHE D 507 -41.11 -22.66 -26.29
N PRO D 508 -41.68 -23.73 -25.68
CA PRO D 508 -42.19 -24.88 -26.43
C PRO D 508 -43.27 -24.53 -27.48
N THR D 509 -43.83 -23.32 -27.39
CA THR D 509 -44.77 -22.73 -28.40
C THR D 509 -43.95 -22.21 -29.59
N THR D 510 -44.21 -22.74 -30.79
CA THR D 510 -43.55 -22.39 -32.09
C THR D 510 -42.12 -22.93 -32.13
N LYS D 511 -41.49 -22.88 -33.31
CA LYS D 511 -40.14 -23.43 -33.59
C LYS D 511 -39.08 -22.55 -32.90
N SER D 512 -39.08 -21.24 -33.20
CA SER D 512 -38.24 -20.20 -32.53
C SER D 512 -36.75 -20.48 -32.75
N THR D 513 -35.90 -19.53 -32.30
CA THR D 513 -34.42 -19.59 -32.40
C THR D 513 -33.86 -20.57 -31.36
N TYR D 514 -34.55 -20.70 -30.22
CA TYR D 514 -34.03 -21.31 -28.98
C TYR D 514 -34.49 -22.77 -28.88
N MET D 515 -35.34 -23.22 -29.81
CA MET D 515 -35.89 -24.61 -29.86
C MET D 515 -35.45 -25.29 -31.16
N MET D 519 -32.42 -23.60 -38.98
CA MET D 519 -33.81 -24.10 -38.76
C MET D 519 -33.97 -25.46 -39.45
N PRO D 520 -33.91 -25.56 -40.80
CA PRO D 520 -34.21 -26.80 -41.53
C PRO D 520 -34.19 -28.14 -40.77
N GLY D 521 -33.00 -28.73 -40.58
CA GLY D 521 -32.83 -30.12 -40.08
C GLY D 521 -32.40 -30.18 -38.62
N LYS D 522 -32.67 -29.11 -37.86
CA LYS D 522 -32.35 -29.02 -36.41
C LYS D 522 -33.44 -29.75 -35.62
N VAL D 523 -33.12 -30.16 -34.38
CA VAL D 523 -34.04 -30.93 -33.49
C VAL D 523 -34.72 -29.94 -32.51
N PHE D 524 -36.01 -30.16 -32.25
CA PHE D 524 -36.91 -29.28 -31.46
C PHE D 524 -36.57 -29.40 -29.97
N GLU D 525 -35.58 -28.62 -29.50
CA GLU D 525 -35.09 -28.66 -28.09
C GLU D 525 -34.40 -27.33 -27.72
N GLN D 526 -34.43 -26.97 -26.44
CA GLN D 526 -33.84 -25.70 -25.91
C GLN D 526 -32.30 -25.84 -25.92
N VAL D 527 -31.62 -24.74 -26.31
CA VAL D 527 -30.14 -24.65 -26.41
C VAL D 527 -29.59 -24.01 -25.12
N ASN D 528 -30.33 -23.07 -24.50
CA ASN D 528 -29.87 -22.23 -23.36
C ASN D 528 -30.36 -22.79 -22.01
N TYR D 529 -29.79 -22.30 -20.92
CA TYR D 529 -30.38 -22.35 -19.55
C TYR D 529 -31.40 -21.21 -19.43
N ALA D 530 -32.68 -21.56 -19.25
CA ALA D 530 -33.83 -20.63 -19.37
C ALA D 530 -34.25 -20.06 -18.00
N GLY D 531 -33.32 -20.00 -17.04
CA GLY D 531 -33.67 -19.88 -15.61
C GLY D 531 -33.35 -18.52 -14.99
N GLY D 532 -32.43 -17.75 -15.59
CA GLY D 532 -31.95 -16.48 -15.02
C GLY D 532 -30.55 -16.60 -14.46
N GLU D 533 -29.83 -15.49 -14.42
CA GLU D 533 -28.37 -15.42 -14.12
C GLU D 533 -28.09 -15.91 -12.70
N TYR D 534 -28.98 -15.61 -11.74
CA TYR D 534 -28.80 -15.94 -10.30
C TYR D 534 -29.03 -17.44 -10.07
N PRO D 535 -30.19 -18.03 -10.48
CA PRO D 535 -30.38 -19.48 -10.37
C PRO D 535 -29.28 -20.27 -11.10
N TYR D 536 -28.80 -19.75 -12.23
CA TYR D 536 -27.66 -20.35 -12.99
C TYR D 536 -26.41 -20.29 -12.10
N SER D 537 -26.04 -19.09 -11.64
CA SER D 537 -24.95 -18.84 -10.65
C SER D 537 -24.89 -19.99 -9.64
N LYS D 538 -26.07 -20.38 -9.10
CA LYS D 538 -26.22 -21.34 -7.98
C LYS D 538 -26.02 -22.78 -8.48
N GLU D 539 -26.62 -23.13 -9.60
CA GLU D 539 -26.49 -24.48 -10.23
C GLU D 539 -25.01 -24.84 -10.37
N ILE D 540 -24.21 -23.90 -10.91
CA ILE D 540 -22.78 -24.13 -11.26
C ILE D 540 -21.92 -24.06 -9.97
N ARG D 541 -22.33 -23.27 -8.97
CA ARG D 541 -21.53 -23.08 -7.73
C ARG D 541 -21.68 -24.29 -6.81
N ALA D 542 -22.81 -25.00 -6.89
CA ALA D 542 -23.12 -26.24 -6.14
C ALA D 542 -22.01 -27.28 -6.32
N VAL D 543 -21.44 -27.39 -7.53
CA VAL D 543 -20.57 -28.54 -7.94
C VAL D 543 -19.10 -28.29 -7.54
N LEU D 544 -18.74 -27.07 -7.16
CA LEU D 544 -17.40 -26.72 -6.61
C LEU D 544 -17.49 -26.67 -5.08
N PRO D 545 -16.42 -27.04 -4.33
CA PRO D 545 -15.21 -27.63 -4.90
C PRO D 545 -15.21 -29.17 -4.97
N ASN D 546 -16.39 -29.80 -4.87
CA ASN D 546 -16.54 -31.27 -4.82
C ASN D 546 -16.56 -31.87 -6.24
N PHE D 547 -16.34 -31.06 -7.28
CA PHE D 547 -16.38 -31.46 -8.71
C PHE D 547 -17.47 -32.52 -8.92
N ASN D 548 -18.68 -32.22 -8.44
CA ASN D 548 -19.88 -33.10 -8.54
C ASN D 548 -20.22 -33.29 -10.02
N GLY D 549 -20.28 -34.55 -10.48
CA GLY D 549 -20.71 -34.91 -11.85
C GLY D 549 -19.54 -35.09 -12.81
N PHE D 550 -18.31 -34.88 -12.33
CA PHE D 550 -17.05 -35.19 -13.07
C PHE D 550 -16.43 -36.47 -12.50
N ASP D 551 -15.68 -37.19 -13.34
CA ASP D 551 -14.70 -38.23 -12.92
C ASP D 551 -13.34 -37.54 -12.76
N ILE D 552 -12.73 -37.64 -11.57
CA ILE D 552 -11.44 -36.98 -11.24
C ILE D 552 -10.30 -37.96 -11.55
N VAL D 553 -9.17 -37.44 -12.05
CA VAL D 553 -7.90 -38.21 -12.25
C VAL D 553 -6.76 -37.38 -11.68
N LYS D 554 -5.97 -37.96 -10.77
CA LYS D 554 -4.75 -37.34 -10.18
C LYS D 554 -3.52 -38.01 -10.79
#